data_3LBJ
# 
_entry.id   3LBJ 
# 
_audit_conform.dict_name       mmcif_pdbx.dic 
_audit_conform.dict_version    5.380 
_audit_conform.dict_location   http://mmcif.pdb.org/dictionaries/ascii/mmcif_pdbx.dic 
# 
loop_
_database_2.database_id 
_database_2.database_code 
_database_2.pdbx_database_accession 
_database_2.pdbx_DOI 
PDB   3LBJ         pdb_00003lbj 10.2210/pdb3lbj/pdb 
RCSB  RCSB057073   ?            ?                   
WWPDB D_1000057073 ?            ?                   
# 
loop_
_pdbx_database_related.db_name 
_pdbx_database_related.db_id 
_pdbx_database_related.details 
_pdbx_database_related.content_type 
PDB 3DAB 'The same domain of human MDMX bound to transactivation domain of p53.' unspecified 
PDB 3LBK .                                                                       unspecified 
PDB 3LBL .                                                                       unspecified 
# 
_pdbx_database_status.status_code                     REL 
_pdbx_database_status.entry_id                        3LBJ 
_pdbx_database_status.recvd_initial_deposition_date   2010-01-08 
_pdbx_database_status.deposit_site                    RCSB 
_pdbx_database_status.process_site                    PDBJ 
_pdbx_database_status.status_code_sf                  REL 
_pdbx_database_status.status_code_mr                  ? 
_pdbx_database_status.SG_entry                        ? 
_pdbx_database_status.pdb_format_compatible           Y 
_pdbx_database_status.status_code_cs                  ? 
_pdbx_database_status.methods_development_category    ? 
_pdbx_database_status.status_code_nmr_data            ? 
# 
loop_
_audit_author.name 
_audit_author.pdbx_ordinal 
'Popowicz, G.M.' 1 
'Czarna, A.'     2 
'Wolf, S.'       3 
'Holak, T.A.'    4 
# 
_citation.id                        primary 
_citation.title                     
;Structures of low molecular weight inhibitors bound to MDMX and MDM2 reveal new approaches for p53-MDMX/MDM2 antagonist drug discovery
;
_citation.journal_abbrev            'Cell Cycle' 
_citation.journal_volume            9 
_citation.page_first                1104 
_citation.page_last                 1111 
_citation.year                      2010 
_citation.journal_id_ASTM           ? 
_citation.country                   US 
_citation.journal_id_ISSN           1551-4005 
_citation.journal_id_CSD            ? 
_citation.book_publisher            ? 
_citation.pdbx_database_id_PubMed   20237429 
_citation.pdbx_database_id_DOI      10.4161/cc.9.6.10956 
# 
loop_
_citation_author.citation_id 
_citation_author.name 
_citation_author.ordinal 
_citation_author.identifier_ORCID 
primary 'Popowicz, G.M.' 1 ? 
primary 'Czarna, A.'     2 ? 
primary 'Wolf, S.'       3 ? 
primary 'Wang, K.'       4 ? 
primary 'Wang, W.'       5 ? 
primary 'Domling, A.'    6 ? 
primary 'Holak, T.A.'    7 ? 
# 
_cell.entry_id           3LBJ 
_cell.length_a           80.970 
_cell.length_b           80.970 
_cell.length_c           80.970 
_cell.angle_alpha        90.00 
_cell.angle_beta         90.00 
_cell.angle_gamma        90.00 
_cell.Z_PDB              24 
_cell.pdbx_unique_axis   ? 
_cell.length_a_esd       ? 
_cell.length_b_esd       ? 
_cell.length_c_esd       ? 
_cell.angle_alpha_esd    ? 
_cell.angle_beta_esd     ? 
_cell.angle_gamma_esd    ? 
# 
_symmetry.entry_id                         3LBJ 
_symmetry.space_group_name_H-M             'I 21 3' 
_symmetry.pdbx_full_space_group_name_H-M   ? 
_symmetry.cell_setting                     ? 
_symmetry.Int_Tables_number                199 
_symmetry.space_group_name_Hall            ? 
# 
loop_
_entity.id 
_entity.type 
_entity.src_method 
_entity.pdbx_description 
_entity.formula_weight 
_entity.pdbx_number_of_molecules 
_entity.pdbx_ec 
_entity.pdbx_mutation 
_entity.pdbx_fragment 
_entity.details 
1 polymer     man 'Protein Mdm4' 10292.096 1   ? ? 'p53 binding domain' ? 
2 non-polymer syn 
;N-[(3S)-1-({6-chloro-3-[1-(4-chlorobenzyl)-4-phenyl-1H-imidazol-5-yl]-1H-indol-2-yl}carbonyl)pyrrolidin-3-yl]-N,N',N'-trimethylpropane-1,3-diamine
;
629.622   2   ? ? ?                    ? 
3 non-polymer syn 'SULFATE ION' 96.063    1   ? ? ?                    ? 
4 water       nat water 18.015    113 ? ? ?                    ? 
# 
_entity_name_com.entity_id   1 
_entity_name_com.name        'p53-binding protein Mdm4, Mdm2-like p53-binding protein, Protein Mdmx, Double minute 4 protein' 
# 
_entity_poly.entity_id                      1 
_entity_poly.type                           'polypeptide(L)' 
_entity_poly.nstd_linkage                   no 
_entity_poly.nstd_monomer                   no 
_entity_poly.pdbx_seq_one_letter_code       
;MQINQVRPKLPLLKILHAAGAQGEMFTVKEVMHYLGQYIMVKQLYDQQEQHMVYCGGDLLGELLGRQSFSVKDPSPLYDM
LRKNLVTLAT
;
_entity_poly.pdbx_seq_one_letter_code_can   
;MQINQVRPKLPLLKILHAAGAQGEMFTVKEVMHYLGQYIMVKQLYDQQEQHMVYCGGDLLGELLGRQSFSVKDPSPLYDM
LRKNLVTLAT
;
_entity_poly.pdbx_strand_id                 E 
_entity_poly.pdbx_target_identifier         ? 
# 
loop_
_entity_poly_seq.entity_id 
_entity_poly_seq.num 
_entity_poly_seq.mon_id 
_entity_poly_seq.hetero 
1 1  MET n 
1 2  GLN n 
1 3  ILE n 
1 4  ASN n 
1 5  GLN n 
1 6  VAL n 
1 7  ARG n 
1 8  PRO n 
1 9  LYS n 
1 10 LEU n 
1 11 PRO n 
1 12 LEU n 
1 13 LEU n 
1 14 LYS n 
1 15 ILE n 
1 16 LEU n 
1 17 HIS n 
1 18 ALA n 
1 19 ALA n 
1 20 GLY n 
1 21 ALA n 
1 22 GLN n 
1 23 GLY n 
1 24 GLU n 
1 25 MET n 
1 26 PHE n 
1 27 THR n 
1 28 VAL n 
1 29 LYS n 
1 30 GLU n 
1 31 VAL n 
1 32 MET n 
1 33 HIS n 
1 34 TYR n 
1 35 LEU n 
1 36 GLY n 
1 37 GLN n 
1 38 TYR n 
1 39 ILE n 
1 40 MET n 
1 41 VAL n 
1 42 LYS n 
1 43 GLN n 
1 44 LEU n 
1 45 TYR n 
1 46 ASP n 
1 47 GLN n 
1 48 GLN n 
1 49 GLU n 
1 50 GLN n 
1 51 HIS n 
1 52 MET n 
1 53 VAL n 
1 54 TYR n 
1 55 CYS n 
1 56 GLY n 
1 57 GLY n 
1 58 ASP n 
1 59 LEU n 
1 60 LEU n 
1 61 GLY n 
1 62 GLU n 
1 63 LEU n 
1 64 LEU n 
1 65 GLY n 
1 66 ARG n 
1 67 GLN n 
1 68 SER n 
1 69 PHE n 
1 70 SER n 
1 71 VAL n 
1 72 LYS n 
1 73 ASP n 
1 74 PRO n 
1 75 SER n 
1 76 PRO n 
1 77 LEU n 
1 78 TYR n 
1 79 ASP n 
1 80 MET n 
1 81 LEU n 
1 82 ARG n 
1 83 LYS n 
1 84 ASN n 
1 85 LEU n 
1 86 VAL n 
1 87 THR n 
1 88 LEU n 
1 89 ALA n 
1 90 THR n 
# 
_entity_src_gen.entity_id                          1 
_entity_src_gen.pdbx_src_id                        1 
_entity_src_gen.pdbx_alt_source_flag               sample 
_entity_src_gen.pdbx_seq_type                      ? 
_entity_src_gen.pdbx_beg_seq_num                   ? 
_entity_src_gen.pdbx_end_seq_num                   ? 
_entity_src_gen.gene_src_common_name               human 
_entity_src_gen.gene_src_genus                     ? 
_entity_src_gen.pdbx_gene_src_gene                 'MDM4, MDMX' 
_entity_src_gen.gene_src_species                   ? 
_entity_src_gen.gene_src_strain                    ? 
_entity_src_gen.gene_src_tissue                    ? 
_entity_src_gen.gene_src_tissue_fraction           ? 
_entity_src_gen.gene_src_details                   ? 
_entity_src_gen.pdbx_gene_src_fragment             ? 
_entity_src_gen.pdbx_gene_src_scientific_name      'Homo sapiens' 
_entity_src_gen.pdbx_gene_src_ncbi_taxonomy_id     9606 
_entity_src_gen.pdbx_gene_src_variant              ? 
_entity_src_gen.pdbx_gene_src_cell_line            ? 
_entity_src_gen.pdbx_gene_src_atcc                 ? 
_entity_src_gen.pdbx_gene_src_organ                ? 
_entity_src_gen.pdbx_gene_src_organelle            ? 
_entity_src_gen.pdbx_gene_src_cell                 ? 
_entity_src_gen.pdbx_gene_src_cellular_location    ? 
_entity_src_gen.host_org_common_name               ? 
_entity_src_gen.pdbx_host_org_scientific_name      'Escherichia coli' 
_entity_src_gen.pdbx_host_org_ncbi_taxonomy_id     562 
_entity_src_gen.host_org_genus                     ? 
_entity_src_gen.pdbx_host_org_gene                 ? 
_entity_src_gen.pdbx_host_org_organ                ? 
_entity_src_gen.host_org_species                   ? 
_entity_src_gen.pdbx_host_org_tissue               ? 
_entity_src_gen.pdbx_host_org_tissue_fraction      ? 
_entity_src_gen.pdbx_host_org_strain               'BL21 DE3' 
_entity_src_gen.pdbx_host_org_variant              ? 
_entity_src_gen.pdbx_host_org_cell_line            ? 
_entity_src_gen.pdbx_host_org_atcc                 ? 
_entity_src_gen.pdbx_host_org_culture_collection   ? 
_entity_src_gen.pdbx_host_org_cell                 ? 
_entity_src_gen.pdbx_host_org_organelle            ? 
_entity_src_gen.pdbx_host_org_cellular_location    ? 
_entity_src_gen.pdbx_host_org_vector_type          plasmid 
_entity_src_gen.pdbx_host_org_vector               ? 
_entity_src_gen.host_org_details                   ? 
_entity_src_gen.expression_system_id               ? 
_entity_src_gen.plasmid_name                       pET-46Ek/Lic 
_entity_src_gen.plasmid_details                    ? 
_entity_src_gen.pdbx_description                   ? 
# 
_struct_ref.id                         1 
_struct_ref.db_name                    UNP 
_struct_ref.db_code                    MDM4_HUMAN 
_struct_ref.pdbx_db_accession          O15151 
_struct_ref.entity_id                  1 
_struct_ref.pdbx_seq_one_letter_code   
;QINQVRPKLPLLKILHAAGAQGEMFTVKEVMHYLGQYIMVKQLYDQQEQHMVYCGGDLLGELLGRQSFSVKDPSPLYDML
RKNLVTLAT
;
_struct_ref.pdbx_align_begin           23 
_struct_ref.pdbx_db_isoform            ? 
# 
_struct_ref_seq.align_id                      1 
_struct_ref_seq.ref_id                        1 
_struct_ref_seq.pdbx_PDB_id_code              3LBJ 
_struct_ref_seq.pdbx_strand_id                E 
_struct_ref_seq.seq_align_beg                 2 
_struct_ref_seq.pdbx_seq_align_beg_ins_code   ? 
_struct_ref_seq.seq_align_end                 90 
_struct_ref_seq.pdbx_seq_align_end_ins_code   ? 
_struct_ref_seq.pdbx_db_accession             O15151 
_struct_ref_seq.db_align_beg                  23 
_struct_ref_seq.pdbx_db_align_beg_ins_code    ? 
_struct_ref_seq.db_align_end                  111 
_struct_ref_seq.pdbx_db_align_end_ins_code    ? 
_struct_ref_seq.pdbx_auth_seq_align_beg       23 
_struct_ref_seq.pdbx_auth_seq_align_end       111 
# 
_struct_ref_seq_dif.align_id                     1 
_struct_ref_seq_dif.pdbx_pdb_id_code             3LBJ 
_struct_ref_seq_dif.mon_id                       MET 
_struct_ref_seq_dif.pdbx_pdb_strand_id           E 
_struct_ref_seq_dif.seq_num                      1 
_struct_ref_seq_dif.pdbx_pdb_ins_code            ? 
_struct_ref_seq_dif.pdbx_seq_db_name             UNP 
_struct_ref_seq_dif.pdbx_seq_db_accession_code   O15151 
_struct_ref_seq_dif.db_mon_id                    ? 
_struct_ref_seq_dif.pdbx_seq_db_seq_num          ? 
_struct_ref_seq_dif.details                      'expression tag' 
_struct_ref_seq_dif.pdbx_auth_seq_num            22 
_struct_ref_seq_dif.pdbx_ordinal                 1 
# 
loop_
_chem_comp.id 
_chem_comp.type 
_chem_comp.mon_nstd_flag 
_chem_comp.name 
_chem_comp.pdbx_synonyms 
_chem_comp.formula 
_chem_comp.formula_weight 
ALA 'L-peptide linking' y ALANINE ? 'C3 H7 N O2'       89.093  
ARG 'L-peptide linking' y ARGININE ? 'C6 H15 N4 O2 1'   175.209 
ASN 'L-peptide linking' y ASPARAGINE ? 'C4 H8 N2 O3'      132.118 
ASP 'L-peptide linking' y 'ASPARTIC ACID' ? 'C4 H7 N O4'       133.103 
CYS 'L-peptide linking' y CYSTEINE ? 'C3 H7 N O2 S'     121.158 
GLN 'L-peptide linking' y GLUTAMINE ? 'C5 H10 N2 O3'     146.144 
GLU 'L-peptide linking' y 'GLUTAMIC ACID' ? 'C5 H9 N O4'       147.129 
GLY 'peptide linking'   y GLYCINE ? 'C2 H5 N O2'       75.067  
HIS 'L-peptide linking' y HISTIDINE ? 'C6 H10 N3 O2 1'   156.162 
HOH non-polymer         . WATER ? 'H2 O'             18.015  
ILE 'L-peptide linking' y ISOLEUCINE ? 'C6 H13 N O2'      131.173 
LEU 'L-peptide linking' y LEUCINE ? 'C6 H13 N O2'      131.173 
LYS 'L-peptide linking' y LYSINE ? 'C6 H15 N2 O2 1'   147.195 
MET 'L-peptide linking' y METHIONINE ? 'C5 H11 N O2 S'    149.211 
PHE 'L-peptide linking' y PHENYLALANINE ? 'C9 H11 N O2'      165.189 
PRO 'L-peptide linking' y PROLINE ? 'C5 H9 N O2'       115.130 
SER 'L-peptide linking' y SERINE ? 'C3 H7 N O3'       105.093 
SO4 non-polymer         . 'SULFATE ION' ? 'O4 S -2'          96.063  
THR 'L-peptide linking' y THREONINE ? 'C4 H9 N O3'       119.119 
TYR 'L-peptide linking' y TYROSINE ? 'C9 H11 N O3'      181.189 
VAL 'L-peptide linking' y VALINE ? 'C5 H11 N O2'      117.146 
WW8 non-polymer         . 
;N-[(3S)-1-({6-chloro-3-[1-(4-chlorobenzyl)-4-phenyl-1H-imidazol-5-yl]-1H-indol-2-yl}carbonyl)pyrrolidin-3-yl]-N,N',N'-trimethylpropane-1,3-diamine
;
? 'C35 H38 Cl2 N6 O' 629.622 
# 
_exptl.entry_id          3LBJ 
_exptl.method            'X-RAY DIFFRACTION' 
_exptl.crystals_number   1 
# 
_exptl_crystal.id                    1 
_exptl_crystal.density_meas          ? 
_exptl_crystal.density_Matthews      2.15 
_exptl_crystal.density_percent_sol   42.77 
_exptl_crystal.description           ? 
_exptl_crystal.F_000                 ? 
_exptl_crystal.preparation           ? 
# 
_exptl_crystal_grow.crystal_id      1 
_exptl_crystal_grow.method          'VAPOR DIFFUSION, SITTING DROP' 
_exptl_crystal_grow.temp            300 
_exptl_crystal_grow.temp_details    ? 
_exptl_crystal_grow.pH              5.6 
_exptl_crystal_grow.pdbx_details    
'0.2M Na/K-tartrate, 0.1M Tri-sodium-citrate, 2M ammonium sulfate, pH 5.6, VAPOR DIFFUSION, SITTING DROP, temperature 300K' 
_exptl_crystal_grow.pdbx_pH_range   . 
# 
_diffrn.id                     1 
_diffrn.ambient_temp           90 
_diffrn.ambient_temp_details   ? 
_diffrn.crystal_id             1 
# 
_diffrn_detector.diffrn_id              1 
_diffrn_detector.detector               CCD 
_diffrn_detector.type                   'MAR CCD 165 mm' 
_diffrn_detector.pdbx_collection_date   2009-07-17 
_diffrn_detector.details                'monochromator, mirror' 
# 
_diffrn_radiation.diffrn_id                        1 
_diffrn_radiation.wavelength_id                    1 
_diffrn_radiation.pdbx_monochromatic_or_laue_m_l   M 
_diffrn_radiation.monochromator                    Si 
_diffrn_radiation.pdbx_diffrn_protocol             'SINGLE WAVELENGTH' 
_diffrn_radiation.pdbx_scattering_type             x-ray 
# 
_diffrn_radiation_wavelength.id           1 
_diffrn_radiation_wavelength.wavelength   1.00 
_diffrn_radiation_wavelength.wt           1.0 
# 
_diffrn_source.diffrn_id                   1 
_diffrn_source.source                      SYNCHROTRON 
_diffrn_source.type                        'SLS BEAMLINE X10SA' 
_diffrn_source.pdbx_synchrotron_site       SLS 
_diffrn_source.pdbx_synchrotron_beamline   X10SA 
_diffrn_source.pdbx_wavelength             ? 
_diffrn_source.pdbx_wavelength_list        1.00 
# 
_reflns.entry_id                     3LBJ 
_reflns.observed_criterion_sigma_I   2 
_reflns.observed_criterion_sigma_F   2 
_reflns.d_resolution_low             30 
_reflns.d_resolution_high            1.5 
_reflns.number_obs                   12097 
_reflns.number_all                   14279 
_reflns.percent_possible_obs         84.5 
_reflns.pdbx_Rmerge_I_obs            0.042 
_reflns.pdbx_Rsym_value              0.072 
_reflns.pdbx_netI_over_sigmaI        22.55 
_reflns.B_iso_Wilson_estimate        ? 
_reflns.pdbx_redundancy              11.0 
_reflns.R_free_details               ? 
_reflns.limit_h_max                  ? 
_reflns.limit_h_min                  ? 
_reflns.limit_k_max                  ? 
_reflns.limit_k_min                  ? 
_reflns.limit_l_max                  ? 
_reflns.limit_l_min                  ? 
_reflns.observed_criterion_F_max     ? 
_reflns.observed_criterion_F_min     ? 
_reflns.pdbx_chi_squared             ? 
_reflns.pdbx_scaling_rejects         ? 
_reflns.pdbx_diffrn_id               1 
_reflns.pdbx_ordinal                 1 
# 
_reflns_shell.d_res_high             1.5 
_reflns_shell.d_res_low              1.6 
_reflns_shell.percent_possible_all   62.7 
_reflns_shell.Rmerge_I_obs           0.152 
_reflns_shell.pdbx_Rsym_value        ? 
_reflns_shell.meanI_over_sigI_obs    6.39 
_reflns_shell.pdbx_redundancy        9.0 
_reflns_shell.percent_possible_obs   ? 
_reflns_shell.number_unique_all      1556 
_reflns_shell.number_measured_all    ? 
_reflns_shell.number_measured_obs    ? 
_reflns_shell.number_unique_obs      ? 
_reflns_shell.pdbx_chi_squared       ? 
_reflns_shell.pdbx_diffrn_id         ? 
_reflns_shell.pdbx_ordinal           1 
# 
_refine.entry_id                                 3LBJ 
_refine.ls_number_reflns_obs                     11482 
_refine.ls_number_reflns_all                     12097 
_refine.pdbx_ls_sigma_I                          ? 
_refine.pdbx_ls_sigma_F                          2 
_refine.pdbx_data_cutoff_high_absF               ? 
_refine.pdbx_data_cutoff_low_absF                ? 
_refine.pdbx_data_cutoff_high_rms_absF           ? 
_refine.ls_d_res_low                             20.00 
_refine.ls_d_res_high                            1.50 
_refine.ls_percent_reflns_obs                    84.55 
_refine.ls_R_factor_obs                          0.176 
_refine.ls_R_factor_all                          ? 
_refine.ls_R_factor_R_work                       0.174 
_refine.ls_R_factor_R_free                       0.206 
_refine.ls_R_factor_R_free_error                 ? 
_refine.ls_R_factor_R_free_error_details         ? 
_refine.ls_percent_reflns_R_free                 5.0 
_refine.ls_number_reflns_R_free                  609 
_refine.ls_number_parameters                     ? 
_refine.ls_number_restraints                     ? 
_refine.occupancy_min                            ? 
_refine.occupancy_max                            ? 
_refine.correlation_coeff_Fo_to_Fc               0.953 
_refine.correlation_coeff_Fo_to_Fc_free          0.943 
_refine.B_iso_mean                               13.554 
_refine.aniso_B[1][1]                            ? 
_refine.aniso_B[2][2]                            ? 
_refine.aniso_B[3][3]                            ? 
_refine.aniso_B[1][2]                            ? 
_refine.aniso_B[1][3]                            ? 
_refine.aniso_B[2][3]                            ? 
_refine.solvent_model_details                    MASK 
_refine.solvent_model_param_ksol                 ? 
_refine.solvent_model_param_bsol                 ? 
_refine.pdbx_solvent_vdw_probe_radii             1.20 
_refine.pdbx_solvent_ion_probe_radii             0.80 
_refine.pdbx_solvent_shrinkage_radii             0.80 
_refine.pdbx_ls_cross_valid_method               THROUGHOUT 
_refine.details                                  'HYDROGENS HAVE BEEN ADDED IN THE RIDING POSITIONS' 
_refine.pdbx_starting_model                      3DAB 
_refine.pdbx_method_to_determine_struct          'MOLECULAR REPLACEMENT' 
_refine.pdbx_isotropic_thermal_model             ? 
_refine.pdbx_stereochemistry_target_values       'MAXIMUM LIKELIHOOD' 
_refine.pdbx_stereochem_target_val_spec_case     ? 
_refine.pdbx_R_Free_selection_details            RANDOM 
_refine.pdbx_overall_ESU_R                       0.136 
_refine.pdbx_overall_ESU_R_Free                  0.091 
_refine.overall_SU_ML                            ? 
_refine.overall_SU_B                             ? 
_refine.ls_redundancy_reflns_obs                 ? 
_refine.B_iso_min                                ? 
_refine.B_iso_max                                ? 
_refine.overall_SU_R_Cruickshank_DPI             ? 
_refine.overall_SU_R_free                        ? 
_refine.ls_wR_factor_R_free                      ? 
_refine.ls_wR_factor_R_work                      ? 
_refine.overall_FOM_free_R_set                   ? 
_refine.overall_FOM_work_R_set                   ? 
_refine.pdbx_refine_id                           'X-RAY DIFFRACTION' 
_refine.pdbx_overall_phase_error                 ? 
_refine.pdbx_diffrn_id                           1 
_refine.pdbx_TLS_residual_ADP_flag               ? 
_refine.pdbx_overall_SU_R_free_Cruickshank_DPI   ? 
_refine.pdbx_overall_SU_R_Blow_DPI               ? 
_refine.pdbx_overall_SU_R_free_Blow_DPI          ? 
# 
_refine_hist.pdbx_refine_id                   'X-RAY DIFFRACTION' 
_refine_hist.cycle_id                         LAST 
_refine_hist.pdbx_number_atoms_protein        658 
_refine_hist.pdbx_number_atoms_nucleic_acid   0 
_refine_hist.pdbx_number_atoms_ligand         93 
_refine_hist.number_atoms_solvent             113 
_refine_hist.number_atoms_total               864 
_refine_hist.d_res_high                       1.50 
_refine_hist.d_res_low                        20.00 
# 
loop_
_refine_ls_restr.type 
_refine_ls_restr.dev_ideal 
_refine_ls_restr.dev_ideal_target 
_refine_ls_restr.weight 
_refine_ls_restr.number 
_refine_ls_restr.pdbx_refine_id 
_refine_ls_restr.pdbx_restraint_function 
r_bond_refined_d             0.013  0.022  ? 773  'X-RAY DIFFRACTION' ? 
r_bond_other_d               0.000  0.020  ? 522  'X-RAY DIFFRACTION' ? 
r_angle_refined_deg          2.455  2.131  ? 1049 'X-RAY DIFFRACTION' ? 
r_angle_other_deg            4.523  3.018  ? 1204 'X-RAY DIFFRACTION' ? 
r_dihedral_angle_1_deg       7.103  5.000  ? 82   'X-RAY DIFFRACTION' ? 
r_dihedral_angle_2_deg       46.357 25.172 ? 29   'X-RAY DIFFRACTION' ? 
r_dihedral_angle_3_deg       15.306 15.000 ? 127  'X-RAY DIFFRACTION' ? 
r_dihedral_angle_4_deg       15.548 15.000 ? 2    'X-RAY DIFFRACTION' ? 
r_chiral_restr               0.104  0.200  ? 101  'X-RAY DIFFRACTION' ? 
r_gen_planes_refined         0.008  0.021  ? 810  'X-RAY DIFFRACTION' ? 
r_gen_planes_other           0.006  0.020  ? 124  'X-RAY DIFFRACTION' ? 
r_nbd_refined                ?      ?      ? ?    'X-RAY DIFFRACTION' ? 
r_nbd_other                  ?      ?      ? ?    'X-RAY DIFFRACTION' ? 
r_nbtor_refined              ?      ?      ? ?    'X-RAY DIFFRACTION' ? 
r_nbtor_other                ?      ?      ? ?    'X-RAY DIFFRACTION' ? 
r_xyhbond_nbd_refined        ?      ?      ? ?    'X-RAY DIFFRACTION' ? 
r_xyhbond_nbd_other          ?      ?      ? ?    'X-RAY DIFFRACTION' ? 
r_metal_ion_refined          ?      ?      ? ?    'X-RAY DIFFRACTION' ? 
r_metal_ion_other            ?      ?      ? ?    'X-RAY DIFFRACTION' ? 
r_symmetry_vdw_refined       ?      ?      ? ?    'X-RAY DIFFRACTION' ? 
r_symmetry_vdw_other         ?      ?      ? ?    'X-RAY DIFFRACTION' ? 
r_symmetry_hbond_refined     ?      ?      ? ?    'X-RAY DIFFRACTION' ? 
r_symmetry_hbond_other       ?      ?      ? ?    'X-RAY DIFFRACTION' ? 
r_symmetry_metal_ion_refined ?      ?      ? ?    'X-RAY DIFFRACTION' ? 
r_symmetry_metal_ion_other   ?      ?      ? ?    'X-RAY DIFFRACTION' ? 
r_mcbond_it                  0.985  1.500  ? 411  'X-RAY DIFFRACTION' ? 
r_mcbond_other               0.608  1.500  ? 168  'X-RAY DIFFRACTION' ? 
r_mcangle_it                 1.810  2.000  ? 658  'X-RAY DIFFRACTION' ? 
r_scbond_it                  2.717  3.000  ? 362  'X-RAY DIFFRACTION' ? 
r_scangle_it                 4.089  4.500  ? 391  'X-RAY DIFFRACTION' ? 
r_rigid_bond_restr           1.616  3.000  ? 1295 'X-RAY DIFFRACTION' ? 
r_sphericity_free            3.505  3.000  ? 113  'X-RAY DIFFRACTION' ? 
r_sphericity_bonded          1.401  3.000  ? 1273 'X-RAY DIFFRACTION' ? 
# 
_refine_ls_shell.pdbx_total_number_of_bins_used   20 
_refine_ls_shell.d_res_high                       1.500 
_refine_ls_shell.d_res_low                        1.539 
_refine_ls_shell.number_reflns_R_work             568 
_refine_ls_shell.R_factor_R_work                  0.1500 
_refine_ls_shell.percent_reflns_obs               57.38 
_refine_ls_shell.R_factor_R_free                  0.1970 
_refine_ls_shell.R_factor_R_free_error            ? 
_refine_ls_shell.percent_reflns_R_free            ? 
_refine_ls_shell.number_reflns_R_free             31 
_refine_ls_shell.number_reflns_all                ? 
_refine_ls_shell.R_factor_all                     ? 
_refine_ls_shell.number_reflns_obs                ? 
_refine_ls_shell.redundancy_reflns_obs            ? 
_refine_ls_shell.pdbx_refine_id                   'X-RAY DIFFRACTION' 
# 
_struct.entry_id                  3LBJ 
_struct.title                     'Structure of human MDMX protein in complex with a small molecule inhibitor' 
_struct.pdbx_model_details        ? 
_struct.pdbx_CASP_flag            ? 
_struct.pdbx_model_type_details   ? 
# 
_struct_keywords.entry_id        3LBJ 
_struct_keywords.pdbx_keywords   'CELL CYCLE' 
_struct_keywords.text            'MDMX, MDM2, p53, inhibitor, Alternative splicing, Nucleus, Polymorphism, Zinc-finger, CELL CYCLE' 
# 
loop_
_struct_asym.id 
_struct_asym.pdbx_blank_PDB_chainid_flag 
_struct_asym.pdbx_modified 
_struct_asym.entity_id 
_struct_asym.details 
A N N 1 ? 
B N N 2 ? 
C N N 2 ? 
D N N 3 ? 
E N N 4 ? 
# 
_struct_biol.id        1 
_struct_biol.details   ? 
# 
loop_
_struct_conf.conf_type_id 
_struct_conf.id 
_struct_conf.pdbx_PDB_helix_id 
_struct_conf.beg_label_comp_id 
_struct_conf.beg_label_asym_id 
_struct_conf.beg_label_seq_id 
_struct_conf.pdbx_beg_PDB_ins_code 
_struct_conf.end_label_comp_id 
_struct_conf.end_label_asym_id 
_struct_conf.end_label_seq_id 
_struct_conf.pdbx_end_PDB_ins_code 
_struct_conf.beg_auth_comp_id 
_struct_conf.beg_auth_asym_id 
_struct_conf.beg_auth_seq_id 
_struct_conf.end_auth_comp_id 
_struct_conf.end_auth_asym_id 
_struct_conf.end_auth_seq_id 
_struct_conf.pdbx_PDB_helix_class 
_struct_conf.details 
_struct_conf.pdbx_PDB_helix_length 
HELX_P HELX_P1 1 LYS A 9  ? ALA A 19 ? LYS E 30 ALA E 40  1 ? 11 
HELX_P HELX_P2 2 THR A 27 ? LYS A 42 ? THR E 48 LYS E 63  1 ? 16 
HELX_P HELX_P3 3 ASP A 58 ? GLY A 65 ? ASP E 79 GLY E 86  1 ? 8  
HELX_P HELX_P4 4 PRO A 76 ? ASN A 84 ? PRO E 97 ASN E 105 1 ? 9  
# 
_struct_conf_type.id          HELX_P 
_struct_conf_type.criteria    ? 
_struct_conf_type.reference   ? 
# 
loop_
_struct_sheet.id 
_struct_sheet.type 
_struct_sheet.number_strands 
_struct_sheet.details 
A ? 2 ? 
B ? 3 ? 
# 
loop_
_struct_sheet_order.sheet_id 
_struct_sheet_order.range_id_1 
_struct_sheet_order.range_id_2 
_struct_sheet_order.offset 
_struct_sheet_order.sense 
A 1 2 ? anti-parallel 
B 1 2 ? anti-parallel 
B 2 3 ? anti-parallel 
# 
loop_
_struct_sheet_range.sheet_id 
_struct_sheet_range.id 
_struct_sheet_range.beg_label_comp_id 
_struct_sheet_range.beg_label_asym_id 
_struct_sheet_range.beg_label_seq_id 
_struct_sheet_range.pdbx_beg_PDB_ins_code 
_struct_sheet_range.end_label_comp_id 
_struct_sheet_range.end_label_asym_id 
_struct_sheet_range.end_label_seq_id 
_struct_sheet_range.pdbx_end_PDB_ins_code 
_struct_sheet_range.beg_auth_comp_id 
_struct_sheet_range.beg_auth_asym_id 
_struct_sheet_range.beg_auth_seq_id 
_struct_sheet_range.end_auth_comp_id 
_struct_sheet_range.end_auth_asym_id 
_struct_sheet_range.end_auth_seq_id 
A 1 ARG A 7  ? PRO A 8  ? ARG E 28  PRO E 29  
A 2 LEU A 85 ? VAL A 86 ? LEU E 106 VAL E 107 
B 1 TYR A 45 ? ASP A 46 ? TYR E 66  ASP E 67  
B 2 GLU A 49 ? TYR A 54 ? GLU E 70  TYR E 75  
B 3 SER A 68 ? SER A 70 ? SER E 89  SER E 91  
# 
loop_
_pdbx_struct_sheet_hbond.sheet_id 
_pdbx_struct_sheet_hbond.range_id_1 
_pdbx_struct_sheet_hbond.range_id_2 
_pdbx_struct_sheet_hbond.range_1_label_atom_id 
_pdbx_struct_sheet_hbond.range_1_label_comp_id 
_pdbx_struct_sheet_hbond.range_1_label_asym_id 
_pdbx_struct_sheet_hbond.range_1_label_seq_id 
_pdbx_struct_sheet_hbond.range_1_PDB_ins_code 
_pdbx_struct_sheet_hbond.range_1_auth_atom_id 
_pdbx_struct_sheet_hbond.range_1_auth_comp_id 
_pdbx_struct_sheet_hbond.range_1_auth_asym_id 
_pdbx_struct_sheet_hbond.range_1_auth_seq_id 
_pdbx_struct_sheet_hbond.range_2_label_atom_id 
_pdbx_struct_sheet_hbond.range_2_label_comp_id 
_pdbx_struct_sheet_hbond.range_2_label_asym_id 
_pdbx_struct_sheet_hbond.range_2_label_seq_id 
_pdbx_struct_sheet_hbond.range_2_PDB_ins_code 
_pdbx_struct_sheet_hbond.range_2_auth_atom_id 
_pdbx_struct_sheet_hbond.range_2_auth_comp_id 
_pdbx_struct_sheet_hbond.range_2_auth_asym_id 
_pdbx_struct_sheet_hbond.range_2_auth_seq_id 
A 1 2 N ARG A 7  ? N ARG E 28 O VAL A 86 ? O VAL E 107 
B 1 2 N ASP A 46 ? N ASP E 67 O MET A 52 ? O MET E 73  
B 2 3 N VAL A 53 ? N VAL E 74 O PHE A 69 ? O PHE E 90  
# 
loop_
_struct_site.id 
_struct_site.pdbx_evidence_code 
_struct_site.pdbx_auth_asym_id 
_struct_site.pdbx_auth_comp_id 
_struct_site.pdbx_auth_seq_id 
_struct_site.pdbx_auth_ins_code 
_struct_site.pdbx_num_residues 
_struct_site.details 
AC1 Software E WW8 1   ? 17 'BINDING SITE FOR RESIDUE WW8 E 1'   
AC2 Software E WW8 112 ? 9  'BINDING SITE FOR RESIDUE WW8 E 112' 
AC3 Software E SO4 113 ? 9  'BINDING SITE FOR RESIDUE SO4 E 113' 
# 
loop_
_struct_site_gen.id 
_struct_site_gen.site_id 
_struct_site_gen.pdbx_num_res 
_struct_site_gen.label_comp_id 
_struct_site_gen.label_asym_id 
_struct_site_gen.label_seq_id 
_struct_site_gen.pdbx_auth_ins_code 
_struct_site_gen.auth_comp_id 
_struct_site_gen.auth_asym_id 
_struct_site_gen.auth_seq_id 
_struct_site_gen.label_atom_id 
_struct_site_gen.label_alt_id 
_struct_site_gen.symmetry 
_struct_site_gen.details 
1  AC1 17 HOH E .  ? HOH E 21  . ? 1_555  ? 
2  AC1 17 MET A 32 ? MET E 53  . ? 1_555  ? 
3  AC1 17 HIS A 33 ? HIS E 54  . ? 1_555  ? 
4  AC1 17 GLY A 36 ? GLY E 57  . ? 1_555  ? 
5  AC1 17 ILE A 39 ? ILE E 60  . ? 1_555  ? 
6  AC1 17 TYR A 45 ? TYR E 66  . ? 1_555  ? 
7  AC1 17 GLN A 50 ? GLN E 71  . ? 1_555  ? 
8  AC1 17 VAL A 71 ? VAL E 92  . ? 1_555  ? 
9  AC1 17 LYS A 72 ? LYS E 93  . ? 15_555 ? 
10 AC1 17 ASP A 73 ? ASP E 94  . ? 15_555 ? 
11 AC1 17 PRO A 74 ? PRO E 95  . ? 15_555 ? 
12 AC1 17 PRO A 74 ? PRO E 95  . ? 1_555  ? 
13 AC1 17 LEU A 77 ? LEU E 98  . ? 1_555  ? 
14 AC1 17 TYR A 78 ? TYR E 99  . ? 15_555 ? 
15 AC1 17 HOH E .  ? HOH E 161 . ? 1_555  ? 
16 AC1 17 HOH E .  ? HOH E 173 . ? 1_555  ? 
17 AC1 17 HOH E .  ? HOH E 211 . ? 1_555  ? 
18 AC2 9  VAL A 6  ? VAL E 27  . ? 1_555  ? 
19 AC2 9  VAL A 28 ? VAL E 49  . ? 15_555 ? 
20 AC2 9  VAL A 28 ? VAL E 49  . ? 1_555  ? 
21 AC2 9  TYR A 78 ? TYR E 99  . ? 15_555 ? 
22 AC2 9  TYR A 78 ? TYR E 99  . ? 1_555  ? 
23 AC2 9  LEU A 81 ? LEU E 102 . ? 15_555 ? 
24 AC2 9  ARG A 82 ? ARG E 103 . ? 1_555  ? 
25 AC2 9  HOH E .  ? HOH E 125 . ? 1_555  ? 
26 AC2 9  HOH E .  ? HOH E 206 . ? 1_555  ? 
27 AC3 9  HOH E .  ? HOH E 15  . ? 1_555  ? 
28 AC3 9  HOH E .  ? HOH E 15  . ? 9_555  ? 
29 AC3 9  HOH E .  ? HOH E 15  . ? 5_555  ? 
30 AC3 9  GLN A 47 ? GLN E 68  . ? 9_555  ? 
31 AC3 9  GLN A 47 ? GLN E 68  . ? 5_555  ? 
32 AC3 9  GLN A 47 ? GLN E 68  . ? 1_555  ? 
33 AC3 9  HOH E .  ? HOH E 168 . ? 9_555  ? 
34 AC3 9  HOH E .  ? HOH E 168 . ? 5_555  ? 
35 AC3 9  HOH E .  ? HOH E 168 . ? 1_555  ? 
# 
_atom_sites.entry_id                    3LBJ 
_atom_sites.fract_transf_matrix[1][1]   0.01170601 
_atom_sites.fract_transf_matrix[1][2]   0.00372373 
_atom_sites.fract_transf_matrix[1][3]   0.00127504 
_atom_sites.fract_transf_matrix[2][1]   0.00134529 
_atom_sites.fract_transf_matrix[2][2]   -0.00754507 
_atom_sites.fract_transf_matrix[2][3]   0.00968425 
_atom_sites.fract_transf_matrix[3][1]   0.00369893 
_atom_sites.fract_transf_matrix[3][2]   -0.00904037 
_atom_sites.fract_transf_matrix[3][3]   -0.00755726 
_atom_sites.fract_transf_vector[1]      0.183113 
_atom_sites.fract_transf_vector[2]      -0.119388 
_atom_sites.fract_transf_vector[3]      0.117001 
# 
loop_
_atom_type.symbol 
C  
CL 
N  
O  
S  
# 
loop_
_atom_site.group_PDB 
_atom_site.id 
_atom_site.type_symbol 
_atom_site.label_atom_id 
_atom_site.label_alt_id 
_atom_site.label_comp_id 
_atom_site.label_asym_id 
_atom_site.label_entity_id 
_atom_site.label_seq_id 
_atom_site.pdbx_PDB_ins_code 
_atom_site.Cartn_x 
_atom_site.Cartn_y 
_atom_site.Cartn_z 
_atom_site.occupancy 
_atom_site.B_iso_or_equiv 
_atom_site.pdbx_formal_charge 
_atom_site.auth_seq_id 
_atom_site.auth_comp_id 
_atom_site.auth_asym_id 
_atom_site.auth_atom_id 
_atom_site.pdbx_PDB_model_num 
ATOM   1   N  N    . ASN A 1 4  ? -11.249 16.482  -1.219  1.00 20.21 ? 25  ASN E N    1 
ATOM   2   C  CA   . ASN A 1 4  ? -9.799  16.368  -1.558  1.00 20.92 ? 25  ASN E CA   1 
ATOM   3   C  C    . ASN A 1 4  ? -9.578  14.925  -1.980  1.00 24.53 ? 25  ASN E C    1 
ATOM   4   O  O    . ASN A 1 4  ? -9.133  14.071  -1.192  1.00 25.85 ? 25  ASN E O    1 
ATOM   5   C  CB   . ASN A 1 4  ? -8.914  16.816  -0.383  1.00 21.06 ? 25  ASN E CB   1 
ATOM   6   C  CG   . ASN A 1 4  ? -8.867  18.350  -0.226  1.00 21.94 ? 25  ASN E CG   1 
ATOM   7   O  OD1  . ASN A 1 4  ? -8.549  19.082  -1.175  1.00 27.48 ? 25  ASN E OD1  1 
ATOM   8   N  ND2  . ASN A 1 4  ? -9.143  18.828  0.983   1.00 26.30 ? 25  ASN E ND2  1 
ATOM   9   N  N    . GLN A 1 5  ? -9.969  14.666  -3.227  1.00 28.36 ? 26  GLN E N    1 
ATOM   10  C  CA   . GLN A 1 5  ? -9.895  13.334  -3.813  1.00 31.37 ? 26  GLN E CA   1 
ATOM   11  C  C    . GLN A 1 5  ? -8.670  13.331  -4.704  1.00 30.53 ? 26  GLN E C    1 
ATOM   12  O  O    . GLN A 1 5  ? -8.482  14.221  -5.529  1.00 31.12 ? 26  GLN E O    1 
ATOM   13  C  CB   . GLN A 1 5  ? -11.233 12.925  -4.364  1.00 33.10 ? 26  GLN E CB   1 
ATOM   14  C  CG   . GLN A 1 5  ? -12.056 12.312  -3.240  1.00 36.80 ? 26  GLN E CG   1 
ATOM   15  C  CD   . GLN A 1 5  ? -13.269 11.588  -3.744  1.00 38.81 ? 26  GLN E CD   1 
ATOM   16  O  OE1  . GLN A 1 5  ? -13.165 10.566  -4.422  1.00 42.98 ? 26  GLN E OE1  1 
ATOM   17  N  NE2  . GLN A 1 5  ? -14.441 12.106  -3.411  1.00 43.36 ? 26  GLN E NE2  1 
ATOM   18  N  N    . VAL A 1 6  ? -7.846  12.301  -4.572  1.00 28.50 ? 27  VAL E N    1 
ATOM   19  C  CA   . VAL A 1 6  ? -7.150  11.685  -5.658  1.00 26.01 ? 27  VAL E CA   1 
ATOM   20  C  C    . VAL A 1 6  ? -7.544  10.410  -6.357  1.00 23.92 ? 27  VAL E C    1 
ATOM   21  O  O    . VAL A 1 6  ? -8.366  9.637   -5.875  1.00 22.47 ? 27  VAL E O    1 
ATOM   22  C  CB   . VAL A 1 6  ? -5.718  11.510  -5.073  1.00 25.82 ? 27  VAL E CB   1 
ATOM   23  C  CG1  . VAL A 1 6  ? -5.232  12.844  -4.492  1.00 26.09 ? 27  VAL E CG1  1 
ATOM   24  C  CG2  . VAL A 1 6  ? -5.716  10.483  -3.961  1.00 25.04 ? 27  VAL E CG2  1 
ATOM   25  N  N    . ARG A 1 7  ? -6.919  10.237  -7.528  1.00 22.33 ? 28  ARG E N    1 
ATOM   26  C  CA   . ARG A 1 7  ? -7.094  9.051   -8.359  1.00 21.88 ? 28  ARG E CA   1 
ATOM   27  C  C    . ARG A 1 7  ? -5.824  8.230   -8.350  1.00 19.96 ? 28  ARG E C    1 
ATOM   28  O  O    . ARG A 1 7  ? -4.825  8.628   -8.936  1.00 19.25 ? 28  ARG E O    1 
ATOM   29  C  CB   . ARG A 1 7  ? -7.408  9.372   -9.833  1.00 22.94 ? 28  ARG E CB   1 
ATOM   30  C  CG   . ARG A 1 7  ? -7.756  8.061   -10.560 1.00 27.62 ? 28  ARG E CG   1 
ATOM   31  C  CD   . ARG A 1 7  ? -7.902  8.068   -12.086 1.00 34.13 ? 28  ARG E CD   1 
ATOM   32  N  NE   . ARG A 1 7  ? -7.996  9.378   -12.702 1.00 39.93 ? 28  ARG E NE   1 
ATOM   33  C  CZ   . ARG A 1 7  ? -6.996  9.964   -13.350 1.00 45.78 ? 28  ARG E CZ   1 
ATOM   34  N  NH1  . ARG A 1 7  ? -5.819  9.359   -13.437 1.00 47.08 ? 28  ARG E NH1  1 
ATOM   35  N  NH2  . ARG A 1 7  ? -7.168  11.162  -13.897 1.00 47.21 ? 28  ARG E NH2  1 
ATOM   36  N  N    . PRO A 1 8  ? -5.869  7.055   -7.716  1.00 18.39 ? 29  PRO E N    1 
ATOM   37  C  CA   . PRO A 1 8  ? -4.694  6.194   -7.774  1.00 18.05 ? 29  PRO E CA   1 
ATOM   38  C  C    . PRO A 1 8  ? -4.422  5.633   -9.163  1.00 17.98 ? 29  PRO E C    1 
ATOM   39  O  O    . PRO A 1 8  ? -5.344  5.165   -9.838  1.00 18.53 ? 29  PRO E O    1 
ATOM   40  C  CB   . PRO A 1 8  ? -5.050  5.049   -6.827  1.00 18.11 ? 29  PRO E CB   1 
ATOM   41  C  CG   . PRO A 1 8  ? -6.136  5.558   -5.979  1.00 18.33 ? 29  PRO E CG   1 
ATOM   42  C  CD   . PRO A 1 8  ? -6.905  6.522   -6.830  1.00 18.50 ? 29  PRO E CD   1 
ATOM   43  N  N    . LYS A 1 9  ? -3.164  5.640   -9.574  1.00 17.35 ? 30  LYS E N    1 
ATOM   44  C  CA   . LYS A 1 9  ? -2.790  4.990   -10.820 1.00 17.20 ? 30  LYS E CA   1 
ATOM   45  C  C    . LYS A 1 9  ? -3.066  3.505   -10.702 1.00 16.42 ? 30  LYS E C    1 
ATOM   46  O  O    . LYS A 1 9  ? -3.134  2.955   -9.603  1.00 16.08 ? 30  LYS E O    1 
ATOM   47  C  CB   . LYS A 1 9  ? -1.329  5.239   -11.148 1.00 17.42 ? 30  LYS E CB   1 
ATOM   48  C  CG   . LYS A 1 9  ? -1.044  6.688   -11.512 1.00 20.80 ? 30  LYS E CG   1 
ATOM   49  C  CD   . LYS A 1 9  ? 0.413   6.899   -11.824 1.00 24.38 ? 30  LYS E CD   1 
ATOM   50  C  CE   . LYS A 1 9  ? 0.802   8.368   -11.834 1.00 27.20 ? 30  LYS E CE   1 
ATOM   51  N  NZ   . LYS A 1 9  ? 2.264   8.478   -11.985 1.00 28.66 ? 30  LYS E NZ   1 
ATOM   52  N  N    . LEU A 1 10 ? -3.242  2.847   -11.837 1.00 15.25 ? 31  LEU E N    1 
ATOM   53  C  CA   . LEU A 1 10 ? -3.676  1.455   -11.834 1.00 15.03 ? 31  LEU E CA   1 
ATOM   54  C  C    . LEU A 1 10 ? -3.057  0.545   -10.762 1.00 14.40 ? 31  LEU E C    1 
ATOM   55  O  O    . LEU A 1 10 ? -3.804  -0.121  -10.046 1.00 13.15 ? 31  LEU E O    1 
ATOM   56  C  CB   . LEU A 1 10 ? -3.509  0.820   -13.216 1.00 15.14 ? 31  LEU E CB   1 
ATOM   57  C  CG   . LEU A 1 10 ? -3.868  -0.666  -13.255 1.00 15.22 ? 31  LEU E CG   1 
ATOM   58  C  CD1  . LEU A 1 10 ? -5.347  -0.856  -12.984 1.00 14.80 ? 31  LEU E CD1  1 
ATOM   59  C  CD2  . LEU A 1 10 ? -3.480  -1.266  -14.623 1.00 15.53 ? 31  LEU E CD2  1 
ATOM   60  N  N    . PRO A 1 11 ? -1.722  0.478   -10.668 1.00 14.08 ? 32  PRO E N    1 
ATOM   61  C  CA   . PRO A 1 11 ? -1.189  -0.511  -9.736  1.00 14.03 ? 32  PRO E CA   1 
ATOM   62  C  C    . PRO A 1 11 ? -1.627  -0.236  -8.311  1.00 13.74 ? 32  PRO E C    1 
ATOM   63  O  O    . PRO A 1 11 ? -1.997  -1.164  -7.603  1.00 13.19 ? 32  PRO E O    1 
ATOM   64  C  CB   . PRO A 1 11 ? 0.317   -0.386  -9.901  1.00 13.85 ? 32  PRO E CB   1 
ATOM   65  C  CG   . PRO A 1 11 ? 0.503   0.972   -10.396 1.00 14.70 ? 32  PRO E CG   1 
ATOM   66  C  CD   . PRO A 1 11 ? -0.649  1.276   -11.278 1.00 14.38 ? 32  PRO E CD   1 
ATOM   67  N  N    . LEU A 1 12 ? -1.643  1.021   -7.883  1.00 13.24 ? 33  LEU E N    1 
ATOM   68  C  CA   . LEU A 1 12 ? -2.166  1.300   -6.560  1.00 12.53 ? 33  LEU E CA   1 
ATOM   69  C  C    . LEU A 1 12 ? -3.677  1.078   -6.461  1.00 12.76 ? 33  LEU E C    1 
ATOM   70  O  O    . LEU A 1 12 ? -4.192  0.638   -5.431  1.00 13.09 ? 33  LEU E O    1 
ATOM   71  C  CB   . LEU A 1 12 ? -1.761  2.707   -6.090  1.00 12.43 ? 33  LEU E CB   1 
ATOM   72  C  CG   . LEU A 1 12 ? -2.173  3.097   -4.660  1.00 13.20 ? 33  LEU E CG   1 
ATOM   73  C  CD1  . LEU A 1 12 ? -1.699  2.134   -3.580  1.00 14.68 ? 33  LEU E CD1  1 
ATOM   74  C  CD2  . LEU A 1 12 ? -1.643  4.498   -4.349  1.00 14.26 ? 33  LEU E CD2  1 
ATOM   75  N  N    . LEU A 1 13 ? -4.403  1.383   -7.530  1.00 13.20 ? 34  LEU E N    1 
ATOM   76  C  CA   . LEU A 1 13 ? -5.827  1.165   -7.541  1.00 13.60 ? 34  LEU E CA   1 
ATOM   77  C  C    . LEU A 1 13 ? -6.149  -0.338  -7.377  1.00 13.41 ? 34  LEU E C    1 
ATOM   78  O  O    . LEU A 1 13 ? -7.030  -0.709  -6.611  1.00 13.00 ? 34  LEU E O    1 
ATOM   79  C  CB   . LEU A 1 13 ? -6.397  1.707   -8.848  1.00 14.19 ? 34  LEU E CB   1 
ATOM   80  C  CG   . LEU A 1 13 ? -7.912  1.695   -8.968  1.00 16.95 ? 34  LEU E CG   1 
ATOM   81  C  CD1  . LEU A 1 13 ? -8.558  2.526   -7.858  1.00 17.83 ? 34  LEU E CD1  1 
ATOM   82  C  CD2  . LEU A 1 13 ? -8.334  2.171   -10.350 1.00 18.97 ? 34  LEU E CD2  1 
ATOM   83  N  N    . LYS A 1 14 ? -5.410  -1.192  -8.078  1.00 13.72 ? 35  LYS E N    1 
ATOM   84  C  CA   . LYS A 1 14 ? -5.565  -2.655  -8.007  1.00 14.78 ? 35  LYS E CA   1 
ATOM   85  C  C    . LYS A 1 14 ? -5.403  -3.113  -6.550  1.00 13.89 ? 35  LYS E C    1 
ATOM   86  O  O    . LYS A 1 14 ? -6.100  -4.001  -6.041  1.00 12.62 ? 35  LYS E O    1 
ATOM   87  C  CB   . LYS A 1 14 ? -4.427  -3.306  -8.829  1.00 16.03 ? 35  LYS E CB   1 
ATOM   88  C  CG   . LYS A 1 14 ? -4.745  -4.178  -10.033 1.00 19.69 ? 35  LYS E CG   1 
ATOM   89  C  CD   . LYS A 1 14 ? -3.546  -4.238  -11.026 1.00 19.86 ? 35  LYS E CD   1 
ATOM   90  C  CE   . LYS A 1 14 ? -3.599  -5.408  -12.030 1.00 21.40 ? 35  LYS E CE   1 
ATOM   91  N  NZ   . LYS A 1 14 ? -2.933  -5.117  -13.263 1.00 23.87 ? 35  LYS E NZ   1 
ATOM   92  N  N    . ILE A 1 15 ? -4.411  -2.525  -5.903  1.00 12.90 ? 36  ILE E N    1 
ATOM   93  C  CA   . ILE A 1 15 ? -4.089  -2.859  -4.527  1.00 12.21 ? 36  ILE E CA   1 
ATOM   94  C  C    . ILE A 1 15 ? -5.262  -2.475  -3.616  1.00 11.20 ? 36  ILE E C    1 
ATOM   95  O  O    . ILE A 1 15 ? -5.738  -3.280  -2.800  1.00 10.80 ? 36  ILE E O    1 
ATOM   96  C  CB   . ILE A 1 15 ? -2.772  -2.191  -4.105  1.00 11.61 ? 36  ILE E CB   1 
ATOM   97  C  CG1  . ILE A 1 15 ? -1.570  -2.948  -4.697  1.00 11.43 ? 36  ILE E CG1  1 
ATOM   98  C  CG2  . ILE A 1 15 ? -2.663  -2.087  -2.590  1.00 12.16 ? 36  ILE E CG2  1 
ATOM   99  C  CD1  . ILE A 1 15 ? -0.254  -2.227  -4.508  1.00 11.31 ? 36  ILE E CD1  1 
ATOM   100 N  N    . LEU A 1 16 ? -5.770  -1.259  -3.749  1.00 11.53 ? 37  LEU E N    1 
ATOM   101 C  CA   . LEU A 1 16 ? -6.916  -0.857  -2.930  1.00 12.75 ? 37  LEU E CA   1 
ATOM   102 C  C    . LEU A 1 16 ? -8.131  -1.746  -3.198  1.00 12.68 ? 37  LEU E C    1 
ATOM   103 O  O    . LEU A 1 16 ? -8.793  -2.215  -2.264  1.00 11.91 ? 37  LEU E O    1 
ATOM   104 C  CB   . LEU A 1 16 ? -7.264  0.600   -3.162  1.00 13.38 ? 37  LEU E CB   1 
ATOM   105 C  CG   . LEU A 1 16 ? -6.131  1.620   -3.017  1.00 14.39 ? 37  LEU E CG   1 
ATOM   106 C  CD1  . LEU A 1 16 ? -6.733  3.011   -3.110  1.00 16.10 ? 37  LEU E CD1  1 
ATOM   107 C  CD2  . LEU A 1 16 ? -5.279  1.415   -1.754  1.00 14.94 ? 37  LEU E CD2  1 
ATOM   108 N  N    . HIS A 1 17 ? -8.415  -2.006  -4.467  1.00 13.23 ? 38  HIS E N    1 
ATOM   109 C  CA   . HIS A 1 17 ? -9.537  -2.878  -4.799  1.00 13.71 ? 38  HIS E CA   1 
ATOM   110 C  C    . HIS A 1 17 ? -9.331  -4.284  -4.188  1.00 12.98 ? 38  HIS E C    1 
ATOM   111 O  O    . HIS A 1 17 ? -10.270 -4.940  -3.746  1.00 13.41 ? 38  HIS E O    1 
ATOM   112 C  CB   . HIS A 1 17 ? -9.695  -3.019  -6.322  1.00 14.51 ? 38  HIS E CB   1 
ATOM   113 C  CG   . HIS A 1 17 ? -10.277 -1.829  -7.034  1.00 17.55 ? 38  HIS E CG   1 
ATOM   114 N  ND1  . HIS A 1 17 ? -10.819 -0.723  -6.411  1.00 20.83 ? 38  HIS E ND1  1 
ATOM   115 C  CD2  . HIS A 1 17 ? -10.414 -1.609  -8.363  1.00 20.07 ? 38  HIS E CD2  1 
ATOM   116 C  CE1  . HIS A 1 17 ? -11.259 0.127   -7.328  1.00 21.77 ? 38  HIS E CE1  1 
ATOM   117 N  NE2  . HIS A 1 17 ? -11.021 -0.389  -8.518  1.00 22.36 ? 38  HIS E NE2  1 
ATOM   118 N  N    . ALA A 1 18 ? -8.097  -4.769  -4.172  1.00 12.06 ? 39  ALA E N    1 
ATOM   119 C  CA   . ALA A 1 18 ? -7.815  -6.091  -3.627  1.00 11.74 ? 39  ALA E CA   1 
ATOM   120 C  C    . ALA A 1 18 ? -8.092  -6.185  -2.130  1.00 12.20 ? 39  ALA E C    1 
ATOM   121 O  O    . ALA A 1 18 ? -8.262  -7.290  -1.597  1.00 12.00 ? 39  ALA E O    1 
ATOM   122 C  CB   . ALA A 1 18 ? -6.382  -6.485  -3.895  1.00 11.85 ? 39  ALA E CB   1 
ATOM   123 N  N    . ALA A 1 19 ? -8.141  -5.027  -1.470  1.00 12.62 ? 40  ALA E N    1 
ATOM   124 C  CA   . ALA A 1 19 ? -8.503  -4.946  -0.058  1.00 13.53 ? 40  ALA E CA   1 
ATOM   125 C  C    . ALA A 1 19 ? -9.960  -4.538  0.165   1.00 15.12 ? 40  ALA E C    1 
ATOM   126 O  O    . ALA A 1 19 ? -10.338 -4.226  1.297   1.00 16.73 ? 40  ALA E O    1 
ATOM   127 C  CB   . ALA A 1 19 ? -7.565  -3.974  0.657   1.00 13.41 ? 40  ALA E CB   1 
ATOM   128 N  N    . GLY A 1 20 ? -10.762 -4.533  -0.891  1.00 15.67 ? 41  GLY E N    1 
ATOM   129 C  CA   . GLY A 1 20 ? -12.191 -4.300  -0.754  1.00 16.74 ? 41  GLY E CA   1 
ATOM   130 C  C    . GLY A 1 20 ? -12.653 -2.907  -1.118  1.00 17.53 ? 41  GLY E C    1 
ATOM   131 O  O    . GLY A 1 20 ? -13.830 -2.595  -0.979  1.00 19.06 ? 41  GLY E O    1 
ATOM   132 N  N    . ALA A 1 21 ? -11.751 -2.061  -1.579  1.00 17.98 ? 42  ALA E N    1 
ATOM   133 C  CA   . ALA A 1 21 ? -12.124 -0.722  -1.974  1.00 19.24 ? 42  ALA E CA   1 
ATOM   134 C  C    . ALA A 1 21 ? -12.931 -0.762  -3.267  1.00 20.70 ? 42  ALA E C    1 
ATOM   135 O  O    . ALA A 1 21 ? -12.762 -1.666  -4.088  1.00 20.81 ? 42  ALA E O    1 
ATOM   136 C  CB   . ALA A 1 21 ? -10.895 0.133   -2.149  1.00 18.95 ? 42  ALA E CB   1 
ATOM   137 N  N    . GLN A 1 22 ? -13.814 0.217   -3.448  1.00 22.49 ? 43  GLN E N    1 
ATOM   138 C  CA   . GLN A 1 22 ? -14.568 0.334   -4.690  1.00 24.71 ? 43  GLN E CA   1 
ATOM   139 C  C    . GLN A 1 22 ? -14.425 1.716   -5.327  1.00 24.21 ? 43  GLN E C    1 
ATOM   140 O  O    . GLN A 1 22 ? -14.259 2.715   -4.629  1.00 23.87 ? 43  GLN E O    1 
ATOM   141 C  CB   . GLN A 1 22 ? -16.034 0.003   -4.430  1.00 26.04 ? 43  GLN E CB   1 
ATOM   142 N  N    . GLY A 1 23 ? -14.459 1.772   -6.653  1.00 24.22 ? 44  GLY E N    1 
ATOM   143 C  CA   . GLY A 1 23 ? -14.380 3.050   -7.350  1.00 24.18 ? 44  GLY E CA   1 
ATOM   144 C  C    . GLY A 1 23 ? -12.965 3.514   -7.638  1.00 24.28 ? 44  GLY E C    1 
ATOM   145 O  O    . GLY A 1 23 ? -12.015 2.768   -7.430  1.00 23.72 ? 44  GLY E O    1 
ATOM   146 N  N    . GLU A 1 24 ? -12.828 4.748   -8.122  1.00 24.78 ? 45  GLU E N    1 
ATOM   147 C  CA   . GLU A 1 24 ? -11.530 5.275   -8.557  1.00 25.10 ? 45  GLU E CA   1 
ATOM   148 C  C    . GLU A 1 24 ? -11.023 6.458   -7.758  1.00 23.52 ? 45  GLU E C    1 
ATOM   149 O  O    . GLU A 1 24 ? -9.858  6.824   -7.876  1.00 23.46 ? 45  GLU E O    1 
ATOM   150 C  CB   . GLU A 1 24 ? -11.569 5.712   -10.026 1.00 26.45 ? 45  GLU E CB   1 
ATOM   151 C  CG   . GLU A 1 24 ? -11.817 4.596   -11.019 1.00 30.51 ? 45  GLU E CG   1 
ATOM   152 C  CD   . GLU A 1 24 ? -11.398 4.963   -12.434 1.00 34.73 ? 45  GLU E CD   1 
ATOM   153 O  OE1  . GLU A 1 24 ? -11.100 4.027   -13.211 1.00 37.43 ? 45  GLU E OE1  1 
ATOM   154 O  OE2  . GLU A 1 24 ? -11.366 6.168   -12.772 1.00 36.08 ? 45  GLU E OE2  1 
ATOM   155 N  N    . MET A 1 25 ? -11.890 7.087   -6.983  1.00 21.72 ? 46  MET E N    1 
ATOM   156 C  CA   . MET A 1 25 ? -11.511 8.311   -6.291  1.00 21.20 ? 46  MET E CA   1 
ATOM   157 C  C    . MET A 1 25 ? -11.531 8.099   -4.789  1.00 19.37 ? 46  MET E C    1 
ATOM   158 O  O    . MET A 1 25 ? -12.461 7.503   -4.244  1.00 18.75 ? 46  MET E O    1 
ATOM   159 C  CB   . MET A 1 25 ? -12.467 9.456   -6.649  1.00 21.65 ? 46  MET E CB   1 
ATOM   160 C  CG   . MET A 1 25 ? -12.498 9.813   -8.127  1.00 25.16 ? 46  MET E CG   1 
ATOM   161 S  SD   . MET A 1 25 ? -10.903 10.243  -8.829  1.00 31.12 ? 46  MET E SD   1 
ATOM   162 C  CE   . MET A 1 25 ? -10.587 11.856  -8.076  1.00 31.86 ? 46  MET E CE   1 
ATOM   163 N  N    . PHE A 1 26 ? -10.496 8.600   -4.127  1.00 18.16 ? 47  PHE E N    1 
ATOM   164 C  CA   . PHE A 1 26 ? -10.323 8.372   -2.697  1.00 17.31 ? 47  PHE E CA   1 
ATOM   165 C  C    . PHE A 1 26 ? -9.676  9.555   -2.026  1.00 17.32 ? 47  PHE E C    1 
ATOM   166 O  O    . PHE A 1 26 ? -8.968  10.324  -2.653  1.00 18.86 ? 47  PHE E O    1 
ATOM   167 C  CB   . PHE A 1 26 ? -9.417  7.146   -2.450  1.00 16.80 ? 47  PHE E CB   1 
ATOM   168 C  CG   . PHE A 1 26 ? -9.941  5.880   -3.059  1.00 15.20 ? 47  PHE E CG   1 
ATOM   169 C  CD1  . PHE A 1 26 ? -10.837 5.081   -2.384  1.00 16.27 ? 47  PHE E CD1  1 
ATOM   170 C  CD2  . PHE A 1 26 ? -9.578  5.527   -4.338  1.00 16.03 ? 47  PHE E CD2  1 
ATOM   171 C  CE1  . PHE A 1 26 ? -11.344 3.923   -2.976  1.00 16.43 ? 47  PHE E CE1  1 
ATOM   172 C  CE2  . PHE A 1 26 ? -10.088 4.385   -4.942  1.00 15.44 ? 47  PHE E CE2  1 
ATOM   173 C  CZ   . PHE A 1 26 ? -10.962 3.590   -4.263  1.00 16.09 ? 47  PHE E CZ   1 
ATOM   174 N  N    . THR A 1 27 ? -9.896  9.679   -0.730  1.00 17.48 ? 48  THR E N    1 
ATOM   175 C  CA   . THR A 1 27 ? -9.096  10.581  0.064   1.00 17.56 ? 48  THR E CA   1 
ATOM   176 C  C    . THR A 1 27 ? -7.800  9.857   0.384   1.00 16.93 ? 48  THR E C    1 
ATOM   177 O  O    . THR A 1 27 ? -7.746  8.636   0.322   1.00 17.14 ? 48  THR E O    1 
ATOM   178 C  CB   . THR A 1 27 ? -9.769  10.938  1.391   1.00 18.12 ? 48  THR E CB   1 
ATOM   179 O  OG1  . THR A 1 27 ? -10.035 9.746   2.138   1.00 19.48 ? 48  THR E OG1  1 
ATOM   180 C  CG2  . THR A 1 27 ? -11.079 11.686  1.166   1.00 19.04 ? 48  THR E CG2  1 
ATOM   181 N  N    . VAL A 1 28 ? -6.764  10.582  0.765   1.00 16.62 ? 49  VAL E N    1 
ATOM   182 C  CA   . VAL A 1 28 ? -5.532  9.910   1.173   1.00 16.35 ? 49  VAL E CA   1 
ATOM   183 C  C    . VAL A 1 28 ? -5.767  9.088   2.446   1.00 15.74 ? 49  VAL E C    1 
ATOM   184 O  O    . VAL A 1 28 ? -5.196  8.017   2.606   1.00 14.85 ? 49  VAL E O    1 
ATOM   185 C  CB   . VAL A 1 28 ? -4.360  10.882  1.291   1.00 16.52 ? 49  VAL E CB   1 
ATOM   186 C  CG1  . VAL A 1 28 ? -3.171  10.185  1.888   1.00 16.33 ? 49  VAL E CG1  1 
ATOM   187 C  CG2  . VAL A 1 28 ? -4.020  11.438  -0.093  1.00 17.32 ? 49  VAL E CG2  1 
ATOM   188 N  N    . LYS A 1 29 ? -6.632  9.558   3.327   1.00 15.00 ? 50  LYS E N    1 
ATOM   189 C  CA   . LYS A 1 29 ? -7.029  8.780   4.494   1.00 15.00 ? 50  LYS E CA   1 
ATOM   190 C  C    . LYS A 1 29 ? -7.534  7.400   4.086   1.00 15.00 ? 50  LYS E C    1 
ATOM   191 O  O    . LYS A 1 29 ? -7.110  6.363   4.632   1.00 15.41 ? 50  LYS E O    1 
ATOM   192 C  CB   . LYS A 1 29 ? -8.115  9.517   5.279   1.00 15.00 ? 50  LYS E CB   1 
ATOM   193 C  CG   . LYS A 1 29 ? -8.954  8.819   6.336   1.00 15.00 ? 50  LYS E CG   1 
ATOM   194 C  CD   . LYS A 1 29 ? -9.653  9.823   7.238   1.00 15.00 ? 50  LYS E CD   1 
ATOM   195 C  CE   . LYS A 1 29 ? -10.493 9.124   8.296   1.00 15.00 ? 50  LYS E CE   1 
ATOM   196 N  NZ   . LYS A 1 29 ? -11.185 10.096  9.187   1.00 15.00 ? 50  LYS E NZ   1 
ATOM   197 N  N    . GLU A 1 30 ? -8.411  7.343   3.091   1.00 15.36 ? 51  GLU E N    1 
ATOM   198 C  CA   . GLU A 1 30 ? -8.919  6.087   2.572   1.00 15.44 ? 51  GLU E CA   1 
ATOM   199 C  C    . GLU A 1 30 ? -7.817  5.226   1.969   1.00 13.99 ? 51  GLU E C    1 
ATOM   200 O  O    . GLU A 1 30 ? -7.742  4.046   2.246   1.00 13.59 ? 51  GLU E O    1 
ATOM   201 C  CB   . GLU A 1 30 ? -9.993  6.345   1.529   1.00 16.11 ? 51  GLU E CB   1 
ATOM   202 C  CG   . GLU A 1 30 ? -11.284 6.761   2.172   1.00 19.35 ? 51  GLU E CG   1 
ATOM   203 C  CD   . GLU A 1 30 ? -12.328 7.188   1.179   1.00 23.45 ? 51  GLU E CD   1 
ATOM   204 O  OE1  . GLU A 1 30 ? -11.975 7.805   0.154   1.00 22.37 ? 51  GLU E OE1  1 
ATOM   205 O  OE2  . GLU A 1 30 ? -13.512 6.910   1.441   1.00 28.08 ? 51  GLU E OE2  1 
ATOM   206 N  N    . VAL A 1 31 ? -6.979  5.822   1.145   1.00 12.93 ? 52  VAL E N    1 
ATOM   207 C  CA   . VAL A 1 31 ? -5.882  5.112   0.520   1.00 12.54 ? 52  VAL E CA   1 
ATOM   208 C  C    . VAL A 1 31 ? -5.042  4.422   1.570   1.00 12.72 ? 52  VAL E C    1 
ATOM   209 O  O    . VAL A 1 31 ? -4.742  3.248   1.443   1.00 12.89 ? 52  VAL E O    1 
ATOM   210 C  CB   . VAL A 1 31 ? -4.998  6.072   -0.303  1.00 11.88 ? 52  VAL E CB   1 
ATOM   211 C  CG1  . VAL A 1 31 ? -3.689  5.383   -0.762  1.00 13.66 ? 52  VAL E CG1  1 
ATOM   212 C  CG2  . VAL A 1 31 ? -5.800  6.603   -1.500  1.00 13.56 ? 52  VAL E CG2  1 
ATOM   213 N  N    . MET A 1 32 ? -4.694  5.149   2.621   1.00 12.78 ? 53  MET E N    1 
ATOM   214 C  CA   . MET A 1 32 ? -3.809  4.598   3.646   1.00 11.76 ? 53  MET E CA   1 
ATOM   215 C  C    . MET A 1 32 ? -4.490  3.529   4.467   1.00 11.46 ? 53  MET E C    1 
ATOM   216 O  O    . MET A 1 32 ? -3.871  2.552   4.876   1.00 10.57 ? 53  MET E O    1 
ATOM   217 C  CB   . MET A 1 32 ? -3.266  5.696   4.545   1.00 12.12 ? 53  MET E CB   1 
ATOM   218 C  CG   . MET A 1 32 ? -2.380  6.632   3.829   1.00 13.96 ? 53  MET E CG   1 
ATOM   219 S  SD   . MET A 1 32 ? -0.974  5.865   3.049   1.00 18.78 ? 53  MET E SD   1 
ATOM   220 C  CE   . MET A 1 32 ? -0.030  5.441   4.491   1.00 19.35 ? 53  MET E CE   1 
ATOM   221 N  N    . HIS A 1 33 ? -5.773  3.704   4.725   1.00 11.90 ? 54  HIS E N    1 
ATOM   222 C  CA   . HIS A 1 33 ? -6.510  2.679   5.401   1.00 12.10 ? 54  HIS E CA   1 
ATOM   223 C  C    . HIS A 1 33 ? -6.590  1.410   4.567   1.00 11.90 ? 54  HIS E C    1 
ATOM   224 O  O    . HIS A 1 33 ? -6.335  0.321   5.077   1.00 12.10 ? 54  HIS E O    1 
ATOM   225 C  CB   . HIS A 1 33 ? -7.904  3.165   5.739   1.00 11.99 ? 54  HIS E CB   1 
ATOM   226 C  CG   . HIS A 1 33 ? -7.988  3.999   6.986   1.00 14.48 ? 54  HIS E CG   1 
ATOM   227 N  ND1  . HIS A 1 33 ? -7.100  3.923   8.045   1.00 15.90 ? 54  HIS E ND1  1 
ATOM   228 C  CD2  . HIS A 1 33 ? -8.929  4.893   7.350   1.00 15.65 ? 54  HIS E CD2  1 
ATOM   229 C  CE1  . HIS A 1 33 ? -7.479  4.769   8.988   1.00 14.22 ? 54  HIS E CE1  1 
ATOM   230 N  NE2  . HIS A 1 33 ? -8.590  5.364   8.591   1.00 16.90 ? 54  HIS E NE2  1 
ATOM   231 N  N    . TYR A 1 34 ? -6.904  1.530   3.283   1.00 12.69 ? 55  TYR E N    1 
ATOM   232 C  CA   . TYR A 1 34 ? -6.973  0.327   2.453   1.00 12.26 ? 55  TYR E CA   1 
ATOM   233 C  C    . TYR A 1 34 ? -5.607  -0.327  2.268   1.00 11.82 ? 55  TYR E C    1 
ATOM   234 O  O    . TYR A 1 34 ? -5.529  -1.528  2.158   1.00 11.31 ? 55  TYR E O    1 
ATOM   235 C  CB   . TYR A 1 34 ? -7.604  0.592   1.082   1.00 13.51 ? 55  TYR E CB   1 
ATOM   236 C  CG   . TYR A 1 34 ? -9.095  0.713   1.124   1.00 14.78 ? 55  TYR E CG   1 
ATOM   237 C  CD1  . TYR A 1 34 ? -9.869  -0.363  1.509   1.00 17.57 ? 55  TYR E CD1  1 
ATOM   238 C  CD2  . TYR A 1 34 ? -9.731  1.898   0.767   1.00 16.43 ? 55  TYR E CD2  1 
ATOM   239 C  CE1  . TYR A 1 34 ? -11.239 -0.281  1.566   1.00 19.60 ? 55  TYR E CE1  1 
ATOM   240 C  CE2  . TYR A 1 34 ? -11.119 1.994   0.814   1.00 18.66 ? 55  TYR E CE2  1 
ATOM   241 C  CZ   . TYR A 1 34 ? -11.860 0.890   1.215   1.00 21.08 ? 55  TYR E CZ   1 
ATOM   242 O  OH   . TYR A 1 34 ? -13.239 0.945   1.271   1.00 24.59 ? 55  TYR E OH   1 
ATOM   243 N  N    . LEU A 1 35 ? -4.548  0.462   2.203   1.00 11.11 ? 56  LEU E N    1 
ATOM   244 C  CA   . LEU A 1 35 ? -3.196  -0.103  2.135   1.00 10.53 ? 56  LEU E CA   1 
ATOM   245 C  C    . LEU A 1 35 ? -2.894  -0.936  3.368   1.00 10.90 ? 56  LEU E C    1 
ATOM   246 O  O    . LEU A 1 35 ? -2.297  -1.996  3.270   1.00 9.49  ? 56  LEU E O    1 
ATOM   247 C  CB   . LEU A 1 35 ? -2.125  0.978   1.964   1.00 10.73 ? 56  LEU E CB   1 
ATOM   248 C  CG   . LEU A 1 35 ? -1.829  1.418   0.538   1.00 12.26 ? 56  LEU E CG   1 
ATOM   249 C  CD1  . LEU A 1 35 ? -1.089  2.734   0.523   1.00 12.31 ? 56  LEU E CD1  1 
ATOM   250 C  CD2  . LEU A 1 35 ? -1.042  0.319   -0.191  1.00 15.02 ? 56  LEU E CD2  1 
ATOM   251 N  N    . GLY A 1 36 ? -3.245  -0.449  4.548   1.00 10.74 ? 57  GLY E N    1 
ATOM   252 C  CA   . GLY A 1 36 ? -3.010  -1.245  5.751   1.00 10.57 ? 57  GLY E CA   1 
ATOM   253 C  C    . GLY A 1 36 ? -3.824  -2.529  5.728   1.00 10.25 ? 57  GLY E C    1 
ATOM   254 O  O    . GLY A 1 36 ? -3.336  -3.596  6.063   1.00 10.54 ? 57  GLY E O    1 
ATOM   255 N  N    . GLN A 1 37 ? -5.070  -2.430  5.277   1.00 10.92 ? 58  GLN E N    1 
ATOM   256 C  CA   . GLN A 1 37 ? -5.922  -3.619  5.143   1.00 11.65 ? 58  GLN E CA   1 
ATOM   257 C  C    . GLN A 1 37 ? -5.355  -4.611  4.118   1.00 10.60 ? 58  GLN E C    1 
ATOM   258 O  O    . GLN A 1 37 ? -5.359  -5.828  4.357   1.00 10.66 ? 58  GLN E O    1 
ATOM   259 C  CB   . GLN A 1 37 ? -7.348  -3.215  4.792   1.00 12.85 ? 58  GLN E CB   1 
ATOM   260 C  CG   . GLN A 1 37 ? -8.044  -2.456  5.913   1.00 17.49 ? 58  GLN E CG   1 
ATOM   261 C  CD   . GLN A 1 37 ? -9.456  -2.012  5.570   1.00 24.19 ? 58  GLN E CD   1 
ATOM   262 O  OE1  . GLN A 1 37 ? -10.339 -2.008  6.432   1.00 27.65 ? 58  GLN E OE1  1 
ATOM   263 N  NE2  . GLN A 1 37 ? -9.680  -1.632  4.323   1.00 25.49 ? 58  GLN E NE2  1 
ATOM   264 N  N    . TYR A 1 38 ? -4.830  -4.091  3.015   1.00 10.30 ? 59  TYR E N    1 
ATOM   265 C  CA   . TYR A 1 38 ? -4.211  -4.924  1.994   1.00 9.78  ? 59  TYR E CA   1 
ATOM   266 C  C    . TYR A 1 38 ? -3.067  -5.746  2.555   1.00 9.05  ? 59  TYR E C    1 
ATOM   267 O  O    . TYR A 1 38 ? -2.964  -6.936  2.298   1.00 9.40  ? 59  TYR E O    1 
ATOM   268 C  CB   . TYR A 1 38 ? -3.689  -4.021  0.898   1.00 9.24  ? 59  TYR E CB   1 
ATOM   269 C  CG   . TYR A 1 38 ? -2.934  -4.699  -0.207  1.00 8.98  ? 59  TYR E CG   1 
ATOM   270 C  CD1  . TYR A 1 38 ? -3.619  -5.265  -1.264  1.00 8.25  ? 59  TYR E CD1  1 
ATOM   271 C  CD2  . TYR A 1 38 ? -1.555  -4.780  -0.210  1.00 10.28 ? 59  TYR E CD2  1 
ATOM   272 C  CE1  . TYR A 1 38 ? -2.944  -5.856  -2.302  1.00 10.06 ? 59  TYR E CE1  1 
ATOM   273 C  CE2  . TYR A 1 38 ? -0.880  -5.382  -1.257  1.00 9.43  ? 59  TYR E CE2  1 
ATOM   274 C  CZ   . TYR A 1 38 ? -1.593  -5.934  -2.291  1.00 8.87  ? 59  TYR E CZ   1 
ATOM   275 O  OH   . TYR A 1 38 ? -0.957  -6.518  -3.367  1.00 9.96  ? 59  TYR E OH   1 
ATOM   276 N  N    . ILE A 1 39 ? -2.225  -5.115  3.352   1.00 8.77  ? 60  ILE E N    1 
ATOM   277 C  CA   . ILE A 1 39 ? -1.084  -5.797  3.931   1.00 8.96  ? 60  ILE E CA   1 
ATOM   278 C  C    . ILE A 1 39 ? -1.567  -6.948  4.808   1.00 9.71  ? 60  ILE E C    1 
ATOM   279 O  O    . ILE A 1 39 ? -0.949  -8.013  4.822   1.00 10.65 ? 60  ILE E O    1 
ATOM   280 C  CB   . ILE A 1 39 ? -0.222  -4.794  4.704   1.00 8.85  ? 60  ILE E CB   1 
ATOM   281 C  CG1  . ILE A 1 39 ? 0.472   -3.832  3.732   1.00 9.25  ? 60  ILE E CG1  1 
ATOM   282 C  CG2  . ILE A 1 39 ? 0.781   -5.506  5.569   1.00 8.71  ? 60  ILE E CG2  1 
ATOM   283 C  CD1  . ILE A 1 39 ? 1.065   -2.607  4.427   1.00 10.31 ? 60  ILE E CD1  1 
ATOM   284 N  N    . MET A 1 40 ? -2.680  -6.749  5.515   1.00 11.27 ? 61  MET E N    1 
ATOM   285 C  CA   . MET A 1 40 ? -3.269  -7.812  6.313   1.00 12.73 ? 61  MET E CA   1 
ATOM   286 C  C    . MET A 1 40 ? -3.933  -8.900  5.471   1.00 12.49 ? 61  MET E C    1 
ATOM   287 O  O    . MET A 1 40 ? -3.685  -10.089 5.687   1.00 12.96 ? 61  MET E O    1 
ATOM   288 C  CB   . MET A 1 40 ? -4.209  -7.244  7.378   1.00 13.55 ? 61  MET E CB   1 
ATOM   289 C  CG   . MET A 1 40 ? -3.429  -6.479  8.475   1.00 16.52 ? 61  MET E CG   1 
ATOM   290 S  SD   . MET A 1 40 ? -4.552  -5.788  9.679   1.00 23.12 ? 61  MET E SD   1 
ATOM   291 C  CE   . MET A 1 40 ? -5.135  -4.278  8.902   1.00 26.04 ? 61  MET E CE   1 
ATOM   292 N  N    . VAL A 1 41 ? -4.773  -8.503  4.523   1.00 12.63 ? 62  VAL E N    1 
ATOM   293 C  CA   . VAL A 1 41 ? -5.471  -9.451  3.640   1.00 13.64 ? 62  VAL E CA   1 
ATOM   294 C  C    . VAL A 1 41 ? -4.506  -10.410 2.932   1.00 12.54 ? 62  VAL E C    1 
ATOM   295 O  O    . VAL A 1 41 ? -4.769  -11.609 2.778   1.00 12.13 ? 62  VAL E O    1 
ATOM   296 C  CB   . VAL A 1 41 ? -6.291  -8.654  2.578   1.00 14.88 ? 62  VAL E CB   1 
ATOM   297 C  CG1  . VAL A 1 41 ? -6.710  -9.538  1.379   1.00 16.98 ? 62  VAL E CG1  1 
ATOM   298 C  CG2  . VAL A 1 41 ? -7.475  -7.994  3.246   1.00 17.30 ? 62  VAL E CG2  1 
ATOM   299 N  N    . LYS A 1 42 ? -3.408  -9.856  2.454   1.00 11.87 ? 63  LYS E N    1 
ATOM   300 C  CA   . LYS A 1 42 ? -2.405  -10.615 1.737   1.00 12.25 ? 63  LYS E CA   1 
ATOM   301 C  C    . LYS A 1 42 ? -1.313  -11.191 2.643   1.00 12.04 ? 63  LYS E C    1 
ATOM   302 O  O    . LYS A 1 42 ? -0.392  -11.825 2.175   1.00 11.65 ? 63  LYS E O    1 
ATOM   303 C  CB   . LYS A 1 42 ? -1.829  -9.780  0.597   1.00 12.95 ? 63  LYS E CB   1 
ATOM   304 C  CG   . LYS A 1 42 ? -2.873  -9.489  -0.484  1.00 15.00 ? 63  LYS E CG   1 
ATOM   305 C  CD   . LYS A 1 42 ? -2.260  -9.041  -1.764  1.00 15.22 ? 63  LYS E CD   1 
ATOM   306 C  CE   . LYS A 1 42 ? -1.938  -10.232 -2.665  1.00 13.05 ? 63  LYS E CE   1 
ATOM   307 N  NZ   . LYS A 1 42 ? -1.220  -9.765  -3.866  1.00 12.56 ? 63  LYS E NZ   1 
ATOM   308 N  N    . GLN A 1 43 ? -1.465  -11.007 3.946   1.00 11.88 ? 64  GLN E N    1 
ATOM   309 C  CA   . GLN A 1 43 ? -0.558  -11.597 4.921   1.00 13.04 ? 64  GLN E CA   1 
ATOM   310 C  C    . GLN A 1 43 ? 0.898   -11.228 4.607   1.00 11.63 ? 64  GLN E C    1 
ATOM   311 O  O    . GLN A 1 43 ? 1.799   -12.080 4.624   1.00 10.92 ? 64  GLN E O    1 
ATOM   312 C  CB   . GLN A 1 43 ? -0.727  -13.114 4.965   1.00 14.13 ? 64  GLN E CB   1 
ATOM   313 C  CG   . GLN A 1 43 ? -2.049  -13.635 5.506   1.00 17.10 ? 64  GLN E CG   1 
ATOM   314 C  CD   . GLN A 1 43 ? -2.222  -15.138 5.230   1.00 19.68 ? 64  GLN E CD   1 
ATOM   315 O  OE1  . GLN A 1 43 ? -1.295  -15.943 5.394   1.00 21.00 ? 64  GLN E OE1  1 
ATOM   316 N  NE2  . GLN A 1 43 ? -3.427  -15.514 4.812   1.00 22.78 ? 64  GLN E NE2  1 
ATOM   317 N  N    . LEU A 1 44 ? 1.134   -9.952  4.329   1.00 11.29 ? 65  LEU E N    1 
ATOM   318 C  CA   . LEU A 1 44 ? 2.471   -9.512  3.969   1.00 11.18 ? 65  LEU E CA   1 
ATOM   319 C  C    . LEU A 1 44 ? 3.274   -9.113  5.212   1.00 10.32 ? 65  LEU E C    1 
ATOM   320 O  O    . LEU A 1 44 ? 4.492   -9.100  5.188   1.00 12.01 ? 65  LEU E O    1 
ATOM   321 C  CB   . LEU A 1 44 ? 2.437   -8.373  2.960   1.00 11.19 ? 65  LEU E CB   1 
ATOM   322 C  CG   . LEU A 1 44 ? 1.762   -8.646  1.613   1.00 11.65 ? 65  LEU E CG   1 
ATOM   323 C  CD1  . LEU A 1 44 ? 1.695   -7.364  0.807   1.00 11.88 ? 65  LEU E CD1  1 
ATOM   324 C  CD2  . LEU A 1 44 ? 2.501   -9.732  0.869   1.00 12.56 ? 65  LEU E CD2  1 
ATOM   325 N  N    . TYR A 1 45 ? 2.576   -8.807  6.297   1.00 9.82  ? 66  TYR E N    1 
ATOM   326 C  CA   . TYR A 1 45 ? 3.253   -8.484  7.557   1.00 9.44  ? 66  TYR E CA   1 
ATOM   327 C  C    . TYR A 1 45 ? 3.651   -9.782  8.233   1.00 9.05  ? 66  TYR E C    1 
ATOM   328 O  O    . TYR A 1 45 ? 3.050   -10.828 8.033   1.00 8.97  ? 66  TYR E O    1 
ATOM   329 C  CB   . TYR A 1 45 ? 2.398   -7.599  8.481   1.00 9.85  ? 66  TYR E CB   1 
ATOM   330 C  CG   . TYR A 1 45 ? 1.314   -8.353  9.193   1.00 8.97  ? 66  TYR E CG   1 
ATOM   331 C  CD1  . TYR A 1 45 ? 1.499   -8.821  10.473  1.00 10.56 ? 66  TYR E CD1  1 
ATOM   332 C  CD2  . TYR A 1 45 ? 0.094   -8.614  8.574   1.00 9.25  ? 66  TYR E CD2  1 
ATOM   333 C  CE1  . TYR A 1 45 ? 0.514   -9.545  11.121  1.00 9.90  ? 66  TYR E CE1  1 
ATOM   334 C  CE2  . TYR A 1 45 ? -0.894  -9.330  9.223   1.00 9.22  ? 66  TYR E CE2  1 
ATOM   335 C  CZ   . TYR A 1 45 ? -0.675  -9.784  10.496  1.00 11.21 ? 66  TYR E CZ   1 
ATOM   336 O  OH   . TYR A 1 45 ? -1.615  -10.506 11.173  1.00 12.95 ? 66  TYR E OH   1 
ATOM   337 N  N    . ASP A 1 46 ? 4.660   -9.717  9.080   1.00 9.35  ? 67  ASP E N    1 
ATOM   338 C  CA   . ASP A 1 46 ? 5.139   -10.903 9.761   1.00 9.57  ? 67  ASP E CA   1 
ATOM   339 C  C    . ASP A 1 46 ? 4.423   -11.049 11.086  1.00 9.22  ? 67  ASP E C    1 
ATOM   340 O  O    . ASP A 1 46 ? 4.479   -10.156 11.928  1.00 9.39  ? 67  ASP E O    1 
ATOM   341 C  CB   . ASP A 1 46 ? 6.632   -10.756 9.992   1.00 10.12 ? 67  ASP E CB   1 
ATOM   342 C  CG   . ASP A 1 46 ? 7.283   -11.999 10.539  1.00 12.11 ? 67  ASP E CG   1 
ATOM   343 O  OD1  . ASP A 1 46 ? 8.522   -12.066 10.414  1.00 17.33 ? 67  ASP E OD1  1 
ATOM   344 O  OD2  . ASP A 1 46 ? 6.614   -12.896 11.090  1.00 12.83 ? 67  ASP E OD2  1 
ATOM   345 N  N    . GLN A 1 47 ? 3.734   -12.160 11.285  1.00 9.17  ? 68  GLN E N    1 
ATOM   346 C  CA   . GLN A 1 47 ? 3.029   -12.380 12.537  1.00 8.82  ? 68  GLN E CA   1 
ATOM   347 C  C    . GLN A 1 47 ? 3.942   -12.300 13.739  1.00 9.01  ? 68  GLN E C    1 
ATOM   348 O  O    . GLN A 1 47 ? 3.470   -12.081 14.832  1.00 9.71  ? 68  GLN E O    1 
ATOM   349 C  CB   . GLN A 1 47 ? 2.302   -13.722 12.509  1.00 8.94  ? 68  GLN E CB   1 
ATOM   350 C  CG   . GLN A 1 47 ? 1.089   -13.693 11.576  1.00 9.31  ? 68  GLN E CG   1 
ATOM   351 C  CD   . GLN A 1 47 ? 0.660   -15.074 11.251  1.00 11.11 ? 68  GLN E CD   1 
ATOM   352 O  OE1  . GLN A 1 47 ? -0.367  -15.563 11.744  1.00 13.96 ? 68  GLN E OE1  1 
ATOM   353 N  NE2  . GLN A 1 47 ? 1.466   -15.744 10.490  1.00 9.83  ? 68  GLN E NE2  1 
ATOM   354 N  N    . GLN A 1 48 ? 5.229   -12.569 13.539  1.00 8.82  ? 69  GLN E N    1 
ATOM   355 C  CA   . GLN A 1 48 ? 6.230   -12.529 14.613  1.00 9.41  ? 69  GLN E CA   1 
ATOM   356 C  C    . GLN A 1 48 ? 6.907   -11.176 14.747  1.00 10.01 ? 69  GLN E C    1 
ATOM   357 O  O    . GLN A 1 48 ? 7.630   -10.948 15.719  1.00 10.51 ? 69  GLN E O    1 
ATOM   358 C  CB   . GLN A 1 48 ? 7.329   -13.574 14.355  1.00 9.43  ? 69  GLN E CB   1 
ATOM   359 C  CG   . GLN A 1 48 ? 6.776   -14.984 14.346  1.00 10.42 ? 69  GLN E CG   1 
ATOM   360 C  CD   . GLN A 1 48 ? 7.824   -16.067 14.176  1.00 11.08 ? 69  GLN E CD   1 
ATOM   361 O  OE1  . GLN A 1 48 ? 7.822   -17.062 14.908  1.00 16.21 ? 69  GLN E OE1  1 
ATOM   362 N  NE2  . GLN A 1 48 ? 8.685   -15.913 13.198  1.00 11.99 ? 69  GLN E NE2  1 
ATOM   363 N  N    . GLU A 1 49 ? 6.761   -10.307 13.751  1.00 9.93  ? 70  GLU E N    1 
ATOM   364 C  CA   . GLU A 1 49 ? 7.365   -8.964  13.783  1.00 9.17  ? 70  GLU E CA   1 
ATOM   365 C  C    . GLU A 1 49 ? 6.377   -8.097  13.058  1.00 9.38  ? 70  GLU E C    1 
ATOM   366 O  O    . GLU A 1 49 ? 6.505   -7.850  11.854  1.00 8.65  ? 70  GLU E O    1 
ATOM   367 C  CB   . GLU A 1 49 ? 8.697   -8.934  13.080  1.00 9.17  ? 70  GLU E CB   1 
ATOM   368 C  CG   . GLU A 1 49 ? 9.756   -9.837  13.717  1.00 8.86  ? 70  GLU E CG   1 
ATOM   369 C  CD   . GLU A 1 49 ? 10.098  -9.459  15.172  1.00 11.05 ? 70  GLU E CD   1 
ATOM   370 O  OE1  . GLU A 1 49 ? 10.738  -10.292 15.875  1.00 10.85 ? 70  GLU E OE1  1 
ATOM   371 O  OE2  . GLU A 1 49 ? 9.741   -8.350  15.599  1.00 9.07  ? 70  GLU E OE2  1 
ATOM   372 N  N    . GLN A 1 50 ? 5.352   -7.678  13.770  1.00 9.40  ? 71  GLN E N    1 
ATOM   373 C  CA   . GLN A 1 50 ? 4.132   -7.243  13.117  1.00 10.00 ? 71  GLN E CA   1 
ATOM   374 C  C    . GLN A 1 50 ? 4.226   -5.866  12.473  1.00 10.10 ? 71  GLN E C    1 
ATOM   375 O  O    . GLN A 1 50 ? 3.347   -5.485  11.709  1.00 11.90 ? 71  GLN E O    1 
ATOM   376 C  CB   . GLN A 1 50 ? 2.972   -7.303  14.098  1.00 9.69  ? 71  GLN E CB   1 
ATOM   377 C  CG   . GLN A 1 50 ? 2.700   -8.688  14.588  1.00 10.10 ? 71  GLN E CG   1 
ATOM   378 C  CD   . GLN A 1 50 ? 1.394   -8.793  15.317  1.00 10.77 ? 71  GLN E CD   1 
ATOM   379 O  OE1  . GLN A 1 50 ? 0.348   -8.456  14.774  1.00 11.94 ? 71  GLN E OE1  1 
ATOM   380 N  NE2  . GLN A 1 50 ? 1.435   -9.256  16.558  1.00 12.55 ? 71  GLN E NE2  1 
ATOM   381 N  N    . HIS A 1 51 ? 5.294   -5.135  12.743  1.00 10.15 ? 72  HIS E N    1 
ATOM   382 C  CA   . HIS A 1 51 ? 5.543   -3.911  12.033  1.00 9.50  ? 72  HIS E CA   1 
ATOM   383 C  C    . HIS A 1 51 ? 6.340   -4.118  10.735  1.00 9.99  ? 72  HIS E C    1 
ATOM   384 O  O    . HIS A 1 51 ? 6.601   -3.165  10.012  1.00 10.80 ? 72  HIS E O    1 
ATOM   385 C  CB   . HIS A 1 51 ? 6.305   -2.937  12.935  1.00 9.16  ? 72  HIS E CB   1 
ATOM   386 C  CG   . HIS A 1 51 ? 7.587   -3.493  13.475  1.00 10.24 ? 72  HIS E CG   1 
ATOM   387 N  ND1  . HIS A 1 51 ? 8.839   -3.083  13.065  1.00 12.78 ? 72  HIS E ND1  1 
ATOM   388 C  CD2  . HIS A 1 51 ? 7.791   -4.447  14.406  1.00 10.82 ? 72  HIS E CD2  1 
ATOM   389 C  CE1  . HIS A 1 51 ? 9.757   -3.758  13.743  1.00 7.31  ? 72  HIS E CE1  1 
ATOM   390 N  NE2  . HIS A 1 51 ? 9.140   -4.607  14.545  1.00 12.16 ? 72  HIS E NE2  1 
ATOM   391 N  N    . MET A 1 52 ? 6.765   -5.343  10.466  1.00 9.87  ? 73  MET E N    1 
ATOM   392 C  CA   . MET A 1 52 ? 7.605   -5.606  9.308   1.00 10.11 ? 73  MET E CA   1 
ATOM   393 C  C    . MET A 1 52 ? 6.752   -6.185  8.221   1.00 10.15 ? 73  MET E C    1 
ATOM   394 O  O    . MET A 1 52 ? 5.969   -7.083  8.464   1.00 10.72 ? 73  MET E O    1 
ATOM   395 C  CB   . MET A 1 52 ? 8.732   -6.579  9.639   1.00 9.91  ? 73  MET E CB   1 
ATOM   396 C  CG   . MET A 1 52 ? 9.731   -6.041  10.677  1.00 10.73 ? 73  MET E CG   1 
ATOM   397 S  SD   . MET A 1 52 ? 10.514  -4.496  10.196  1.00 11.70 ? 73  MET E SD   1 
ATOM   398 C  CE   . MET A 1 52 ? 11.466  -4.981  8.787   1.00 14.86 ? 73  MET E CE   1 
ATOM   399 N  N    . VAL A 1 53 ? 6.979   -5.711  7.007   1.00 9.70  ? 74  VAL E N    1 
ATOM   400 C  CA   . VAL A 1 53 ? 6.196   -6.117  5.865   1.00 9.83  ? 74  VAL E CA   1 
ATOM   401 C  C    . VAL A 1 53 ? 7.178   -6.629  4.822   1.00 10.36 ? 74  VAL E C    1 
ATOM   402 O  O    . VAL A 1 53 ? 8.097   -5.936  4.442   1.00 11.03 ? 74  VAL E O    1 
ATOM   403 C  CB   . VAL A 1 53 ? 5.402   -4.942  5.285   1.00 9.54  ? 74  VAL E CB   1 
ATOM   404 C  CG1  . VAL A 1 53 ? 4.643   -5.406  4.039   1.00 10.61 ? 74  VAL E CG1  1 
ATOM   405 C  CG2  . VAL A 1 53 ? 4.466   -4.385  6.310   1.00 9.84  ? 74  VAL E CG2  1 
ATOM   406 N  N    . TYR A 1 54 ? 6.985   -7.858  4.375   1.00 11.69 ? 75  TYR E N    1 
ATOM   407 C  CA   . TYR A 1 54 ? 7.845   -8.433  3.358   1.00 12.96 ? 75  TYR E CA   1 
ATOM   408 C  C    . TYR A 1 54 ? 7.020   -8.418  2.075   1.00 13.20 ? 75  TYR E C    1 
ATOM   409 O  O    . TYR A 1 54 ? 6.023   -9.111  1.970   1.00 14.10 ? 75  TYR E O    1 
ATOM   410 C  CB   . TYR A 1 54 ? 8.275   -9.867  3.755   1.00 14.07 ? 75  TYR E CB   1 
ATOM   411 C  CG   . TYR A 1 54 ? 8.788   -10.025 5.206   1.00 20.12 ? 75  TYR E CG   1 
ATOM   412 C  CD1  . TYR A 1 54 ? 8.440   -11.142 5.983   1.00 23.02 ? 75  TYR E CD1  1 
ATOM   413 C  CD2  . TYR A 1 54 ? 9.607   -9.070  5.788   1.00 25.71 ? 75  TYR E CD2  1 
ATOM   414 C  CE1  . TYR A 1 54 ? 8.901   -11.286 7.285   1.00 27.56 ? 75  TYR E CE1  1 
ATOM   415 C  CE2  . TYR A 1 54 ? 10.071  -9.206  7.093   1.00 26.53 ? 75  TYR E CE2  1 
ATOM   416 C  CZ   . TYR A 1 54 ? 9.715   -10.312 7.839   1.00 26.64 ? 75  TYR E CZ   1 
ATOM   417 O  OH   . TYR A 1 54 ? 10.164  -10.454 9.153   1.00 24.70 ? 75  TYR E OH   1 
ATOM   418 N  N    . CYS A 1 55 ? 7.434   -7.607  1.113   1.00 13.58 ? 76  CYS E N    1 
ATOM   419 C  CA   . CYS A 1 55 ? 6.589   -7.324  -0.037  1.00 13.56 ? 76  CYS E CA   1 
ATOM   420 C  C    . CYS A 1 55 ? 7.299   -7.493  -1.367  1.00 12.81 ? 76  CYS E C    1 
ATOM   421 O  O    . CYS A 1 55 ? 6.765   -7.117  -2.388  1.00 11.02 ? 76  CYS E O    1 
ATOM   422 C  CB   . CYS A 1 55 ? 6.064   -5.903  0.074   1.00 14.11 ? 76  CYS E CB   1 
ATOM   423 S  SG   . CYS A 1 55 ? 7.308   -4.613  0.373   1.00 15.69 ? 76  CYS E SG   1 
ATOM   424 N  N    . GLY A 1 56 ? 8.460   -8.116  -1.349  1.00 12.76 ? 77  GLY E N    1 
ATOM   425 C  CA   . GLY A 1 56 ? 9.256   -8.293  -2.549  1.00 12.79 ? 77  GLY E CA   1 
ATOM   426 C  C    . GLY A 1 56 ? 8.612   -9.150  -3.618  1.00 13.01 ? 77  GLY E C    1 
ATOM   427 O  O    . GLY A 1 56 ? 8.975   -9.042  -4.793  1.00 15.09 ? 77  GLY E O    1 
ATOM   428 N  N    . GLY A 1 57 ? 7.664   -9.989  -3.227  1.00 12.56 ? 78  GLY E N    1 
ATOM   429 C  CA   . GLY A 1 57 ? 6.992   -10.870 -4.177  1.00 12.63 ? 78  GLY E CA   1 
ATOM   430 C  C    . GLY A 1 57 ? 5.600   -10.359 -4.517  1.00 12.11 ? 78  GLY E C    1 
ATOM   431 O  O    . GLY A 1 57 ? 4.814   -11.057 -5.151  1.00 12.55 ? 78  GLY E O    1 
ATOM   432 N  N    . ASP A 1 58 ? 5.316   -9.118  -4.142  1.00 10.75 ? 79  ASP E N    1 
ATOM   433 C  CA   . ASP A 1 58 ? 3.990   -8.541  -4.257  1.00 10.86 ? 79  ASP E CA   1 
ATOM   434 C  C    . ASP A 1 58 ? 4.042   -7.250  -5.047  1.00 11.05 ? 79  ASP E C    1 
ATOM   435 O  O    . ASP A 1 58 ? 5.082   -6.594  -5.142  1.00 11.17 ? 79  ASP E O    1 
ATOM   436 C  CB   . ASP A 1 58 ? 3.441   -8.272  -2.855  1.00 11.33 ? 79  ASP E CB   1 
ATOM   437 C  CG   . ASP A 1 58 ? 1.956   -7.943  -2.852  1.00 11.02 ? 79  ASP E CG   1 
ATOM   438 O  OD1  . ASP A 1 58 ? 1.136   -8.870  -2.648  1.00 12.03 ? 79  ASP E OD1  1 
ATOM   439 O  OD2  . ASP A 1 58 ? 1.584   -6.776  -3.070  1.00 10.84 ? 79  ASP E OD2  1 
ATOM   440 N  N    . LEU A 1 59 ? 2.914   -6.891  -5.655  1.00 11.12 ? 80  LEU E N    1 
ATOM   441 C  CA   . LEU A 1 59 ? 2.829   -5.652  -6.383  1.00 11.63 ? 80  LEU E CA   1 
ATOM   442 C  C    . LEU A 1 59 ? 3.182   -4.483  -5.469  1.00 11.43 ? 80  LEU E C    1 
ATOM   443 O  O    . LEU A 1 59 ? 3.726   -3.486  -5.927  1.00 11.03 ? 80  LEU E O    1 
ATOM   444 C  CB   . LEU A 1 59 ? 1.441   -5.510  -7.036  1.00 11.63 ? 80  LEU E CB   1 
ATOM   445 C  CG   . LEU A 1 59 ? 1.177   -4.238  -7.840  1.00 12.46 ? 80  LEU E CG   1 
ATOM   446 C  CD1  . LEU A 1 59 ? 2.113   -4.143  -9.023  1.00 13.70 ? 80  LEU E CD1  1 
ATOM   447 C  CD2  . LEU A 1 59 ? -0.267  -4.274  -8.287  1.00 13.03 ? 80  LEU E CD2  1 
ATOM   448 N  N    . LEU A 1 60 ? 2.886   -4.589  -4.180  1.00 10.97 ? 81  LEU E N    1 
ATOM   449 C  CA   . LEU A 1 60 ? 3.213   -3.488  -3.273  1.00 11.66 ? 81  LEU E CA   1 
ATOM   450 C  C    . LEU A 1 60 ? 4.728   -3.240  -3.251  1.00 12.20 ? 81  LEU E C    1 
ATOM   451 O  O    . LEU A 1 60 ? 5.162   -2.095  -3.269  1.00 12.89 ? 81  LEU E O    1 
ATOM   452 C  CB   . LEU A 1 60 ? 2.635   -3.725  -1.897  1.00 11.70 ? 81  LEU E CB   1 
ATOM   453 C  CG   . LEU A 1 60 ? 3.050   -2.716  -0.837  1.00 11.58 ? 81  LEU E CG   1 
ATOM   454 C  CD1  . LEU A 1 60 ? 2.529   -1.381  -1.246  1.00 13.30 ? 81  LEU E CD1  1 
ATOM   455 C  CD2  . LEU A 1 60 ? 2.507   -3.144  0.514   1.00 13.37 ? 81  LEU E CD2  1 
ATOM   456 N  N    . GLY A 1 61 ? 5.535   -4.295  -3.254  1.00 12.43 ? 82  GLY E N    1 
ATOM   457 C  CA   . GLY A 1 61 ? 6.977   -4.137  -3.361  1.00 12.25 ? 82  GLY E CA   1 
ATOM   458 C  C    . GLY A 1 61 ? 7.422   -3.462  -4.634  1.00 12.89 ? 82  GLY E C    1 
ATOM   459 O  O    . GLY A 1 61 ? 8.290   -2.601  -4.612  1.00 13.15 ? 82  GLY E O    1 
ATOM   460 N  N    . GLU A 1 62 ? 6.805   -3.800  -5.756  1.00 13.79 ? 83  GLU E N    1 
ATOM   461 C  CA   . GLU A 1 62 ? 7.179   -3.153  -6.998  1.00 14.58 ? 83  GLU E CA   1 
ATOM   462 C  C    . GLU A 1 62 ? 6.934   -1.667  -6.904  1.00 14.34 ? 83  GLU E C    1 
ATOM   463 O  O    . GLU A 1 62 ? 7.744   -0.864  -7.363  1.00 15.13 ? 83  GLU E O    1 
ATOM   464 C  CB   . GLU A 1 62 ? 6.390   -3.751  -8.160  1.00 15.40 ? 83  GLU E CB   1 
ATOM   465 C  CG   . GLU A 1 62 ? 6.704   -5.204  -8.286  1.00 18.58 ? 83  GLU E CG   1 
ATOM   466 C  CD   . GLU A 1 62 ? 5.860   -5.928  -9.303  1.00 22.47 ? 83  GLU E CD   1 
ATOM   467 O  OE1  . GLU A 1 62 ? 5.713   -5.388  -10.424 1.00 25.66 ? 83  GLU E OE1  1 
ATOM   468 O  OE2  . GLU A 1 62 ? 5.373   -7.039  -8.974  1.00 23.86 ? 83  GLU E OE2  1 
ATOM   469 N  N    . LEU A 1 63 ? 5.808   -1.281  -6.322  1.00 13.94 ? 84  LEU E N    1 
ATOM   470 C  CA   . LEU A 1 63 ? 5.506   0.136   -6.226  1.00 15.13 ? 84  LEU E CA   1 
ATOM   471 C  C    . LEU A 1 63 ? 6.463   0.859   -5.294  1.00 15.01 ? 84  LEU E C    1 
ATOM   472 O  O    . LEU A 1 63 ? 6.837   2.000   -5.561  1.00 15.92 ? 84  LEU E O    1 
ATOM   473 C  CB   . LEU A 1 63 ? 4.076   0.378   -5.763  1.00 15.45 ? 84  LEU E CB   1 
ATOM   474 C  CG   . LEU A 1 63 ? 3.000   -0.124  -6.696  1.00 16.97 ? 84  LEU E CG   1 
ATOM   475 C  CD1  . LEU A 1 63 ? 1.660   0.413   -6.212  1.00 17.96 ? 84  LEU E CD1  1 
ATOM   476 C  CD2  . LEU A 1 63 ? 3.330   0.301   -8.124  1.00 19.22 ? 84  LEU E CD2  1 
ATOM   477 N  N    . LEU A 1 64 ? 6.846   0.212   -4.200  1.00 14.41 ? 85  LEU E N    1 
ATOM   478 C  CA   . LEU A 1 64 ? 7.763   0.820   -3.235  1.00 14.50 ? 85  LEU E CA   1 
ATOM   479 C  C    . LEU A 1 64 ? 9.182   0.778   -3.754  1.00 14.61 ? 85  LEU E C    1 
ATOM   480 O  O    . LEU A 1 64 ? 10.044  1.541   -3.323  1.00 14.70 ? 85  LEU E O    1 
ATOM   481 C  CB   . LEU A 1 64 ? 7.717   0.070   -1.911  1.00 14.07 ? 85  LEU E CB   1 
ATOM   482 C  CG   . LEU A 1 64 ? 6.444   0.182   -1.081  1.00 15.14 ? 85  LEU E CG   1 
ATOM   483 C  CD1  . LEU A 1 64 ? 6.547   -0.688  0.112   1.00 16.58 ? 85  LEU E CD1  1 
ATOM   484 C  CD2  . LEU A 1 64 ? 6.204   1.627   -0.683  1.00 16.15 ? 85  LEU E CD2  1 
ATOM   485 N  N    . GLY A 1 65 ? 9.442   -0.144  -4.662  1.00 15.28 ? 86  GLY E N    1 
ATOM   486 C  CA   . GLY A 1 65 ? 10.798  -0.389  -5.116  1.00 15.53 ? 86  GLY E CA   1 
ATOM   487 C  C    . GLY A 1 65 ? 11.672  -1.036  -4.057  1.00 16.33 ? 86  GLY E C    1 
ATOM   488 O  O    . GLY A 1 65 ? 12.893  -0.919  -4.104  1.00 16.55 ? 86  GLY E O    1 
ATOM   489 N  N    . ARG A 1 66 ? 11.059  -1.746  -3.119  1.00 16.42 ? 87  ARG E N    1 
ATOM   490 C  CA   . ARG A 1 66 ? 11.770  -2.259  -1.947  1.00 17.47 ? 87  ARG E CA   1 
ATOM   491 C  C    . ARG A 1 66 ? 11.238  -3.672  -1.667  1.00 16.07 ? 87  ARG E C    1 
ATOM   492 O  O    . ARG A 1 66 ? 10.091  -3.979  -2.004  1.00 15.93 ? 87  ARG E O    1 
ATOM   493 C  CB   . ARG A 1 66 ? 11.487  -1.318  -0.749  1.00 19.30 ? 87  ARG E CB   1 
ATOM   494 C  CG   . ARG A 1 66 ? 12.630  -0.488  -0.075  1.00 25.57 ? 87  ARG E CG   1 
ATOM   495 C  CD   . ARG A 1 66 ? 13.674  0.255   -0.927  1.00 32.57 ? 87  ARG E CD   1 
ATOM   496 N  NE   . ARG A 1 66 ? 14.214  1.090   0.159   1.00 38.20 ? 87  ARG E NE   1 
ATOM   497 N  N    . GLN A 1 67 ? 12.035  -4.526  -1.041  1.00 15.00 ? 88  GLN E N    1 
ATOM   498 C  CA   . GLN A 1 67 ? 11.609  -5.897  -0.778  1.00 14.73 ? 88  GLN E CA   1 
ATOM   499 C  C    . GLN A 1 67 ? 10.911  -6.038  0.573   1.00 14.16 ? 88  GLN E C    1 
ATOM   500 O  O    . GLN A 1 67 ? 10.223  -7.020  0.835   1.00 13.25 ? 88  GLN E O    1 
ATOM   501 C  CB   . GLN A 1 67 ? 12.788  -6.851  -0.870  1.00 15.83 ? 88  GLN E CB   1 
ATOM   502 C  CG   . GLN A 1 67 ? 13.841  -6.712  0.206   1.00 18.99 ? 88  GLN E CG   1 
ATOM   503 C  CD   . GLN A 1 67 ? 14.945  -7.722  0.022   1.00 22.05 ? 88  GLN E CD   1 
ATOM   504 O  OE1  . GLN A 1 67 ? 14.748  -8.758  -0.613  1.00 25.10 ? 88  GLN E OE1  1 
ATOM   505 N  NE2  . GLN A 1 67 ? 16.110  -7.431  0.571   1.00 24.60 ? 88  GLN E NE2  1 
ATOM   506 N  N    . SER A 1 68 ? 11.122  -5.063  1.441   1.00 14.35 ? 89  SER E N    1 
ATOM   507 C  CA   . SER A 1 68 ? 10.525  -5.072  2.760   1.00 14.94 ? 89  SER E CA   1 
ATOM   508 C  C    . SER A 1 68 ? 10.530  -3.660  3.247   1.00 14.00 ? 89  SER E C    1 
ATOM   509 O  O    . SER A 1 68 ? 11.229  -2.820  2.702   1.00 14.79 ? 89  SER E O    1 
ATOM   510 C  CB   . SER A 1 68 ? 11.347  -5.904  3.730   1.00 15.01 ? 89  SER E CB   1 
ATOM   511 O  OG   . SER A 1 68 ? 12.651  -5.376  3.855   1.00 18.20 ? 89  SER E OG   1 
ATOM   512 N  N    . PHE A 1 69 ? 9.727   -3.381  4.258   1.00 13.29 ? 90  PHE E N    1 
ATOM   513 C  CA   . PHE A 1 69 ? 9.821   -2.112  4.935   1.00 13.06 ? 90  PHE E CA   1 
ATOM   514 C  C    . PHE A 1 69 ? 9.276   -2.279  6.338   1.00 11.69 ? 90  PHE E C    1 
ATOM   515 O  O    . PHE A 1 69 ? 8.645   -3.292  6.659   1.00 11.70 ? 90  PHE E O    1 
ATOM   516 C  CB   . PHE A 1 69 ? 9.119   -0.999  4.168   1.00 13.35 ? 90  PHE E CB   1 
ATOM   517 C  CG   . PHE A 1 69 ? 7.628   -1.091  4.166   1.00 13.56 ? 90  PHE E CG   1 
ATOM   518 C  CD1  . PHE A 1 69 ? 6.896   -0.362  5.064   1.00 15.88 ? 90  PHE E CD1  1 
ATOM   519 C  CD2  . PHE A 1 69 ? 6.953   -1.859  3.235   1.00 13.19 ? 90  PHE E CD2  1 
ATOM   520 C  CE1  . PHE A 1 69 ? 5.527   -0.424  5.067   1.00 16.78 ? 90  PHE E CE1  1 
ATOM   521 C  CE2  . PHE A 1 69 ? 5.573   -1.921  3.252   1.00 14.17 ? 90  PHE E CE2  1 
ATOM   522 C  CZ   . PHE A 1 69 ? 4.869   -1.211  4.165   1.00 15.59 ? 90  PHE E CZ   1 
ATOM   523 N  N    . SER A 1 70 ? 9.595   -1.309  7.182   1.00 11.28 ? 91  SER E N    1 
ATOM   524 C  CA   . SER A 1 70 ? 9.155   -1.278  8.562   1.00 11.00 ? 91  SER E CA   1 
ATOM   525 C  C    . SER A 1 70 ? 8.135   -0.198  8.727   1.00 11.06 ? 91  SER E C    1 
ATOM   526 O  O    . SER A 1 70 ? 8.383   0.958   8.407   1.00 10.63 ? 91  SER E O    1 
ATOM   527 C  CB   . SER A 1 70 ? 10.325  -0.943  9.478   1.00 10.57 ? 91  SER E CB   1 
ATOM   528 O  OG   . SER A 1 70 ? 9.873   -0.732  10.793  1.00 10.09 ? 91  SER E OG   1 
ATOM   529 N  N    . VAL A 1 71 ? 6.994   -0.547  9.282   1.00 10.68 ? 92  VAL E N    1 
ATOM   530 C  CA   . VAL A 1 71 ? 5.966   0.441   9.523   1.00 11.71 ? 92  VAL E CA   1 
ATOM   531 C  C    . VAL A 1 71 ? 6.419   1.451   10.595  1.00 11.98 ? 92  VAL E C    1 
ATOM   532 O  O    . VAL A 1 71 ? 5.904   2.554   10.670  1.00 12.58 ? 92  VAL E O    1 
ATOM   533 C  CB   . VAL A 1 71 ? 4.655   -0.264  9.883   1.00 12.31 ? 92  VAL E CB   1 
ATOM   534 C  CG1  . VAL A 1 71 ? 3.583   0.746   10.192  1.00 14.11 ? 92  VAL E CG1  1 
ATOM   535 C  CG2  . VAL A 1 71 ? 4.228   -1.174  8.721   1.00 12.14 ? 92  VAL E CG2  1 
ATOM   536 N  N    . LYS A 1 72 ? 7.390   1.056   11.405  1.00 12.25 ? 93  LYS E N    1 
ATOM   537 C  CA   . LYS A 1 72 ? 8.001   1.943   12.377  1.00 13.05 ? 93  LYS E CA   1 
ATOM   538 C  C    . LYS A 1 72 ? 8.903   3.019   11.774  1.00 13.70 ? 93  LYS E C    1 
ATOM   539 O  O    . LYS A 1 72 ? 9.202   4.024   12.430  1.00 14.69 ? 93  LYS E O    1 
ATOM   540 C  CB   . LYS A 1 72 ? 8.774   1.113   13.380  1.00 13.66 ? 93  LYS E CB   1 
ATOM   541 C  CG   . LYS A 1 72 ? 7.879   0.414   14.386  1.00 16.32 ? 93  LYS E CG   1 
ATOM   542 C  CD   . LYS A 1 72 ? 8.723   -0.176  15.495  1.00 19.79 ? 93  LYS E CD   1 
ATOM   543 C  CE   . LYS A 1 72 ? 7.942   -1.096  16.361  1.00 22.43 ? 93  LYS E CE   1 
ATOM   544 N  NZ   . LYS A 1 72 ? 6.889   -0.348  17.064  1.00 23.88 ? 93  LYS E NZ   1 
ATOM   545 N  N    . ASP A 1 73 ? 9.335   2.826   10.536  1.00 13.43 ? 94  ASP E N    1 
ATOM   546 C  CA   . ASP A 1 73 ? 10.111  3.839   9.828   1.00 14.48 ? 94  ASP E CA   1 
ATOM   547 C  C    . ASP A 1 73 ? 9.831   3.699   8.334   1.00 13.95 ? 94  ASP E C    1 
ATOM   548 O  O    . ASP A 1 73 ? 10.641  3.166   7.574   1.00 14.14 ? 94  ASP E O    1 
ATOM   549 C  CB   . ASP A 1 73 ? 11.590  3.697   10.148  1.00 15.06 ? 94  ASP E CB   1 
ATOM   550 C  CG   . ASP A 1 73 ? 12.386  4.903   9.705   1.00 18.00 ? 94  ASP E CG   1 
ATOM   551 O  OD1  . ASP A 1 73 ? 11.822  5.722   8.960   1.00 19.70 ? 94  ASP E OD1  1 
ATOM   552 O  OD2  . ASP A 1 73 ? 13.561  5.024   10.115  1.00 25.31 ? 94  ASP E OD2  1 
ATOM   553 N  N    . PRO A 1 74 ? 8.654   4.146   7.927   1.00 13.77 ? 95  PRO E N    1 
ATOM   554 C  CA   . PRO A 1 74 ? 8.087   3.777   6.638   1.00 13.92 ? 95  PRO E CA   1 
ATOM   555 C  C    . PRO A 1 74 ? 8.481   4.688   5.477   1.00 14.55 ? 95  PRO E C    1 
ATOM   556 O  O    . PRO A 1 74 ? 7.699   4.888   4.567   1.00 13.50 ? 95  PRO E O    1 
ATOM   557 C  CB   . PRO A 1 74 ? 6.591   3.876   6.907   1.00 14.19 ? 95  PRO E CB   1 
ATOM   558 C  CG   . PRO A 1 74 ? 6.506   4.982   7.865   1.00 13.16 ? 95  PRO E CG   1 
ATOM   559 C  CD   . PRO A 1 74 ? 7.663   4.841   8.766   1.00 13.46 ? 95  PRO E CD   1 
ATOM   560 N  N    . SER A 1 75 ? 9.701   5.197   5.504   1.00 15.65 ? 96  SER E N    1 
ATOM   561 C  CA   . SER A 1 75 ? 10.203  6.118   4.464   1.00 16.25 ? 96  SER E CA   1 
ATOM   562 C  C    . SER A 1 75 ? 9.842   5.852   2.990   1.00 16.30 ? 96  SER E C    1 
ATOM   563 O  O    . SER A 1 75 ? 9.486   6.787   2.276   1.00 15.84 ? 96  SER E O    1 
ATOM   564 C  CB   . SER A 1 75 ? 11.723  6.217   4.584   1.00 16.44 ? 96  SER E CB   1 
ATOM   565 O  OG   . SER A 1 75 ? 12.071  6.802   5.829   1.00 19.45 ? 96  SER E OG   1 
ATOM   566 N  N    . PRO A 1 76 ? 9.969   4.604   2.512   1.00 16.30 ? 97  PRO E N    1 
ATOM   567 C  CA   . PRO A 1 76 ? 9.719   4.381   1.082   1.00 16.71 ? 97  PRO E CA   1 
ATOM   568 C  C    . PRO A 1 76 ? 8.286   4.640   0.678   1.00 16.58 ? 97  PRO E C    1 
ATOM   569 O  O    . PRO A 1 76 ? 7.998   4.852   -0.482  1.00 16.34 ? 97  PRO E O    1 
ATOM   570 C  CB   . PRO A 1 76 ? 10.051  2.907   0.878   1.00 17.05 ? 97  PRO E CB   1 
ATOM   571 C  CG   . PRO A 1 76 ? 10.558  2.402   2.142   1.00 17.36 ? 97  PRO E CG   1 
ATOM   572 C  CD   . PRO A 1 76 ? 10.389  3.386   3.215   1.00 16.58 ? 97  PRO E CD   1 
ATOM   573 N  N    . LEU A 1 77 ? 7.372   4.635   1.627   1.00 16.34 ? 98  LEU E N    1 
ATOM   574 C  CA   . LEU A 1 77 ? 5.995   4.833   1.265   1.00 17.32 ? 98  LEU E CA   1 
ATOM   575 C  C    . LEU A 1 77 ? 5.763   6.188   0.621   1.00 15.97 ? 98  LEU E C    1 
ATOM   576 O  O    . LEU A 1 77 ? 4.900   6.321   -0.245  1.00 15.70 ? 98  LEU E O    1 
ATOM   577 C  CB   . LEU A 1 77 ? 5.103   4.757   2.491   1.00 18.35 ? 98  LEU E CB   1 
ATOM   578 C  CG   . LEU A 1 77 ? 4.140   3.606   2.700   1.00 22.70 ? 98  LEU E CG   1 
ATOM   579 C  CD1  . LEU A 1 77 ? 4.753   2.259   2.351   1.00 25.23 ? 98  LEU E CD1  1 
ATOM   580 C  CD2  . LEU A 1 77 ? 3.699   3.662   4.139   1.00 23.42 ? 98  LEU E CD2  1 
ATOM   581 N  N    . TYR A 1 78 ? 6.479   7.212   1.072   1.00 14.74 ? 99  TYR E N    1 
ATOM   582 C  CA   . TYR A 1 78 ? 6.084   8.568   0.757   1.00 14.77 ? 99  TYR E CA   1 
ATOM   583 C  C    . TYR A 1 78 ? 6.229   8.833   -0.720  1.00 15.13 ? 99  TYR E C    1 
ATOM   584 O  O    . TYR A 1 78 ? 5.300   9.324   -1.362  1.00 15.27 ? 99  TYR E O    1 
ATOM   585 C  CB   . TYR A 1 78 ? 6.886   9.569   1.590   1.00 14.45 ? 99  TYR E CB   1 
ATOM   586 C  CG   . TYR A 1 78 ? 6.807   9.287   3.073   1.00 14.31 ? 99  TYR E CG   1 
ATOM   587 C  CD1  . TYR A 1 78 ? 7.943   9.271   3.841   1.00 15.18 ? 99  TYR E CD1  1 
ATOM   588 C  CD2  . TYR A 1 78 ? 5.600   8.995   3.683   1.00 14.46 ? 99  TYR E CD2  1 
ATOM   589 C  CE1  . TYR A 1 78 ? 7.886   9.008   5.178   1.00 15.67 ? 99  TYR E CE1  1 
ATOM   590 C  CE2  . TYR A 1 78 ? 5.527   8.730   5.021   1.00 13.80 ? 99  TYR E CE2  1 
ATOM   591 C  CZ   . TYR A 1 78 ? 6.675   8.729   5.766   1.00 14.59 ? 99  TYR E CZ   1 
ATOM   592 O  OH   . TYR A 1 78 ? 6.622   8.453   7.107   1.00 15.10 ? 99  TYR E OH   1 
ATOM   593 N  N    . ASP A 1 79 ? 7.371   8.467   -1.279  1.00 16.26 ? 100 ASP E N    1 
ATOM   594 C  CA   . ASP A 1 79 ? 7.542   8.664   -2.710  1.00 17.92 ? 100 ASP E CA   1 
ATOM   595 C  C    . ASP A 1 79 ? 6.628   7.802   -3.545  1.00 17.42 ? 100 ASP E C    1 
ATOM   596 O  O    . ASP A 1 79 ? 6.208   8.216   -4.635  1.00 17.64 ? 100 ASP E O    1 
ATOM   597 C  CB   . ASP A 1 79 ? 8.984   8.489   -3.137  1.00 19.32 ? 100 ASP E CB   1 
ATOM   598 C  CG   . ASP A 1 79 ? 9.597   9.793   -3.543  1.00 25.16 ? 100 ASP E CG   1 
ATOM   599 O  OD1  . ASP A 1 79 ? 9.857   10.630  -2.644  1.00 29.81 ? 100 ASP E OD1  1 
ATOM   600 O  OD2  . ASP A 1 79 ? 9.772   9.994   -4.765  1.00 29.82 ? 100 ASP E OD2  1 
ATOM   601 N  N    . MET A 1 80 ? 6.306   6.614   -3.046  1.00 16.17 ? 101 MET E N    1 
ATOM   602 C  CA   . MET A 1 80 ? 5.401   5.758   -3.769  1.00 16.02 ? 101 MET E CA   1 
ATOM   603 C  C    . MET A 1 80 ? 4.072   6.473   -3.942  1.00 16.23 ? 101 MET E C    1 
ATOM   604 O  O    . MET A 1 80 ? 3.515   6.488   -5.036  1.00 15.85 ? 101 MET E O    1 
ATOM   605 C  CB   . MET A 1 80 ? 5.247   4.410   -3.054  1.00 15.85 ? 101 MET E CB   1 
ATOM   606 C  CG   . MET A 1 80 ? 4.381   3.394   -3.776  1.00 17.04 ? 101 MET E CG   1 
ATOM   607 S  SD   . MET A 1 80 ? 2.643   3.668   -3.482  1.00 19.52 ? 101 MET E SD   1 
ATOM   608 C  CE   . MET A 1 80 ? 2.509   2.668   -2.024  1.00 22.41 ? 101 MET E CE   1 
ATOM   609 N  N    . LEU A 1 81 ? 3.553   7.066   -2.872  1.00 16.18 ? 102 LEU E N    1 
ATOM   610 C  CA   . LEU A 1 81 ? 2.271   7.725   -2.922  1.00 17.19 ? 102 LEU E CA   1 
ATOM   611 C  C    . LEU A 1 81 ? 2.333   8.921   -3.854  1.00 18.04 ? 102 LEU E C    1 
ATOM   612 O  O    . LEU A 1 81 ? 1.405   9.138   -4.630  1.00 18.17 ? 102 LEU E O    1 
ATOM   613 C  CB   . LEU A 1 81 ? 1.820   8.142   -1.522  1.00 17.58 ? 102 LEU E CB   1 
ATOM   614 C  CG   . LEU A 1 81 ? 1.570   6.982   -0.558  1.00 19.93 ? 102 LEU E CG   1 
ATOM   615 C  CD1  . LEU A 1 81 ? 1.383   7.494   0.865   1.00 21.52 ? 102 LEU E CD1  1 
ATOM   616 C  CD2  . LEU A 1 81 ? 0.372   6.195   -1.000  1.00 20.94 ? 102 LEU E CD2  1 
ATOM   617 N  N    . ARG A 1 82 ? 3.416   9.687   -3.798  1.00 19.00 ? 103 ARG E N    1 
ATOM   618 C  CA   . ARG A 1 82 ? 3.586   10.807  -4.733  1.00 20.43 ? 103 ARG E CA   1 
ATOM   619 C  C    . ARG A 1 82 ? 3.503   10.327  -6.193  1.00 20.19 ? 103 ARG E C    1 
ATOM   620 O  O    . ARG A 1 82 ? 2.877   10.986  -7.033  1.00 20.70 ? 103 ARG E O    1 
ATOM   621 C  CB   . ARG A 1 82 ? 4.903   11.565  -4.486  1.00 21.50 ? 103 ARG E CB   1 
ATOM   622 C  CG   . ARG A 1 82 ? 5.127   12.753  -5.444  1.00 26.47 ? 103 ARG E CG   1 
ATOM   623 C  CD   . ARG A 1 82 ? 6.539   13.323  -5.353  1.00 33.76 ? 103 ARG E CD   1 
ATOM   624 N  NE   . ARG A 1 82 ? 7.568   12.306  -5.562  1.00 38.73 ? 103 ARG E NE   1 
ATOM   625 C  CZ   . ARG A 1 82 ? 8.338   12.169  -6.640  1.00 45.26 ? 103 ARG E CZ   1 
ATOM   626 N  NH1  . ARG A 1 82 ? 8.259   12.981  -7.691  1.00 47.64 ? 103 ARG E NH1  1 
ATOM   627 N  NH2  . ARG A 1 82 ? 9.222   11.185  -6.654  1.00 46.84 ? 103 ARG E NH2  1 
ATOM   628 N  N    . LYS A 1 83 ? 4.112   9.182   -6.490  1.00 19.39 ? 104 LYS E N    1 
ATOM   629 C  CA   . LYS A 1 83 ? 4.170   8.668   -7.860  1.00 19.56 ? 104 LYS E CA   1 
ATOM   630 C  C    . LYS A 1 83 ? 2.851   8.027   -8.307  1.00 19.12 ? 104 LYS E C    1 
ATOM   631 O  O    . LYS A 1 83 ? 2.566   7.925   -9.514  1.00 19.09 ? 104 LYS E O    1 
ATOM   632 C  CB   . LYS A 1 83 ? 5.305   7.648   -7.981  1.00 19.92 ? 104 LYS E CB   1 
ATOM   633 C  CG   . LYS A 1 83 ? 6.684   8.261   -7.912  1.00 23.13 ? 104 LYS E CG   1 
ATOM   634 C  CD   . LYS A 1 83 ? 7.767   7.199   -7.969  1.00 26.69 ? 104 LYS E CD   1 
ATOM   635 C  CE   . LYS A 1 83 ? 9.112   7.810   -8.305  1.00 29.36 ? 104 LYS E CE   1 
ATOM   636 N  N    . ASN A 1 84 ? 2.043   7.595   -7.351  1.00 18.13 ? 105 ASN E N    1 
ATOM   637 C  CA   . ASN A 1 84 ? 0.877   6.797   -7.692  1.00 18.44 ? 105 ASN E CA   1 
ATOM   638 C  C    . ASN A 1 84 ? -0.453  7.441   -7.423  1.00 19.54 ? 105 ASN E C    1 
ATOM   639 O  O    . ASN A 1 84 ? -1.501  6.840   -7.635  1.00 19.13 ? 105 ASN E O    1 
ATOM   640 C  CB   . ASN A 1 84 ? 0.956   5.443   -7.015  1.00 17.95 ? 105 ASN E CB   1 
ATOM   641 C  CG   . ASN A 1 84 ? 1.951   4.574   -7.674  1.00 17.40 ? 105 ASN E CG   1 
ATOM   642 O  OD1  . ASN A 1 84 ? 1.648   3.949   -8.692  1.00 17.83 ? 105 ASN E OD1  1 
ATOM   643 N  ND2  . ASN A 1 84 ? 3.173   4.589   -7.182  1.00 15.67 ? 105 ASN E ND2  1 
ATOM   644 N  N    . LEU A 1 85 ? -0.415  8.687   -6.994  1.00 21.42 ? 106 LEU E N    1 
ATOM   645 C  CA   . LEU A 1 85 ? -1.643  9.402   -6.758  1.00 23.41 ? 106 LEU E CA   1 
ATOM   646 C  C    . LEU A 1 85 ? -1.655  10.634  -7.632  1.00 25.20 ? 106 LEU E C    1 
ATOM   647 O  O    . LEU A 1 85 ? -0.767  11.469  -7.557  1.00 25.72 ? 106 LEU E O    1 
ATOM   648 C  CB   . LEU A 1 85 ? -1.775  9.784   -5.283  1.00 23.21 ? 106 LEU E CB   1 
ATOM   649 C  CG   . LEU A 1 85 ? -1.878  8.654   -4.250  1.00 23.37 ? 106 LEU E CG   1 
ATOM   650 C  CD1  . LEU A 1 85 ? -1.878  9.266   -2.859  1.00 24.06 ? 106 LEU E CD1  1 
ATOM   651 C  CD2  . LEU A 1 85 ? -3.093  7.746   -4.431  1.00 22.94 ? 106 LEU E CD2  1 
ATOM   652 N  N    . VAL A 1 86 ? -2.640  10.689  -8.519  1.00 27.26 ? 107 VAL E N    1 
ATOM   653 C  CA   . VAL A 1 86 ? -2.945  11.894  -9.282  1.00 28.64 ? 107 VAL E CA   1 
ATOM   654 C  C    . VAL A 1 86 ? -4.041  12.760  -8.642  1.00 28.95 ? 107 VAL E C    1 
ATOM   655 O  O    . VAL A 1 86 ? -5.149  12.301  -8.359  1.00 28.75 ? 107 VAL E O    1 
ATOM   656 C  CB   . VAL A 1 86 ? -3.346  11.528  -10.720 1.00 28.87 ? 107 VAL E CB   1 
ATOM   657 C  CG1  . VAL A 1 86 ? -3.360  12.772  -11.569 1.00 29.26 ? 107 VAL E CG1  1 
ATOM   658 C  CG2  . VAL A 1 86 ? -2.371  10.490  -11.307 1.00 29.64 ? 107 VAL E CG2  1 
HETATM 659 C  C1   . WW8 B 2 .  ? -0.434  1.584   5.230   1.00 10.00 ? 1   WW8 E C1   1 
HETATM 660 C  C2   . WW8 B 2 .  ? 0.828   1.058   4.980   1.00 10.43 ? 1   WW8 E C2   1 
HETATM 661 CL CL3  . WW8 B 2 .  ? 1.485   1.117   3.385   1.00 14.45 ? 1   WW8 E CL3  1 
HETATM 662 C  C4   . WW8 B 2 .  ? 1.573   0.505   6.016   1.00 11.99 ? 1   WW8 E C4   1 
HETATM 663 C  C5   . WW8 B 2 .  ? 1.060   0.445   7.315   1.00 11.32 ? 1   WW8 E C5   1 
HETATM 664 C  C6   . WW8 B 2 .  ? -0.200  0.978   7.559   1.00 9.86  ? 1   WW8 E C6   1 
HETATM 665 C  C7   . WW8 B 2 .  ? -0.941  1.516   6.513   1.00 9.92  ? 1   WW8 E C7   1 
HETATM 666 N  N8   . WW8 B 2 .  ? -2.074  1.961   6.996   1.00 10.18 ? 1   WW8 E N8   1 
HETATM 667 C  C9   . WW8 B 2 .  ? -2.134  1.707   8.290   1.00 10.72 ? 1   WW8 E C9   1 
HETATM 668 C  C10  . WW8 B 2 .  ? -3.364  2.128   9.044   1.00 12.06 ? 1   WW8 E C10  1 
HETATM 669 O  O11  . WW8 B 2 .  ? -3.961  3.123   8.619   1.00 14.69 ? 1   WW8 E O11  1 
HETATM 670 N  N12  . WW8 B 2 .  ? -3.847  1.488   10.087  1.00 13.98 ? 1   WW8 E N12  1 
HETATM 671 C  C13  . WW8 B 2 .  ? -3.325  0.221   10.629  1.00 14.12 ? 1   WW8 E C13  1 
HETATM 672 C  C14  . WW8 B 2 .  ? -4.566  -0.325  11.312  1.00 14.64 ? 1   WW8 E C14  1 
HETATM 673 N  N15  . WW8 B 2 .  ? -4.245  -1.400  12.245  1.00 15.24 ? 1   WW8 E N15  1 
HETATM 674 C  C16  . WW8 B 2 .  ? -3.397  -2.494  11.798  1.00 15.91 ? 1   WW8 E C16  1 
HETATM 675 C  C17  . WW8 B 2 .  ? -2.621  -3.206  12.896  1.00 15.55 ? 1   WW8 E C17  1 
HETATM 676 C  C18  . WW8 B 2 .  ? -1.838  -4.260  12.134  1.00 14.39 ? 1   WW8 E C18  1 
HETATM 677 N  N19  . WW8 B 2 .  ? -1.408  -5.376  12.942  1.00 15.40 ? 1   WW8 E N19  1 
HETATM 678 C  C20  . WW8 B 2 .  ? -0.762  -6.553  12.435  1.00 15.19 ? 1   WW8 E C20  1 
HETATM 679 C  C21  . WW8 B 2 .  ? -0.301  -4.829  13.729  1.00 15.56 ? 1   WW8 E C21  1 
HETATM 680 C  C22  . WW8 B 2 .  ? -5.180  -1.615  13.339  1.00 15.19 ? 1   WW8 E C22  1 
HETATM 681 C  C23  . WW8 B 2 .  ? -5.254  0.909   11.922  1.00 14.88 ? 1   WW8 E C23  1 
HETATM 682 C  C24  . WW8 B 2 .  ? -5.073  1.935   10.792  1.00 14.65 ? 1   WW8 E C24  1 
HETATM 683 C  C25  . WW8 B 2 .  ? -0.982  1.049   8.700   1.00 10.19 ? 1   WW8 E C25  1 
HETATM 684 C  C26  . WW8 B 2 .  ? -0.511  0.699   9.977   1.00 11.81 ? 1   WW8 E C26  1 
HETATM 685 C  C27  . WW8 B 2 .  ? 0.020   -0.496  10.462  1.00 10.76 ? 1   WW8 E C27  1 
HETATM 686 C  C28  . WW8 B 2 .  ? 0.036   -1.767  9.898   1.00 9.77  ? 1   WW8 E C28  1 
HETATM 687 C  C29  . WW8 B 2 .  ? 0.991   -2.662  10.365  1.00 9.65  ? 1   WW8 E C29  1 
HETATM 688 C  C30  . WW8 B 2 .  ? 1.025   -3.972  9.883   1.00 10.52 ? 1   WW8 E C30  1 
HETATM 689 C  C31  . WW8 B 2 .  ? 0.100   -4.379  8.910   1.00 10.58 ? 1   WW8 E C31  1 
HETATM 690 C  C32  . WW8 B 2 .  ? -0.843  -3.459  8.454   1.00 12.09 ? 1   WW8 E C32  1 
HETATM 691 C  C33  . WW8 B 2 .  ? -0.871  -2.153  8.925   1.00 11.05 ? 1   WW8 E C33  1 
HETATM 692 N  N34  . WW8 B 2 .  ? 0.433   -0.294  11.723  1.00 11.59 ? 1   WW8 E N34  1 
HETATM 693 C  C35  . WW8 B 2 .  ? 0.253   0.986   12.014  1.00 12.86 ? 1   WW8 E C35  1 
HETATM 694 N  N36  . WW8 B 2 .  ? -0.288  1.577   10.971  1.00 12.03 ? 1   WW8 E N36  1 
HETATM 695 C  C37  . WW8 B 2 .  ? -0.601  3.004   10.964  1.00 12.13 ? 1   WW8 E C37  1 
HETATM 696 C  C38  . WW8 B 2 .  ? 0.346   3.730   9.982   1.00 12.94 ? 1   WW8 E C38  1 
HETATM 697 C  C39  . WW8 B 2 .  ? -0.188  4.527   8.983   1.00 14.78 ? 1   WW8 E C39  1 
HETATM 698 C  C40  . WW8 B 2 .  ? 0.637   5.193   8.082   1.00 16.70 ? 1   WW8 E C40  1 
HETATM 699 C  C41  . WW8 B 2 .  ? 2.016   5.055   8.145   1.00 16.77 ? 1   WW8 E C41  1 
HETATM 700 CL CL42 . WW8 B 2 .  ? 3.062   5.869   7.028   1.00 19.06 ? 1   WW8 E CL42 1 
HETATM 701 C  C43  . WW8 B 2 .  ? 2.555   4.249   9.124   1.00 15.82 ? 1   WW8 E C43  1 
HETATM 702 C  C44  . WW8 B 2 .  ? 1.725   3.571   10.035  1.00 14.06 ? 1   WW8 E C44  1 
HETATM 703 C  C1   . WW8 C 2 .  ? 4.650   14.109  -1.936  1.00 21.54 ? 112 WW8 E C1   1 
HETATM 704 C  C2   . WW8 C 2 .  ? 4.959   12.875  -1.342  1.00 24.94 ? 112 WW8 E C2   1 
HETATM 705 CL CL3  . WW8 C 2 .  ? 6.576   12.191  -1.415  1.00 29.62 ? 112 WW8 E CL3  1 
HETATM 706 C  C4   . WW8 C 2 .  ? 3.938   12.176  -0.675  1.00 23.50 ? 112 WW8 E C4   1 
HETATM 707 C  C5   . WW8 C 2 .  ? 2.640   12.699  -0.606  1.00 24.95 ? 112 WW8 E C5   1 
HETATM 708 C  C6   . WW8 C 2 .  ? 2.347   13.928  -1.194  1.00 24.27 ? 112 WW8 E C6   1 
HETATM 709 C  C7   . WW8 C 2 .  ? 3.353   14.627  -1.863  1.00 22.91 ? 112 WW8 E C7   1 
HETATM 710 N  N8   . WW8 C 2 .  ? 2.814   15.749  -2.326  1.00 24.72 ? 112 WW8 E N8   1 
HETATM 711 C  C9   . WW8 C 2 .  ? 1.520   15.820  -2.008  1.00 24.50 ? 112 WW8 E C9   1 
HETATM 712 C  C10  . WW8 C 2 .  ? 0.726   17.057  -2.444  1.00 25.48 ? 112 WW8 E C10  1 
HETATM 713 O  O11  . WW8 C 2 .  ? 0.294   17.785  -1.566  1.00 28.05 ? 112 WW8 E O11  1 
HETATM 714 N  N12  . WW8 C 2 .  ? 0.634   17.439  -3.730  1.00 26.60 ? 112 WW8 E N12  1 
HETATM 715 C  C13  . WW8 C 2 .  ? 1.173   16.635  -4.830  1.00 27.11 ? 112 WW8 E C13  1 
HETATM 716 C  C14  . WW8 C 2 .  ? 1.520   17.708  -5.874  1.00 24.61 ? 112 WW8 E C14  1 
HETATM 717 N  N15  . WW8 C 2 .  ? 2.078   17.110  -7.181  1.00 25.40 ? 112 WW8 E N15  1 
HETATM 718 C  C16  . WW8 C 2 .  ? 2.782   15.793  -7.270  1.00 25.58 ? 112 WW8 E C16  1 
HETATM 719 C  C17  . WW8 C 2 .  ? 3.382   15.239  -8.639  1.00 23.94 ? 112 WW8 E C17  1 
HETATM 720 C  C18  . WW8 C 2 .  ? 4.531   14.188  -8.401  1.00 24.78 ? 112 WW8 E C18  1 
HETATM 721 N  N19  . WW8 C 2 .  ? 5.008   13.388  -9.582  1.00 24.37 ? 112 WW8 E N19  1 
HETATM 722 C  C20  . WW8 C 2 .  ? 6.237   12.784  -9.043  1.00 27.48 ? 112 WW8 E C20  1 
HETATM 723 C  C21  . WW8 C 2 .  ? 4.091   12.343  -10.129 1.00 24.17 ? 112 WW8 E C21  1 
HETATM 724 C  C22  . WW8 C 2 .  ? 1.865   17.785  -8.484  1.00 27.82 ? 112 WW8 E C22  1 
HETATM 725 C  C23  . WW8 C 2 .  ? 0.169   18.470  -5.849  0.50 24.78 ? 112 WW8 E C23  1 
HETATM 726 C  C24  . WW8 C 2 .  ? -0.044  18.627  -4.310  1.00 22.33 ? 112 WW8 E C24  1 
HETATM 727 C  C25  . WW8 C 2 .  ? 1.185   14.672  -1.269  0.50 23.27 ? 112 WW8 E C25  1 
HETATM 728 C  C26  . WW8 C 2 .  ? 0.022   14.184  -0.656  1.00 25.80 ? 112 WW8 E C26  1 
HETATM 729 C  C27  . WW8 C 2 .  ? -1.224  13.894  -1.239  1.00 26.33 ? 112 WW8 E C27  1 
HETATM 730 C  C28  . WW8 C 2 .  ? -1.634  14.071  -2.567  1.00 25.55 ? 112 WW8 E C28  1 
HETATM 731 C  C29  . WW8 C 2 .  ? -2.646  13.257  -3.085  1.00 25.27 ? 112 WW8 E C29  1 
HETATM 732 C  C30  . WW8 C 2 .  ? -3.079  13.425  -4.405  1.00 26.21 ? 112 WW8 E C30  1 
HETATM 733 C  C31  . WW8 C 2 .  ? -2.522  14.407  -5.208  1.00 25.09 ? 112 WW8 E C31  1 
HETATM 734 C  C32  . WW8 C 2 .  ? -1.533  15.232  -4.689  1.00 28.04 ? 112 WW8 E C32  1 
HETATM 735 C  C33  . WW8 C 2 .  ? -1.094  15.069  -3.375  1.00 26.57 ? 112 WW8 E C33  1 
HETATM 736 N  N34  . WW8 C 2 .  ? -1.997  13.416  -0.264  1.00 27.27 ? 112 WW8 E N34  1 
HETATM 737 C  C35  . WW8 C 2 .  ? -1.305  13.373  0.888   1.00 27.30 ? 112 WW8 E C35  1 
HETATM 738 N  N36  . WW8 C 2 .  ? -0.062  13.823  0.649   1.00 26.38 ? 112 WW8 E N36  1 
HETATM 739 C  C37  . WW8 C 2 .  ? 1.062   13.991  1.653   1.00 25.19 ? 112 WW8 E C37  1 
HETATM 740 C  C38  . WW8 C 2 .  ? 1.369   12.836  2.628   1.00 23.89 ? 112 WW8 E C38  1 
HETATM 741 C  C39  . WW8 C 2 .  ? 2.664   12.694  3.145   1.00 24.61 ? 112 WW8 E C39  1 
HETATM 742 C  C40  . WW8 C 2 .  ? 2.948   11.666  4.021   1.00 24.46 ? 112 WW8 E C40  1 
HETATM 743 C  C41  . WW8 C 2 .  ? 1.931   10.801  4.378   1.00 26.07 ? 112 WW8 E C41  1 
HETATM 744 CL CL42 . WW8 C 2 .  ? 2.345   9.553   5.452   0.50 30.46 ? 112 WW8 E CL42 1 
HETATM 745 C  C43  . WW8 C 2 .  ? 0.641   10.921  3.867   1.00 24.25 ? 112 WW8 E C43  1 
HETATM 746 C  C44  . WW8 C 2 .  ? 0.354   11.958  2.982   1.00 24.55 ? 112 WW8 E C44  1 
HETATM 747 S  S    . SO4 D 3 .  ? -2.286  -13.885 14.603  0.33 56.79 ? 113 SO4 E S    1 
HETATM 748 O  O1   . SO4 D 3 .  ? -1.763  -12.609 15.096  0.33 56.48 ? 113 SO4 E O1   1 
HETATM 749 O  O2   . SO4 D 3 .  ? -3.463  -14.299 15.379  0.33 52.13 ? 113 SO4 E O2   1 
HETATM 750 O  O3   . SO4 D 3 .  ? -2.623  -13.727 13.181  0.33 57.56 ? 113 SO4 E O3   1 
HETATM 751 O  O4   . SO4 D 3 .  ? -1.211  -14.831 14.765  0.33 54.30 ? 113 SO4 E O4   1 
HETATM 752 O  O    . HOH E 4 .  ? 0.640   -12.339 7.942   1.00 11.55 ? 7   HOH E O    1 
HETATM 753 O  O    . HOH E 4 .  ? 4.217   -10.682 17.071  1.00 12.35 ? 8   HOH E O    1 
HETATM 754 O  O    . HOH E 4 .  ? 3.320   -13.646 6.681   1.00 15.69 ? 9   HOH E O    1 
HETATM 755 O  O    . HOH E 4 .  ? -5.653  0.036   7.773   1.00 16.68 ? 11  HOH E O    1 
HETATM 756 O  O    . HOH E 4 .  ? 11.880  -8.614  10.296  1.00 14.69 ? 12  HOH E O    1 
HETATM 757 O  O    . HOH E 4 .  ? 1.588   -11.444 -2.352  1.00 12.91 ? 13  HOH E O    1 
HETATM 758 O  O    . HOH E 4 .  ? 11.194  0.996   6.295   1.00 17.97 ? 14  HOH E O    1 
HETATM 759 O  O    . HOH E 4 .  ? 0.832   -16.242 15.233  0.33 13.41 ? 15  HOH E O    1 
HETATM 760 O  O    . HOH E 4 .  ? 9.880   8.224   0.196   1.00 19.91 ? 16  HOH E O    1 
HETATM 761 O  O    . HOH E 4 .  ? 0.137   -12.806 -0.334  1.00 15.11 ? 17  HOH E O    1 
HETATM 762 O  O    . HOH E 4 .  ? -8.224  3.461   -13.929 1.00 19.82 ? 18  HOH E O    1 
HETATM 763 O  O    . HOH E 4 .  ? 6.066   -10.448 -0.946  1.00 17.61 ? 19  HOH E O    1 
HETATM 764 O  O    . HOH E 4 .  ? 4.553   -16.958 12.719  1.00 22.19 ? 20  HOH E O    1 
HETATM 765 O  O    . HOH E 4 .  ? -3.713  5.728   8.311   1.00 19.88 ? 21  HOH E O    1 
HETATM 766 O  O    . HOH E 4 .  ? -1.595  -11.928 -5.616  1.00 11.93 ? 114 HOH E O    1 
HETATM 767 O  O    . HOH E 4 .  ? 14.204  5.768   6.854   1.00 26.15 ? 115 HOH E O    1 
HETATM 768 O  O    . HOH E 4 .  ? -8.735  -0.059  13.674  1.00 36.25 ? 116 HOH E O    1 
HETATM 769 O  O    . HOH E 4 .  ? -11.431 3.089   3.798   1.00 44.27 ? 117 HOH E O    1 
HETATM 770 O  O    . HOH E 4 .  ? 4.259   -12.266 -2.052  1.00 14.34 ? 118 HOH E O    1 
HETATM 771 O  O    . HOH E 4 .  ? -6.898  -3.562  10.251  1.00 38.65 ? 119 HOH E O    1 
HETATM 772 O  O    . HOH E 4 .  ? 13.694  -0.326  8.495   1.00 43.39 ? 120 HOH E O    1 
HETATM 773 O  O    . HOH E 4 .  ? -7.178  13.503  0.471   1.00 24.48 ? 121 HOH E O    1 
HETATM 774 O  O    . HOH E 4 .  ? 14.667  5.287   -4.267  1.00 44.91 ? 122 HOH E O    1 
HETATM 775 O  O    . HOH E 4 .  ? -14.293 13.613  0.984   1.00 51.34 ? 123 HOH E O    1 
HETATM 776 O  O    . HOH E 4 .  ? -2.251  -5.648  -15.486 1.00 17.57 ? 124 HOH E O    1 
HETATM 777 O  O    . HOH E 4 .  ? -3.628  15.864  -7.072  1.00 59.08 ? 125 HOH E O    1 
HETATM 778 O  O    . HOH E 4 .  ? -5.488  15.529  -9.235  1.00 35.01 ? 126 HOH E O    1 
HETATM 779 O  O    . HOH E 4 .  ? -7.133  12.430  3.941   1.00 21.16 ? 127 HOH E O    1 
HETATM 780 O  O    . HOH E 4 .  ? 2.819   -8.360  -8.668  1.00 25.55 ? 128 HOH E O    1 
HETATM 781 O  O    . HOH E 4 .  ? -13.914 -5.887  6.076   1.00 50.45 ? 129 HOH E O    1 
HETATM 782 O  O    . HOH E 4 .  ? 14.342  3.610   12.446  1.00 49.11 ? 130 HOH E O    1 
HETATM 783 O  O    . HOH E 4 .  ? 5.540   -4.609  16.337  1.00 18.68 ? 131 HOH E O    1 
HETATM 784 O  O    . HOH E 4 .  ? -15.985 -0.805  0.061   1.00 51.64 ? 132 HOH E O    1 
HETATM 785 O  O    . HOH E 4 .  ? 12.431  3.172   -5.824  1.00 48.47 ? 133 HOH E O    1 
HETATM 786 O  O    . HOH E 4 .  ? 3.429   -15.662 14.937  1.00 16.14 ? 134 HOH E O    1 
HETATM 787 O  O    . HOH E 4 .  ? 9.679   -10.609 0.369   1.00 21.63 ? 135 HOH E O    1 
HETATM 788 O  O    . HOH E 4 .  ? -4.895  -2.261  8.597   1.00 22.82 ? 136 HOH E O    1 
HETATM 789 O  O    . HOH E 4 .  ? 13.163  -10.418 7.905   1.00 36.52 ? 137 HOH E O    1 
HETATM 790 O  O    . HOH E 4 .  ? -4.964  8.306   -12.119 1.00 33.77 ? 138 HOH E O    1 
HETATM 791 O  O    . HOH E 4 .  ? -8.571  14.488  -8.512  1.00 52.64 ? 139 HOH E O    1 
HETATM 792 O  O    . HOH E 4 .  ? 2.486   -18.003 11.543  1.00 16.50 ? 140 HOH E O    1 
HETATM 793 O  O    . HOH E 4 .  ? 9.803   -1.561  -8.585  1.00 21.38 ? 141 HOH E O    1 
HETATM 794 O  O    . HOH E 4 .  ? 3.246   -13.308 2.604   1.00 19.03 ? 142 HOH E O    1 
HETATM 795 O  O    . HOH E 4 .  ? -15.387 6.637   -7.819  1.00 31.17 ? 143 HOH E O    1 
HETATM 796 O  O    . HOH E 4 .  ? 9.266   -1.954  -10.442 1.00 44.98 ? 144 HOH E O    1 
HETATM 797 O  O    . HOH E 4 .  ? 11.902  -0.949  12.529  1.00 20.22 ? 145 HOH E O    1 
HETATM 798 O  O    . HOH E 4 .  ? -11.974 9.766   3.961   1.00 27.37 ? 146 HOH E O    1 
HETATM 799 O  O    . HOH E 4 .  ? 2.414   -11.232 -6.099  1.00 19.40 ? 147 HOH E O    1 
HETATM 800 O  O    . HOH E 4 .  ? -5.959  -13.207 4.450   1.00 28.01 ? 148 HOH E O    1 
HETATM 801 O  O    . HOH E 4 .  ? 5.273   -12.018 5.659   1.00 18.50 ? 149 HOH E O    1 
HETATM 802 O  O    . HOH E 4 .  ? 1.825   -14.569 0.724   0.50 22.85 ? 150 HOH E O    1 
HETATM 803 O  O    . HOH E 4 .  ? 5.446   -11.633 2.864   1.00 17.18 ? 151 HOH E O    1 
HETATM 804 O  O    . HOH E 4 .  ? 3.096   -3.518  15.300  1.00 23.24 ? 152 HOH E O    1 
HETATM 805 O  O    . HOH E 4 .  ? 11.286  -17.176 13.046  1.00 24.16 ? 153 HOH E O    1 
HETATM 806 O  O    . HOH E 4 .  ? 9.603   4.224   -2.654  1.00 19.72 ? 154 HOH E O    1 
HETATM 807 O  O    . HOH E 4 .  ? 4.321   0.269   14.417  1.00 23.68 ? 155 HOH E O    1 
HETATM 808 O  O    . HOH E 4 .  ? 0.839   3.405   -13.450 1.00 22.16 ? 156 HOH E O    1 
HETATM 809 O  O    . HOH E 4 .  ? -14.369 2.035   -1.072  1.00 26.94 ? 157 HOH E O    1 
HETATM 810 O  O    . HOH E 4 .  ? -10.801 3.838   -15.742 1.00 33.14 ? 158 HOH E O    1 
HETATM 811 O  O    . HOH E 4 .  ? 2.817   3.598   -11.101 1.00 24.76 ? 159 HOH E O    1 
HETATM 812 O  O    . HOH E 4 .  ? 18.524  -9.319  1.656   1.00 32.59 ? 160 HOH E O    1 
HETATM 813 O  O    . HOH E 4 .  ? 1.928   -1.556  13.743  1.00 24.10 ? 161 HOH E O    1 
HETATM 814 O  O    . HOH E 4 .  ? 6.210   -3.560  18.882  1.00 26.80 ? 162 HOH E O    1 
HETATM 815 O  O    . HOH E 4 .  ? 10.770  9.185   6.827   1.00 23.24 ? 163 HOH E O    1 
HETATM 816 O  O    . HOH E 4 .  ? 4.170   -7.646  -11.599 1.00 28.13 ? 164 HOH E O    1 
HETATM 817 O  O    . HOH E 4 .  ? -10.210 12.247  5.288   1.00 57.95 ? 165 HOH E O    1 
HETATM 818 O  O    . HOH E 4 .  ? -12.771 -4.312  -4.745  1.00 31.07 ? 167 HOH E O    1 
HETATM 819 O  O    . HOH E 4 .  ? -1.085  -10.768 13.829  1.00 24.14 ? 168 HOH E O    1 
HETATM 820 O  O    . HOH E 4 .  ? -7.619  -11.099 6.217   1.00 28.90 ? 169 HOH E O    1 
HETATM 821 O  O    . HOH E 4 .  ? 7.756   2.640   17.486  1.00 21.89 ? 170 HOH E O    1 
HETATM 822 O  O    . HOH E 4 .  ? 1.095   5.421   -15.168 1.00 35.97 ? 171 HOH E O    1 
HETATM 823 O  O    . HOH E 4 .  ? 8.835   4.648   -5.114  1.00 37.60 ? 172 HOH E O    1 
HETATM 824 O  O    . HOH E 4 .  ? -4.168  -6.220  13.425  1.00 28.05 ? 173 HOH E O    1 
HETATM 825 O  O    . HOH E 4 .  ? 4.942   -3.254  -11.430 1.00 34.17 ? 174 HOH E O    1 
HETATM 826 O  O    . HOH E 4 .  ? 5.768   3.430   -7.720  1.00 27.94 ? 175 HOH E O    1 
HETATM 827 O  O    . HOH E 4 .  ? -10.656 -8.753  1.586   1.00 42.34 ? 176 HOH E O    1 
HETATM 828 O  O    . HOH E 4 .  ? -3.802  -0.635  16.135  1.00 34.13 ? 177 HOH E O    1 
HETATM 829 O  O    . HOH E 4 .  ? -6.429  5.245   -12.270 1.00 34.14 ? 178 HOH E O    1 
HETATM 830 O  O    . HOH E 4 .  ? -6.447  -5.216  12.550  1.00 26.27 ? 179 HOH E O    1 
HETATM 831 O  O    . HOH E 4 .  ? 12.111  -12.530 6.951   1.00 48.16 ? 180 HOH E O    1 
HETATM 832 O  O    . HOH E 4 .  ? 7.907   -5.216  -11.859 1.00 43.23 ? 181 HOH E O    1 
HETATM 833 O  O    . HOH E 4 .  ? -7.803  0.288   9.062   1.00 31.76 ? 182 HOH E O    1 
HETATM 834 O  O    . HOH E 4 .  ? 1.001   -15.314 7.120   1.00 29.95 ? 183 HOH E O    1 
HETATM 835 O  O    . HOH E 4 .  ? -12.559 7.765   5.398   1.00 32.66 ? 184 HOH E O    1 
HETATM 836 O  O    . HOH E 4 .  ? 14.267  1.757   -4.186  1.00 40.90 ? 185 HOH E O    1 
HETATM 837 O  O    . HOH E 4 .  ? 7.613   -12.197 0.694   1.00 38.76 ? 186 HOH E O    1 
HETATM 838 O  O    . HOH E 4 .  ? -15.199 -0.948  -8.022  1.00 42.17 ? 187 HOH E O    1 
HETATM 839 O  O    . HOH E 4 .  ? 12.921  -0.732  3.139   1.00 43.49 ? 188 HOH E O    1 
HETATM 840 O  O    . HOH E 4 .  ? 12.919  -3.213  5.730   1.00 30.84 ? 189 HOH E O    1 
HETATM 841 O  O    . HOH E 4 .  ? -11.009 5.212   5.557   1.00 22.19 ? 190 HOH E O    1 
HETATM 842 O  O    . HOH E 4 .  ? 13.279  5.756   1.480   1.00 38.39 ? 191 HOH E O    1 
HETATM 843 O  O    . HOH E 4 .  ? 11.282  -9.618  2.056   1.00 39.85 ? 192 HOH E O    1 
HETATM 844 O  O    . HOH E 4 .  ? -9.930  0.792   7.228   1.00 40.44 ? 193 HOH E O    1 
HETATM 845 O  O    . HOH E 4 .  ? -14.163 5.424   -4.443  1.00 31.95 ? 194 HOH E O    1 
HETATM 846 O  O    . HOH E 4 .  ? 13.447  1.432   4.647   1.00 48.23 ? 195 HOH E O    1 
HETATM 847 O  O    . HOH E 4 .  ? 5.001   0.205   19.329  1.00 39.07 ? 196 HOH E O    1 
HETATM 848 O  O    . HOH E 4 .  ? 14.682  7.163   11.349  1.00 36.70 ? 197 HOH E O    1 
HETATM 849 O  O    . HOH E 4 .  ? -10.696 0.912   5.020   1.00 41.50 ? 198 HOH E O    1 
HETATM 850 O  O    . HOH E 4 .  ? -13.938 16.143  -1.827  1.00 71.16 ? 199 HOH E O    1 
HETATM 851 O  O    . HOH E 4 .  ? -5.817  -10.517 9.787   1.00 49.92 ? 200 HOH E O    1 
HETATM 852 O  O    . HOH E 4 .  ? -13.630 3.972   2.644   1.00 35.95 ? 201 HOH E O    1 
HETATM 853 O  O    . HOH E 4 .  ? -13.974 9.291   -1.107  1.00 47.69 ? 202 HOH E O    1 
HETATM 854 O  O    . HOH E 4 .  ? 15.343  4.911   3.189   1.00 46.38 ? 203 HOH E O    1 
HETATM 855 O  O    . HOH E 4 .  ? 6.429   -1.287  20.150  1.00 33.69 ? 204 HOH E O    1 
HETATM 856 O  O    . HOH E 4 .  ? -14.479 5.051   -1.317  1.00 47.02 ? 205 HOH E O    1 
HETATM 857 O  O    . HOH E 4 .  ? 1.682   10.622  -9.555  1.00 45.77 ? 206 HOH E O    1 
HETATM 858 O  O    . HOH E 4 .  ? -8.179  -1.558  11.074  1.00 46.75 ? 207 HOH E O    1 
HETATM 859 O  O    . HOH E 4 .  ? -12.873 -7.487  -1.152  1.00 37.67 ? 208 HOH E O    1 
HETATM 860 O  O    . HOH E 4 .  ? 4.594   2.794   13.127  1.00 13.41 ? 209 HOH E O    1 
HETATM 861 O  O    . HOH E 4 .  ? 7.677   -11.264 18.303  1.00 14.66 ? 210 HOH E O    1 
HETATM 862 O  O    . HOH E 4 .  ? -2.492  0.167   14.022  1.00 17.35 ? 211 HOH E O    1 
HETATM 863 O  O    . HOH E 4 .  ? 3.691   -14.389 9.430   1.00 10.90 ? 212 HOH E O    1 
HETATM 864 O  O    . HOH E 4 .  ? 6.016   -15.519 10.553  1.00 16.77 ? 213 HOH E O    1 
# 
loop_
_atom_site_anisotrop.id 
_atom_site_anisotrop.type_symbol 
_atom_site_anisotrop.pdbx_label_atom_id 
_atom_site_anisotrop.pdbx_label_alt_id 
_atom_site_anisotrop.pdbx_label_comp_id 
_atom_site_anisotrop.pdbx_label_asym_id 
_atom_site_anisotrop.pdbx_label_seq_id 
_atom_site_anisotrop.pdbx_PDB_ins_code 
_atom_site_anisotrop.U[1][1] 
_atom_site_anisotrop.U[2][2] 
_atom_site_anisotrop.U[3][3] 
_atom_site_anisotrop.U[1][2] 
_atom_site_anisotrop.U[1][3] 
_atom_site_anisotrop.U[2][3] 
_atom_site_anisotrop.pdbx_auth_seq_id 
_atom_site_anisotrop.pdbx_auth_comp_id 
_atom_site_anisotrop.pdbx_auth_asym_id 
_atom_site_anisotrop.pdbx_auth_atom_id 
1   N  N    . ASN A 4  ? 0.2545 0.2555 0.2577 0.0027  -0.0006 -0.0044 25  ASN E N    
2   C  CA   . ASN A 4  ? 0.2631 0.2641 0.2674 0.0019  -0.0023 -0.0005 25  ASN E CA   
3   C  C    . ASN A 4  ? 0.3155 0.3014 0.3151 0.0068  -0.0025 0.0020  25  ASN E C    
4   O  O    . ASN A 4  ? 0.3344 0.3181 0.3294 0.0114  -0.0062 0.0073  25  ASN E O    
5   C  CB   . ASN A 4  ? 0.2675 0.2632 0.2690 0.0018  -0.0039 0.0016  25  ASN E CB   
6   C  CG   . ASN A 4  ? 0.2919 0.2728 0.2689 -0.0003 -0.0082 -0.0001 25  ASN E CG   
7   O  OD1  . ASN A 4  ? 0.3722 0.3337 0.3379 -0.0126 -0.0074 0.0270  25  ASN E OD1  
8   N  ND2  . ASN A 4  ? 0.3514 0.3326 0.3148 0.0055  0.0060  -0.0193 25  ASN E ND2  
9   N  N    . GLN A 5  ? 0.3641 0.3582 0.3549 0.0038  -0.0037 0.0024  26  GLN E N    
10  C  CA   . GLN A 5  ? 0.4010 0.3932 0.3977 0.0044  -0.0010 -0.0006 26  GLN E CA   
11  C  C    . GLN A 5  ? 0.3883 0.3854 0.3863 0.0056  -0.0027 0.0006  26  GLN E C    
12  O  O    . GLN A 5  ? 0.3978 0.3918 0.3924 0.0089  0.0002  -0.0001 26  GLN E O    
13  C  CB   . GLN A 5  ? 0.4198 0.4179 0.4197 0.0040  -0.0045 -0.0012 26  GLN E CB   
14  C  CG   . GLN A 5  ? 0.4725 0.4620 0.4635 0.0045  0.0051  0.0064  26  GLN E CG   
15  C  CD   . GLN A 5  ? 0.4842 0.4844 0.5059 0.0087  0.0025  -0.0243 26  GLN E CD   
16  O  OE1  . GLN A 5  ? 0.5358 0.5505 0.5466 0.0041  -0.0044 0.0044  26  GLN E OE1  
17  N  NE2  . GLN A 5  ? 0.5578 0.5455 0.5441 -0.0018 -0.0002 0.0106  26  GLN E NE2  
18  N  N    . VAL A 6  ? 0.3640 0.3610 0.3576 0.0052  -0.0007 0.0013  27  VAL E N    
19  C  CA   . VAL A 6  ? 0.3314 0.3276 0.3292 0.0037  -0.0061 0.0023  27  VAL E CA   
20  C  C    . VAL A 6  ? 0.3035 0.3044 0.3008 0.0067  -0.0065 0.0072  27  VAL E C    
21  O  O    . VAL A 6  ? 0.2891 0.2836 0.2809 0.0165  -0.0178 0.0138  27  VAL E O    
22  C  CB   . VAL A 6  ? 0.3264 0.3279 0.3265 0.0008  -0.0034 0.0009  27  VAL E CB   
23  C  CG1  . VAL A 6  ? 0.3291 0.3283 0.3340 0.0027  -0.0058 0.0025  27  VAL E CG1  
24  C  CG2  . VAL A 6  ? 0.3147 0.3174 0.3192 -0.0017 -0.0066 -0.0086 27  VAL E CG2  
25  N  N    . ARG A 7  ? 0.2832 0.2800 0.2850 0.0074  -0.0073 0.0043  28  ARG E N    
26  C  CA   . ARG A 7  ? 0.2769 0.2763 0.2782 0.0043  -0.0029 0.0014  28  ARG E CA   
27  C  C    . ARG A 7  ? 0.2553 0.2491 0.2537 0.0024  -0.0058 0.0020  28  ARG E C    
28  O  O    . ARG A 7  ? 0.2450 0.2308 0.2553 0.0084  -0.0063 0.0012  28  ARG E O    
29  C  CB   . ARG A 7  ? 0.2869 0.2942 0.2902 0.0047  -0.0031 0.0062  28  ARG E CB   
30  C  CG   . ARG A 7  ? 0.3522 0.3434 0.3537 0.0011  -0.0038 -0.0040 28  ARG E CG   
31  C  CD   . ARG A 7  ? 0.4333 0.4473 0.4159 0.0023  -0.0022 -0.0094 28  ARG E CD   
32  N  NE   . ARG A 7  ? 0.5136 0.4940 0.5097 0.0070  -0.0027 0.0050  28  ARG E NE   
33  C  CZ   . ARG A 7  ? 0.5767 0.5859 0.5766 -0.0055 0.0056  -0.0037 28  ARG E CZ   
34  N  NH1  . ARG A 7  ? 0.5920 0.6022 0.5948 0.0084  -0.0008 -0.0071 28  ARG E NH1  
35  N  NH2  . ARG A 7  ? 0.5973 0.5972 0.5994 0.0018  0.0022  0.0073  28  ARG E NH2  
36  N  N    . PRO A 8  ? 0.2363 0.2333 0.2289 0.0034  -0.0077 0.0002  29  PRO E N    
37  C  CA   . PRO A 8  ? 0.2329 0.2264 0.2264 0.0015  -0.0034 -0.0022 29  PRO E CA   
38  C  C    . PRO A 8  ? 0.2344 0.2240 0.2243 0.0031  -0.0071 -0.0004 29  PRO E C    
39  O  O    . PRO A 8  ? 0.2393 0.2269 0.2376 0.0020  -0.0072 0.0017  29  PRO E O    
40  C  CB   . PRO A 8  ? 0.2340 0.2313 0.2226 0.0039  -0.0062 -0.0026 29  PRO E CB   
41  C  CG   . PRO A 8  ? 0.2312 0.2334 0.2316 0.0020  -0.0044 0.0038  29  PRO E CG   
42  C  CD   . PRO A 8  ? 0.2363 0.2328 0.2336 0.0021  -0.0092 0.0017  29  PRO E CD   
43  N  N    . LYS A 9  ? 0.2318 0.2143 0.2133 0.0019  -0.0037 -0.0003 30  LYS E N    
44  C  CA   . LYS A 9  ? 0.2292 0.2150 0.2090 0.0022  -0.0023 -0.0003 30  LYS E CA   
45  C  C    . LYS A 9  ? 0.2170 0.2073 0.1993 0.0041  -0.0016 -0.0016 30  LYS E C    
46  O  O    . LYS A 9  ? 0.2044 0.2124 0.1939 0.0032  -0.0042 -0.0086 30  LYS E O    
47  C  CB   . LYS A 9  ? 0.2308 0.2203 0.2107 0.0062  -0.0032 -0.0030 30  LYS E CB   
48  C  CG   . LYS A 9  ? 0.2767 0.2524 0.2610 -0.0008 0.0002  0.0000  30  LYS E CG   
49  C  CD   . LYS A 9  ? 0.3093 0.3042 0.3126 -0.0008 0.0021  0.0049  30  LYS E CD   
50  C  CE   . LYS A 9  ? 0.3558 0.3292 0.3482 0.0016  0.0006  0.0009  30  LYS E CE   
51  N  NZ   . LYS A 9  ? 0.3639 0.3569 0.3678 -0.0115 -0.0007 0.0014  30  LYS E NZ   
52  N  N    . LEU A 10 ? 0.2033 0.1953 0.1809 0.0006  -0.0062 -0.0002 31  LEU E N    
53  C  CA   . LEU A 10 ? 0.1973 0.1924 0.1810 0.0023  -0.0043 0.0046  31  LEU E CA   
54  C  C    . LEU A 10 ? 0.1865 0.1860 0.1743 -0.0016 -0.0066 0.0033  31  LEU E C    
55  O  O    . LEU A 10 ? 0.1752 0.1842 0.1401 -0.0062 -0.0178 0.0049  31  LEU E O    
56  C  CB   . LEU A 10 ? 0.1993 0.1948 0.1811 0.0037  0.0022  0.0022  31  LEU E CB   
57  C  CG   . LEU A 10 ? 0.1988 0.2021 0.1770 -0.0039 0.0066  -0.0052 31  LEU E CG   
58  C  CD1  . LEU A 10 ? 0.1926 0.1938 0.1757 -0.0010 -0.0012 0.0079  31  LEU E CD1  
59  C  CD2  . LEU A 10 ? 0.2156 0.2014 0.1728 -0.0013 -0.0007 -0.0115 31  LEU E CD2  
60  N  N    . PRO A 11 ? 0.1838 0.1787 0.1722 -0.0046 -0.0042 0.0055  32  PRO E N    
61  C  CA   . PRO A 11 ? 0.1789 0.1749 0.1790 -0.0017 -0.0013 -0.0005 32  PRO E CA   
62  C  C    . PRO A 11 ? 0.1818 0.1696 0.1706 -0.0020 -0.0041 -0.0007 32  PRO E C    
63  O  O    . PRO A 11 ? 0.1667 0.1712 0.1632 -0.0079 -0.0046 -0.0060 32  PRO E O    
64  C  CB   . PRO A 11 ? 0.1782 0.1759 0.1719 -0.0018 -0.0026 -0.0015 32  PRO E CB   
65  C  CG   . PRO A 11 ? 0.1812 0.1853 0.1920 -0.0101 -0.0025 0.0048  32  PRO E CG   
66  C  CD   . PRO A 11 ? 0.1822 0.1839 0.1802 -0.0036 -0.0026 0.0036  32  PRO E CD   
67  N  N    . LEU A 12 ? 0.1765 0.1602 0.1661 -0.0032 -0.0018 0.0008  33  LEU E N    
68  C  CA   . LEU A 12 ? 0.1673 0.1510 0.1575 0.0002  -0.0030 0.0012  33  LEU E CA   
69  C  C    . LEU A 12 ? 0.1720 0.1566 0.1563 0.0006  -0.0050 0.0011  33  LEU E C    
70  O  O    . LEU A 12 ? 0.1693 0.1588 0.1692 -0.0049 -0.0074 0.0000  33  LEU E O    
71  C  CB   . LEU A 12 ? 0.1632 0.1481 0.1606 -0.0038 -0.0016 0.0005  33  LEU E CB   
72  C  CG   . LEU A 12 ? 0.1797 0.1559 0.1658 -0.0035 0.0018  -0.0063 33  LEU E CG   
73  C  CD1  . LEU A 12 ? 0.1932 0.1818 0.1825 -0.0167 -0.0070 -0.0014 33  LEU E CD1  
74  C  CD2  . LEU A 12 ? 0.1897 0.1720 0.1801 -0.0178 -0.0022 -0.0008 33  LEU E CD2  
75  N  N    . LEU A 13 ? 0.1736 0.1640 0.1640 0.0000  -0.0074 0.0085  34  LEU E N    
76  C  CA   . LEU A 13 ? 0.1761 0.1745 0.1658 0.0008  -0.0040 0.0047  34  LEU E CA   
77  C  C    . LEU A 13 ? 0.1719 0.1759 0.1615 0.0012  -0.0104 0.0047  34  LEU E C    
78  O  O    . LEU A 13 ? 0.1589 0.1840 0.1511 0.0079  -0.0118 0.0018  34  LEU E O    
79  C  CB   . LEU A 13 ? 0.1874 0.1795 0.1720 0.0019  -0.0093 0.0014  34  LEU E CB   
80  C  CG   . LEU A 13 ? 0.2083 0.2209 0.2147 -0.0023 -0.0037 0.0008  34  LEU E CG   
81  C  CD1  . LEU A 13 ? 0.2199 0.2285 0.2291 0.0068  -0.0008 0.0004  34  LEU E CD1  
82  C  CD2  . LEU A 13 ? 0.2415 0.2464 0.2326 0.0021  -0.0038 0.0088  34  LEU E CD2  
83  N  N    . LYS A 14 ? 0.1760 0.1838 0.1611 0.0037  -0.0143 0.0010  35  LYS E N    
84  C  CA   . LYS A 14 ? 0.1889 0.1910 0.1814 -0.0037 -0.0079 0.0055  35  LYS E CA   
85  C  C    . LYS A 14 ? 0.1778 0.1763 0.1733 -0.0017 -0.0038 0.0029  35  LYS E C    
86  O  O    . LYS A 14 ? 0.1698 0.1690 0.1407 -0.0060 -0.0073 0.0020  35  LYS E O    
87  C  CB   . LYS A 14 ? 0.2122 0.1994 0.1971 0.0006  -0.0023 0.0073  35  LYS E CB   
88  C  CG   . LYS A 14 ? 0.2483 0.2484 0.2512 -0.0057 -0.0023 0.0003  35  LYS E CG   
89  C  CD   . LYS A 14 ? 0.2390 0.2371 0.2783 -0.0005 0.0061  -0.0091 35  LYS E CD   
90  C  CE   . LYS A 14 ? 0.2584 0.2801 0.2744 -0.0098 -0.0175 -0.0073 35  LYS E CE   
91  N  NZ   . LYS A 14 ? 0.2880 0.3112 0.3074 -0.0034 -0.0063 -0.0138 35  LYS E NZ   
92  N  N    . ILE A 15 ? 0.1674 0.1635 0.1594 -0.0052 -0.0037 -0.0013 36  ILE E N    
93  C  CA   . ILE A 15 ? 0.1545 0.1556 0.1539 0.0009  -0.0050 0.0011  36  ILE E CA   
94  C  C    . ILE A 15 ? 0.1407 0.1489 0.1356 -0.0005 -0.0098 -0.0015 36  ILE E C    
95  O  O    . ILE A 15 ? 0.1327 0.1416 0.1357 0.0009  -0.0153 -0.0009 36  ILE E O    
96  C  CB   . ILE A 15 ? 0.1486 0.1455 0.1468 0.0059  -0.0050 -0.0011 36  ILE E CB   
97  C  CG1  . ILE A 15 ? 0.1460 0.1472 0.1410 -0.0007 -0.0086 -0.0072 36  ILE E CG1  
98  C  CG2  . ILE A 15 ? 0.1528 0.1477 0.1615 0.0054  -0.0087 -0.0076 36  ILE E CG2  
99  C  CD1  . ILE A 15 ? 0.1429 0.1394 0.1470 0.0010  0.0003  -0.0038 36  ILE E CD1  
100 N  N    . LEU A 16 ? 0.1422 0.1550 0.1407 -0.0008 -0.0079 0.0022  37  LEU E N    
101 C  CA   . LEU A 16 ? 0.1641 0.1683 0.1516 0.0008  -0.0026 -0.0008 37  LEU E CA   
102 C  C    . LEU A 16 ? 0.1601 0.1653 0.1563 0.0056  0.0010  0.0002  37  LEU E C    
103 O  O    . LEU A 16 ? 0.1385 0.1535 0.1606 0.0047  0.0010  -0.0043 37  LEU E O    
104 C  CB   . LEU A 16 ? 0.1715 0.1764 0.1606 0.0038  0.0001  0.0039  37  LEU E CB   
105 C  CG   . LEU A 16 ? 0.1824 0.1837 0.1805 0.0010  -0.0012 -0.0033 37  LEU E CG   
106 C  CD1  . LEU A 16 ? 0.2069 0.2001 0.2047 0.0021  -0.0048 -0.0051 37  LEU E CD1  
107 C  CD2  . LEU A 16 ? 0.1810 0.2011 0.1856 0.0064  0.0024  -0.0054 37  LEU E CD2  
108 N  N    . HIS A 17 ? 0.1668 0.1711 0.1646 0.0028  -0.0013 -0.0032 38  HIS E N    
109 C  CA   . HIS A 17 ? 0.1724 0.1800 0.1682 0.0001  -0.0018 -0.0068 38  HIS E CA   
110 C  C    . HIS A 17 ? 0.1651 0.1699 0.1581 -0.0021 -0.0011 -0.0136 38  HIS E C    
111 O  O    . HIS A 17 ? 0.1662 0.1785 0.1648 -0.0001 0.0046  -0.0164 38  HIS E O    
112 C  CB   . HIS A 17 ? 0.1819 0.1934 0.1759 -0.0025 -0.0051 -0.0071 38  HIS E CB   
113 C  CG   . HIS A 17 ? 0.2149 0.2255 0.2265 -0.0053 -0.0076 -0.0012 38  HIS E CG   
114 N  ND1  . HIS A 17 ? 0.2669 0.2546 0.2697 0.0080  -0.0181 0.0009  38  HIS E ND1  
115 C  CD2  . HIS A 17 ? 0.2567 0.2624 0.2434 -0.0036 -0.0115 -0.0017 38  HIS E CD2  
116 C  CE1  . HIS A 17 ? 0.2765 0.2802 0.2704 -0.0073 -0.0177 0.0111  38  HIS E CE1  
117 N  NE2  . HIS A 17 ? 0.2904 0.2809 0.2779 0.0111  -0.0156 0.0040  38  HIS E NE2  
118 N  N    . ALA A 18 ? 0.1510 0.1599 0.1472 -0.0039 0.0006  -0.0122 39  ALA E N    
119 C  CA   . ALA A 18 ? 0.1516 0.1509 0.1436 -0.0009 0.0014  -0.0059 39  ALA E CA   
120 C  C    . ALA A 18 ? 0.1562 0.1585 0.1490 0.0014  -0.0007 -0.0020 39  ALA E C    
121 O  O    . ALA A 18 ? 0.1520 0.1578 0.1459 0.0062  -0.0104 -0.0053 39  ALA E O    
122 C  CB   . ALA A 18 ? 0.1483 0.1524 0.1496 -0.0013 0.0034  -0.0068 39  ALA E CB   
123 N  N    . ALA A 19 ? 0.1620 0.1583 0.1589 -0.0003 -0.0004 0.0018  40  ALA E N    
124 C  CA   . ALA A 19 ? 0.1690 0.1718 0.1731 0.0031  0.0024  -0.0056 40  ALA E CA   
125 C  C    . ALA A 19 ? 0.1863 0.1974 0.1907 0.0029  0.0029  -0.0045 40  ALA E C    
126 O  O    . ALA A 19 ? 0.1970 0.2249 0.2136 0.0039  0.0051  -0.0183 40  ALA E O    
127 C  CB   . ALA A 19 ? 0.1710 0.1788 0.1598 0.0019  -0.0031 -0.0044 40  ALA E CB   
128 N  N    . GLY A 20 ? 0.1862 0.2069 0.2022 0.0007  0.0040  -0.0104 41  GLY E N    
129 C  CA   . GLY A 20 ? 0.2025 0.2183 0.2153 0.0021  0.0027  -0.0058 41  GLY E CA   
130 C  C    . GLY A 20 ? 0.2125 0.2281 0.2252 0.0043  -0.0001 -0.0048 41  GLY E C    
131 O  O    . GLY A 20 ? 0.2227 0.2483 0.2530 0.0085  0.0004  -0.0122 41  GLY E O    
132 N  N    . ALA A 21 ? 0.2251 0.2322 0.2258 0.0030  -0.0032 -0.0086 42  ALA E N    
133 C  CA   . ALA A 21 ? 0.2400 0.2443 0.2465 0.0039  -0.0018 -0.0061 42  ALA E CA   
134 C  C    . ALA A 21 ? 0.2594 0.2638 0.2634 0.0025  -0.0033 -0.0059 42  ALA E C    
135 O  O    . ALA A 21 ? 0.2477 0.2747 0.2682 0.0054  -0.0072 -0.0083 42  ALA E O    
136 C  CB   . ALA A 21 ? 0.2402 0.2344 0.2453 0.0029  -0.0034 -0.0078 42  ALA E CB   
137 N  N    . GLN A 22 ? 0.2799 0.2877 0.2869 0.0034  -0.0025 -0.0033 43  GLN E N    
138 C  CA   . GLN A 22 ? 0.3104 0.3148 0.3132 0.0029  -0.0032 -0.0019 43  GLN E CA   
139 C  C    . GLN A 22 ? 0.3014 0.3092 0.3090 0.0061  -0.0033 -0.0010 43  GLN E C    
140 O  O    . GLN A 22 ? 0.2975 0.2994 0.3098 0.0115  -0.0088 0.0016  43  GLN E O    
141 C  CB   . GLN A 22 ? 0.3237 0.3352 0.3302 0.0024  -0.0009 -0.0004 43  GLN E CB   
142 N  N    . GLY A 23 ? 0.3027 0.3075 0.3099 0.0060  -0.0025 -0.0014 44  GLY E N    
143 C  CA   . GLY A 23 ? 0.3041 0.3086 0.3060 0.0041  -0.0020 0.0023  44  GLY E CA   
144 C  C    . GLY A 23 ? 0.3063 0.3099 0.3062 0.0033  -0.0038 -0.0009 44  GLY E C    
145 O  O    . GLY A 23 ? 0.3000 0.3051 0.2960 0.0051  -0.0071 0.0018  44  GLY E O    
146 N  N    . GLU A 24 ? 0.3126 0.3174 0.3115 0.0048  -0.0038 0.0009  45  GLU E N    
147 C  CA   . GLU A 24 ? 0.3175 0.3188 0.3173 0.0033  -0.0036 -0.0006 45  GLU E CA   
148 C  C    . GLU A 24 ? 0.2976 0.3010 0.2948 0.0059  -0.0031 0.0008  45  GLU E C    
149 O  O    . GLU A 24 ? 0.2984 0.3038 0.2889 0.0069  -0.0121 -0.0058 45  GLU E O    
150 C  CB   . GLU A 24 ? 0.3325 0.3372 0.3348 0.0057  -0.0021 0.0043  45  GLU E CB   
151 C  CG   . GLU A 24 ? 0.3864 0.3841 0.3884 0.0022  -0.0069 -0.0085 45  GLU E CG   
152 C  CD   . GLU A 24 ? 0.4478 0.4474 0.4242 0.0021  0.0051  0.0024  45  GLU E CD   
153 O  OE1  . GLU A 24 ? 0.4938 0.4688 0.4592 0.0050  0.0032  -0.0084 45  GLU E OE1  
154 O  OE2  . GLU A 24 ? 0.4668 0.4519 0.4519 0.0035  0.0052  -0.0001 45  GLU E OE2  
155 N  N    . MET A 25 ? 0.2742 0.2743 0.2767 0.0084  -0.0067 0.0006  46  MET E N    
156 C  CA   . MET A 25 ? 0.2693 0.2669 0.2690 0.0091  -0.0055 0.0001  46  MET E CA   
157 C  C    . MET A 25 ? 0.2442 0.2417 0.2500 0.0119  -0.0053 0.0039  46  MET E C    
158 O  O    . MET A 25 ? 0.2339 0.2272 0.2515 0.0191  -0.0118 -0.0002 46  MET E O    
159 C  CB   . MET A 25 ? 0.2753 0.2711 0.2761 0.0144  -0.0031 -0.0026 46  MET E CB   
160 C  CG   . MET A 25 ? 0.3329 0.3137 0.3090 0.0106  -0.0119 0.0057  46  MET E CG   
161 S  SD   . MET A 25 ? 0.3961 0.3988 0.3870 0.0098  -0.0108 0.0145  46  MET E SD   
162 C  CE   . MET A 25 ? 0.4093 0.4030 0.3981 0.0067  -0.0056 -0.0002 46  MET E CE   
163 N  N    . PHE A 26 ? 0.2296 0.2251 0.2348 0.0076  -0.0040 0.0026  47  PHE E N    
164 C  CA   . PHE A 26 ? 0.2171 0.2188 0.2215 0.0111  -0.0030 0.0031  47  PHE E CA   
165 C  C    . PHE A 26 ? 0.2165 0.2157 0.2258 0.0107  -0.0009 0.0039  47  PHE E C    
166 O  O    . PHE A 26 ? 0.2345 0.2367 0.2454 0.0128  -0.0042 0.0044  47  PHE E O    
167 C  CB   . PHE A 26 ? 0.2083 0.2164 0.2137 0.0136  -0.0070 0.0031  47  PHE E CB   
168 C  CG   . PHE A 26 ? 0.1818 0.1956 0.2000 0.0229  -0.0150 0.0149  47  PHE E CG   
169 C  CD1  . PHE A 26 ? 0.1994 0.2088 0.2100 0.0168  -0.0115 0.0009  47  PHE E CD1  
170 C  CD2  . PHE A 26 ? 0.1901 0.2028 0.2157 0.0136  -0.0125 -0.0033 47  PHE E CD2  
171 C  CE1  . PHE A 26 ? 0.2132 0.2020 0.2090 0.0108  -0.0090 -0.0002 47  PHE E CE1  
172 C  CE2  . PHE A 26 ? 0.1869 0.1958 0.2037 0.0154  -0.0115 -0.0025 47  PHE E CE2  
173 C  CZ   . PHE A 26 ? 0.2047 0.1945 0.2118 0.0166  -0.0119 -0.0015 47  PHE E CZ   
174 N  N    . THR A 27 ? 0.2210 0.2177 0.2251 0.0106  -0.0054 0.0042  48  THR E N    
175 C  CA   . THR A 27 ? 0.2240 0.2153 0.2278 0.0058  -0.0041 0.0004  48  THR E CA   
176 C  C    . THR A 27 ? 0.2174 0.2064 0.2195 0.0066  -0.0034 -0.0007 48  THR E C    
177 O  O    . THR A 27 ? 0.2274 0.2042 0.2195 0.0097  -0.0051 -0.0119 48  THR E O    
178 C  CB   . THR A 27 ? 0.2276 0.2282 0.2326 0.0075  -0.0064 0.0001  48  THR E CB   
179 O  OG1  . THR A 27 ? 0.2612 0.2356 0.2435 0.0077  -0.0029 -0.0033 48  THR E OG1  
180 C  CG2  . THR A 27 ? 0.2354 0.2356 0.2521 0.0103  -0.0049 -0.0034 48  THR E CG2  
181 N  N    . VAL A 28 ? 0.2142 0.2011 0.2160 0.0099  -0.0031 -0.0012 49  VAL E N    
182 C  CA   . VAL A 28 ? 0.2079 0.2009 0.2126 0.0058  -0.0019 -0.0045 49  VAL E CA   
183 C  C    . VAL A 28 ? 0.1997 0.1940 0.2041 0.0060  -0.0039 -0.0069 49  VAL E C    
184 O  O    . VAL A 28 ? 0.1960 0.1705 0.1975 0.0069  -0.0062 -0.0174 49  VAL E O    
185 C  CB   . VAL A 28 ? 0.2106 0.2063 0.2107 0.0065  -0.0005 -0.0039 49  VAL E CB   
186 C  CG1  . VAL A 28 ? 0.2074 0.2081 0.2048 0.0033  -0.0047 -0.0065 49  VAL E CG1  
187 C  CG2  . VAL A 28 ? 0.2193 0.2243 0.2143 0.0044  -0.0010 -0.0079 49  VAL E CG2  
188 N  N    . LYS A 29 ? 0.1899 0.1899 0.1899 0.0000  0.0000  0.0000  50  LYS E N    
189 C  CA   . LYS A 29 ? 0.1899 0.1899 0.1899 0.0000  0.0000  0.0000  50  LYS E CA   
190 C  C    . LYS A 29 ? 0.1899 0.1899 0.1899 0.0000  0.0000  0.0000  50  LYS E C    
191 O  O    . LYS A 29 ? 0.1951 0.1951 0.1951 0.0000  0.0000  0.0000  50  LYS E O    
192 C  CB   . LYS A 29 ? 0.1899 0.1899 0.1899 0.0000  0.0000  0.0000  50  LYS E CB   
193 C  CG   . LYS A 29 ? 0.1899 0.1899 0.1899 0.0000  0.0000  0.0000  50  LYS E CG   
194 C  CD   . LYS A 29 ? 0.1899 0.1899 0.1899 0.0000  0.0000  0.0000  50  LYS E CD   
195 C  CE   . LYS A 29 ? 0.1899 0.1899 0.1899 0.0000  0.0000  0.0000  50  LYS E CE   
196 N  NZ   . LYS A 29 ? 0.1899 0.1899 0.1899 0.0000  0.0000  0.0000  50  LYS E NZ   
197 N  N    . GLU A 30 ? 0.1899 0.1933 0.2004 0.0079  -0.0001 -0.0040 51  GLU E N    
198 C  CA   . GLU A 30 ? 0.1925 0.1962 0.1981 0.0014  -0.0039 -0.0019 51  GLU E CA   
199 C  C    . GLU A 30 ? 0.1740 0.1805 0.1770 0.0015  -0.0125 -0.0035 51  GLU E C    
200 O  O    . GLU A 30 ? 0.1654 0.1676 0.1828 -0.0041 -0.0194 -0.0127 51  GLU E O    
201 C  CB   . GLU A 30 ? 0.2040 0.2040 0.2040 0.0000  0.0000  0.0000  51  GLU E CB   
202 C  CG   . GLU A 30 ? 0.2379 0.2474 0.2499 0.0015  -0.0006 -0.0015 51  GLU E CG   
203 C  CD   . GLU A 30 ? 0.2861 0.3076 0.2971 0.0031  -0.0127 0.0133  51  GLU E CD   
204 O  OE1  . GLU A 30 ? 0.2627 0.3051 0.2819 0.0067  -0.0218 0.0152  51  GLU E OE1  
205 O  OE2  . GLU A 30 ? 0.3203 0.3873 0.3592 -0.0052 -0.0017 0.0178  51  GLU E OE2  
206 N  N    . VAL A 31 ? 0.1604 0.1674 0.1633 -0.0013 -0.0155 -0.0026 52  VAL E N    
207 C  CA   . VAL A 31 ? 0.1547 0.1613 0.1601 0.0006  -0.0123 0.0011  52  VAL E CA   
208 C  C    . VAL A 31 ? 0.1604 0.1595 0.1630 0.0015  -0.0114 -0.0013 52  VAL E C    
209 O  O    . VAL A 31 ? 0.1602 0.1579 0.1716 0.0074  -0.0083 -0.0054 52  VAL E O    
210 C  CB   . VAL A 31 ? 0.1489 0.1533 0.1489 -0.0002 -0.0150 0.0013  52  VAL E CB   
211 C  CG1  . VAL A 31 ? 0.1776 0.1723 0.1691 -0.0034 -0.0066 0.0001  52  VAL E CG1  
212 C  CG2  . VAL A 31 ? 0.1687 0.1748 0.1713 0.0023  -0.0113 0.0063  52  VAL E CG2  
213 N  N    . MET A 32 ? 0.1654 0.1592 0.1609 0.0066  -0.0078 -0.0067 53  MET E N    
214 C  CA   . MET A 32 ? 0.1504 0.1458 0.1506 0.0053  -0.0083 -0.0074 53  MET E CA   
215 C  C    . MET A 32 ? 0.1463 0.1467 0.1422 0.0063  -0.0047 -0.0099 53  MET E C    
216 O  O    . MET A 32 ? 0.1458 0.1283 0.1274 0.0071  -0.0060 -0.0178 53  MET E O    
217 C  CB   . MET A 32 ? 0.1488 0.1578 0.1539 0.0057  -0.0113 -0.0118 53  MET E CB   
218 C  CG   . MET A 32 ? 0.1722 0.1862 0.1718 -0.0081 -0.0185 0.0014  53  MET E CG   
219 S  SD   . MET A 32 ? 0.2328 0.2534 0.2270 -0.0451 0.0252  -0.0261 53  MET E SD   
220 C  CE   . MET A 32 ? 0.2327 0.2402 0.2624 -0.0123 0.0110  -0.0084 53  MET E CE   
221 N  N    . HIS A 33 ? 0.1531 0.1517 0.1472 0.0044  0.0008  -0.0070 54  HIS E N    
222 C  CA   . HIS A 33 ? 0.1531 0.1536 0.1530 0.0020  -0.0016 -0.0063 54  HIS E CA   
223 C  C    . HIS A 33 ? 0.1514 0.1537 0.1468 0.0025  0.0006  -0.0040 54  HIS E C    
224 O  O    . HIS A 33 ? 0.1583 0.1495 0.1516 -0.0083 -0.0025 -0.0139 54  HIS E O    
225 C  CB   . HIS A 33 ? 0.1507 0.1523 0.1524 0.0065  0.0028  -0.0082 54  HIS E CB   
226 C  CG   . HIS A 33 ? 0.1811 0.1889 0.1798 -0.0007 -0.0060 -0.0150 54  HIS E CG   
227 N  ND1  . HIS A 33 ? 0.1988 0.2022 0.2032 0.0076  0.0112  -0.0157 54  HIS E ND1  
228 C  CD2  . HIS A 33 ? 0.1904 0.2028 0.2015 0.0171  -0.0051 -0.0086 54  HIS E CD2  
229 C  CE1  . HIS A 33 ? 0.1817 0.1896 0.1688 0.0074  -0.0122 -0.0148 54  HIS E CE1  
230 N  NE2  . HIS A 33 ? 0.2139 0.2279 0.1999 0.0062  -0.0037 -0.0172 54  HIS E NE2  
231 N  N    . TYR A 34 ? 0.1592 0.1638 0.1588 0.0022  -0.0043 -0.0002 55  TYR E N    
232 C  CA   . TYR A 34 ? 0.1564 0.1557 0.1536 0.0029  -0.0003 0.0010  55  TYR E CA   
233 C  C    . TYR A 34 ? 0.1517 0.1530 0.1441 0.0047  -0.0015 0.0032  55  TYR E C    
234 O  O    . TYR A 34 ? 0.1503 0.1481 0.1313 0.0044  -0.0008 -0.0070 55  TYR E O    
235 C  CB   . TYR A 34 ? 0.1779 0.1674 0.1679 -0.0015 0.0002  0.0012  55  TYR E CB   
236 C  CG   . TYR A 34 ? 0.1963 0.1878 0.1773 0.0079  -0.0041 -0.0003 55  TYR E CG   
237 C  CD1  . TYR A 34 ? 0.2224 0.2235 0.2216 -0.0006 -0.0059 -0.0028 55  TYR E CD1  
238 C  CD2  . TYR A 34 ? 0.2070 0.2041 0.2128 0.0094  -0.0112 -0.0104 55  TYR E CD2  
239 C  CE1  . TYR A 34 ? 0.2363 0.2539 0.2545 -0.0053 -0.0025 0.0006  55  TYR E CE1  
240 C  CE2  . TYR A 34 ? 0.2173 0.2495 0.2421 0.0074  -0.0019 -0.0028 55  TYR E CE2  
241 C  CZ   . TYR A 34 ? 0.2646 0.2653 0.2707 0.0045  -0.0017 -0.0088 55  TYR E CZ   
242 O  OH   . TYR A 34 ? 0.2850 0.3175 0.3316 0.0044  -0.0069 -0.0150 55  TYR E OH   
243 N  N    . LEU A 35 ? 0.1415 0.1459 0.1345 0.0051  -0.0050 -0.0015 56  LEU E N    
244 C  CA   . LEU A 35 ? 0.1368 0.1338 0.1294 0.0055  -0.0012 -0.0071 56  LEU E CA   
245 C  C    . LEU A 35 ? 0.1403 0.1384 0.1354 0.0027  -0.0003 -0.0038 56  LEU E C    
246 O  O    . LEU A 35 ? 0.1295 0.1132 0.1177 0.0053  -0.0006 -0.0140 56  LEU E O    
247 C  CB   . LEU A 35 ? 0.1418 0.1367 0.1290 0.0056  0.0022  -0.0053 56  LEU E CB   
248 C  CG   . LEU A 35 ? 0.1615 0.1587 0.1453 -0.0008 -0.0007 -0.0024 56  LEU E CG   
249 C  CD1  . LEU A 35 ? 0.1624 0.1573 0.1478 0.0041  -0.0102 -0.0003 56  LEU E CD1  
250 C  CD2  . LEU A 35 ? 0.1901 0.1860 0.1943 0.0009  0.0079  -0.0163 56  LEU E CD2  
251 N  N    . GLY A 36 ? 0.1289 0.1440 0.1351 0.0046  0.0023  -0.0002 57  GLY E N    
252 C  CA   . GLY A 36 ? 0.1308 0.1386 0.1319 0.0021  -0.0046 0.0007  57  GLY E CA   
253 C  C    . GLY A 36 ? 0.1283 0.1339 0.1271 -0.0011 -0.0024 0.0001  57  GLY E C    
254 O  O    . GLY A 36 ? 0.1328 0.1387 0.1288 -0.0071 -0.0028 -0.0159 57  GLY E O    
255 N  N    . GLN A 37 ? 0.1419 0.1386 0.1343 -0.0008 -0.0003 0.0021  58  GLN E N    
256 C  CA   . GLN A 37 ? 0.1512 0.1492 0.1425 -0.0035 0.0012  -0.0026 58  GLN E CA   
257 C  C    . GLN A 37 ? 0.1389 0.1364 0.1274 -0.0062 -0.0070 -0.0042 58  GLN E C    
258 O  O    . GLN A 37 ? 0.1499 0.1299 0.1250 -0.0079 0.0003  -0.0057 58  GLN E O    
259 C  CB   . GLN A 37 ? 0.1624 0.1663 0.1594 -0.0043 -0.0016 -0.0012 58  GLN E CB   
260 C  CG   . GLN A 37 ? 0.2222 0.2194 0.2228 0.0010  0.0086  -0.0058 58  GLN E CG   
261 C  CD   . GLN A 37 ? 0.2889 0.3125 0.3178 0.0068  -0.0026 -0.0020 58  GLN E CD   
262 O  OE1  . GLN A 37 ? 0.3410 0.3656 0.3438 -0.0027 0.0260  -0.0017 58  GLN E OE1  
263 N  NE2  . GLN A 37 ? 0.3210 0.3350 0.3123 0.0100  0.0055  -0.0011 58  GLN E NE2  
264 N  N    . TYR A 38 ? 0.1241 0.1339 0.1331 -0.0032 -0.0071 -0.0089 59  TYR E N    
265 C  CA   . TYR A 38 ? 0.1208 0.1279 0.1228 -0.0014 -0.0058 -0.0024 59  TYR E CA   
266 C  C    . TYR A 38 ? 0.1130 0.1208 0.1101 -0.0021 -0.0008 -0.0050 59  TYR E C    
267 O  O    . TYR A 38 ? 0.1214 0.1191 0.1163 -0.0009 0.0048  -0.0017 59  TYR E O    
268 C  CB   . TYR A 38 ? 0.1126 0.1286 0.1096 -0.0008 -0.0082 -0.0014 59  TYR E CB   
269 C  CG   . TYR A 38 ? 0.1093 0.1351 0.0965 0.0005  -0.0116 0.0014  59  TYR E CG   
270 C  CD1  . TYR A 38 ? 0.1035 0.1188 0.0910 -0.0032 -0.0135 -0.0059 59  TYR E CD1  
271 C  CD2  . TYR A 38 ? 0.1296 0.1347 0.1259 -0.0031 -0.0061 0.0077  59  TYR E CD2  
272 C  CE1  . TYR A 38 ? 0.1243 0.1437 0.1141 0.0067  -0.0092 -0.0106 59  TYR E CE1  
273 C  CE2  . TYR A 38 ? 0.1093 0.1293 0.1194 -0.0029 -0.0188 0.0020  59  TYR E CE2  
274 C  CZ   . TYR A 38 ? 0.1214 0.1092 0.1064 0.0077  -0.0122 -0.0019 59  TYR E CZ   
275 O  OH   . TYR A 38 ? 0.1250 0.1233 0.1301 -0.0036 -0.0035 -0.0101 59  TYR E OH   
276 N  N    . ILE A 39 ? 0.1115 0.1137 0.1077 -0.0047 -0.0024 -0.0039 60  ILE E N    
277 C  CA   . ILE A 39 ? 0.1102 0.1147 0.1157 0.0009  -0.0028 -0.0091 60  ILE E CA   
278 C  C    . ILE A 39 ? 0.1260 0.1263 0.1164 0.0045  -0.0102 -0.0045 60  ILE E C    
279 O  O    . ILE A 39 ? 0.1504 0.1342 0.1200 0.0054  -0.0057 -0.0091 60  ILE E O    
280 C  CB   . ILE A 39 ? 0.1113 0.1169 0.1079 -0.0030 -0.0044 -0.0076 60  ILE E CB   
281 C  CG1  . ILE A 39 ? 0.1132 0.1184 0.1195 0.0035  -0.0068 -0.0008 60  ILE E CG1  
282 C  CG2  . ILE A 39 ? 0.1010 0.1153 0.1145 0.0006  -0.0065 -0.0082 60  ILE E CG2  
283 C  CD1  . ILE A 39 ? 0.1151 0.1402 0.1362 -0.0008 0.0094  -0.0086 60  ILE E CD1  
284 N  N    . MET A 40 ? 0.1487 0.1456 0.1338 0.0030  -0.0077 -0.0021 61  MET E N    
285 C  CA   . MET A 40 ? 0.1611 0.1628 0.1597 0.0004  -0.0013 -0.0020 61  MET E CA   
286 C  C    . MET A 40 ? 0.1606 0.1568 0.1568 0.0013  -0.0003 -0.0015 61  MET E C    
287 O  O    . MET A 40 ? 0.1661 0.1650 0.1614 0.0093  -0.0081 -0.0071 61  MET E O    
288 C  CB   . MET A 40 ? 0.1708 0.1729 0.1711 0.0003  0.0048  -0.0008 61  MET E CB   
289 C  CG   . MET A 40 ? 0.2025 0.2014 0.2237 -0.0159 0.0068  -0.0109 61  MET E CG   
290 S  SD   . MET A 40 ? 0.2946 0.3149 0.2689 -0.0116 0.0049  -0.0421 61  MET E SD   
291 C  CE   . MET A 40 ? 0.3324 0.3372 0.3195 -0.0015 0.0040  -0.0110 61  MET E CE   
292 N  N    . VAL A 41 ? 0.1586 0.1601 0.1610 0.0010  -0.0011 -0.0046 62  VAL E N    
293 C  CA   . VAL A 41 ? 0.1694 0.1672 0.1815 -0.0043 -0.0048 -0.0040 62  VAL E CA   
294 C  C    . VAL A 41 ? 0.1636 0.1563 0.1566 -0.0039 -0.0082 -0.0013 62  VAL E C    
295 O  O    . VAL A 41 ? 0.1540 0.1527 0.1540 0.0036  -0.0069 0.0034  62  VAL E O    
296 C  CB   . VAL A 41 ? 0.1869 0.1832 0.1952 -0.0046 -0.0111 -0.0115 62  VAL E CB   
297 C  CG1  . VAL A 41 ? 0.2115 0.2224 0.2113 -0.0005 -0.0102 -0.0085 62  VAL E CG1  
298 C  CG2  . VAL A 41 ? 0.2131 0.2173 0.2266 -0.0080 -0.0051 -0.0047 62  VAL E CG2  
299 N  N    . LYS A 42 ? 0.1494 0.1491 0.1524 -0.0017 -0.0124 -0.0046 63  LYS E N    
300 C  CA   . LYS A 42 ? 0.1569 0.1541 0.1541 -0.0023 -0.0078 -0.0032 63  LYS E CA   
301 C  C    . LYS A 42 ? 0.1577 0.1449 0.1547 -0.0041 -0.0073 -0.0030 63  LYS E C    
302 O  O    . LYS A 42 ? 0.1608 0.1422 0.1396 -0.0098 -0.0101 -0.0068 63  LYS E O    
303 C  CB   . LYS A 42 ? 0.1664 0.1631 0.1623 -0.0020 -0.0036 -0.0039 63  LYS E CB   
304 C  CG   . LYS A 42 ? 0.1804 0.1932 0.1959 0.0115  -0.0002 -0.0008 63  LYS E CG   
305 C  CD   . LYS A 42 ? 0.1956 0.2004 0.1821 0.0010  -0.0023 -0.0055 63  LYS E CD   
306 C  CE   . LYS A 42 ? 0.1564 0.1710 0.1683 0.0122  -0.0081 -0.0034 63  LYS E CE   
307 N  NZ   . LYS A 42 ? 0.1514 0.1671 0.1588 -0.0040 -0.0055 0.0044  63  LYS E NZ   
308 N  N    . GLN A 43 ? 0.1543 0.1469 0.1500 -0.0026 0.0003  -0.0056 64  GLN E N    
309 C  CA   . GLN A 43 ? 0.1665 0.1632 0.1657 -0.0011 0.0003  -0.0008 64  GLN E CA   
310 C  C    . GLN A 43 ? 0.1480 0.1505 0.1434 0.0033  -0.0006 -0.0016 64  GLN E C    
311 O  O    . GLN A 43 ? 0.1375 0.1366 0.1405 -0.0064 -0.0072 -0.0067 64  GLN E O    
312 C  CB   . GLN A 43 ? 0.1843 0.1774 0.1747 0.0022  -0.0023 0.0057  64  GLN E CB   
313 C  CG   . GLN A 43 ? 0.2106 0.2278 0.2110 -0.0073 -0.0045 0.0080  64  GLN E CG   
314 C  CD   . GLN A 43 ? 0.2458 0.2566 0.2450 -0.0106 -0.0084 0.0116  64  GLN E CD   
315 O  OE1  . GLN A 43 ? 0.2941 0.2542 0.2495 -0.0121 0.0191  0.0032  64  GLN E OE1  
316 N  NE2  . GLN A 43 ? 0.2922 0.2994 0.2740 -0.0325 -0.0027 0.0263  64  GLN E NE2  
317 N  N    . LEU A 44 ? 0.1493 0.1456 0.1339 0.0050  -0.0021 -0.0095 65  LEU E N    
318 C  CA   . LEU A 44 ? 0.1459 0.1451 0.1335 -0.0013 -0.0031 -0.0056 65  LEU E CA   
319 C  C    . LEU A 44 ? 0.1332 0.1349 0.1238 0.0000  -0.0029 -0.0077 65  LEU E C    
320 O  O    . LEU A 44 ? 0.1674 0.1599 0.1288 -0.0079 -0.0012 -0.0133 65  LEU E O    
321 C  CB   . LEU A 44 ? 0.1478 0.1474 0.1300 0.0009  0.0014  -0.0053 65  LEU E CB   
322 C  CG   . LEU A 44 ? 0.1528 0.1477 0.1420 -0.0038 -0.0053 -0.0025 65  LEU E CG   
323 C  CD1  . LEU A 44 ? 0.1612 0.1504 0.1396 -0.0065 -0.0104 -0.0104 65  LEU E CD1  
324 C  CD2  . LEU A 44 ? 0.1656 0.1633 0.1483 -0.0027 -0.0026 0.0009  65  LEU E CD2  
325 N  N    . TYR A 45 ? 0.1231 0.1339 0.1158 0.0019  -0.0063 -0.0043 66  TYR E N    
326 C  CA   . TYR A 45 ? 0.1114 0.1292 0.1176 -0.0043 -0.0074 -0.0028 66  TYR E CA   
327 C  C    . TYR A 45 ? 0.1133 0.1211 0.1091 -0.0076 -0.0042 -0.0039 66  TYR E C    
328 O  O    . TYR A 45 ? 0.1044 0.1167 0.1195 -0.0071 -0.0128 -0.0016 66  TYR E O    
329 C  CB   . TYR A 45 ? 0.1247 0.1323 0.1170 -0.0059 -0.0089 0.0017  66  TYR E CB   
330 C  CG   . TYR A 45 ? 0.1225 0.1127 0.1055 -0.0186 -0.0130 -0.0045 66  TYR E CG   
331 C  CD1  . TYR A 45 ? 0.1397 0.1252 0.1360 -0.0053 -0.0071 0.0090  66  TYR E CD1  
332 C  CD2  . TYR A 45 ? 0.1096 0.1324 0.1094 -0.0091 -0.0065 0.0025  66  TYR E CD2  
333 C  CE1  . TYR A 45 ? 0.1170 0.1283 0.1306 0.0013  -0.0038 -0.0001 66  TYR E CE1  
334 C  CE2  . TYR A 45 ? 0.1053 0.1259 0.1192 -0.0059 -0.0056 -0.0087 66  TYR E CE2  
335 C  CZ   . TYR A 45 ? 0.1347 0.1446 0.1465 0.0035  0.0018  0.0082  66  TYR E CZ   
336 O  OH   . TYR A 45 ? 0.1561 0.1735 0.1622 -0.0107 -0.0082 0.0298  66  TYR E OH   
337 N  N    . ASP A 46 ? 0.1073 0.1337 0.1142 -0.0022 -0.0015 0.0006  67  ASP E N    
338 C  CA   . ASP A 46 ? 0.1172 0.1217 0.1244 0.0008  -0.0022 -0.0038 67  ASP E CA   
339 C  C    . ASP A 46 ? 0.1154 0.1167 0.1179 0.0005  -0.0089 0.0001  67  ASP E C    
340 O  O    . ASP A 46 ? 0.1112 0.1210 0.1245 0.0113  -0.0046 -0.0041 67  ASP E O    
341 C  CB   . ASP A 46 ? 0.1230 0.1335 0.1281 0.0040  0.0050  -0.0019 67  ASP E CB   
342 C  CG   . ASP A 46 ? 0.1526 0.1460 0.1613 0.0004  -0.0008 0.0092  67  ASP E CG   
343 O  OD1  . ASP A 46 ? 0.2005 0.2303 0.2275 0.0191  0.0150  0.0217  67  ASP E OD1  
344 O  OD2  . ASP A 46 ? 0.1669 0.1619 0.1585 0.0096  0.0060  0.0115  67  ASP E OD2  
345 N  N    . GLN A 47 ? 0.1131 0.1141 0.1212 0.0010  -0.0041 -0.0045 68  GLN E N    
346 C  CA   . GLN A 47 ? 0.1095 0.1063 0.1193 0.0022  -0.0068 0.0032  68  GLN E CA   
347 C  C    . GLN A 47 ? 0.1190 0.1065 0.1164 -0.0012 -0.0014 0.0001  68  GLN E C    
348 O  O    . GLN A 47 ? 0.1287 0.1115 0.1285 -0.0021 -0.0068 -0.0108 68  GLN E O    
349 C  CB   . GLN A 47 ? 0.1038 0.1215 0.1141 -0.0009 -0.0061 0.0033  68  GLN E CB   
350 C  CG   . GLN A 47 ? 0.1095 0.1218 0.1221 -0.0038 -0.0098 0.0004  68  GLN E CG   
351 C  CD   . GLN A 47 ? 0.1469 0.1363 0.1389 -0.0106 -0.0185 0.0003  68  GLN E CD   
352 O  OE1  . GLN A 47 ? 0.1746 0.1986 0.1571 -0.0181 -0.0030 0.0053  68  GLN E OE1  
353 N  NE2  . GLN A 47 ? 0.1280 0.1258 0.1194 -0.0374 -0.0007 -0.0143 68  GLN E NE2  
354 N  N    . GLN A 48 ? 0.1133 0.1089 0.1128 -0.0050 -0.0005 -0.0001 69  GLN E N    
355 C  CA   . GLN A 48 ? 0.1185 0.1220 0.1170 0.0019  0.0002  -0.0025 69  GLN E CA   
356 C  C    . GLN A 48 ? 0.1332 0.1247 0.1223 0.0006  -0.0013 0.0003  69  GLN E C    
357 O  O    . GLN A 48 ? 0.1368 0.1405 0.1218 -0.0004 -0.0131 -0.0001 69  GLN E O    
358 C  CB   . GLN A 48 ? 0.1195 0.1174 0.1211 0.0027  -0.0051 0.0027  69  GLN E CB   
359 C  CG   . GLN A 48 ? 0.1285 0.1326 0.1346 0.0000  -0.0079 0.0012  69  GLN E CG   
360 C  CD   . GLN A 48 ? 0.1346 0.1361 0.1502 -0.0012 -0.0017 0.0052  69  GLN E CD   
361 O  OE1  . GLN A 48 ? 0.2149 0.2019 0.1990 0.0027  -0.0112 0.0245  69  GLN E OE1  
362 N  NE2  . GLN A 48 ? 0.1592 0.1425 0.1534 0.0093  0.0016  0.0027  69  GLN E NE2  
363 N  N    . GLU A 49 ? 0.1325 0.1233 0.1214 -0.0011 -0.0094 -0.0044 70  GLU E N    
364 C  CA   . GLU A 49 ? 0.1207 0.1155 0.1121 -0.0054 -0.0031 -0.0036 70  GLU E CA   
365 C  C    . GLU A 49 ? 0.1304 0.1071 0.1186 -0.0067 -0.0013 0.0000  70  GLU E C    
366 O  O    . GLU A 49 ? 0.1162 0.1167 0.0955 -0.0096 -0.0115 0.0002  70  GLU E O    
367 C  CB   . GLU A 49 ? 0.1218 0.1099 0.1164 -0.0061 -0.0043 -0.0077 70  GLU E CB   
368 C  CG   . GLU A 49 ? 0.1089 0.1242 0.1034 -0.0052 -0.0011 -0.0023 70  GLU E CG   
369 C  CD   . GLU A 49 ? 0.1590 0.1435 0.1171 0.0038  -0.0016 -0.0136 70  GLU E CD   
370 O  OE1  . GLU A 49 ? 0.1366 0.1511 0.1245 0.0018  -0.0069 -0.0094 70  GLU E OE1  
371 O  OE2  . GLU A 49 ? 0.1079 0.1268 0.1098 -0.0048 -0.0146 0.0097  70  GLU E OE2  
372 N  N    . GLN A 50 ? 0.1254 0.1112 0.1206 -0.0116 -0.0005 0.0030  71  GLN E N    
373 C  CA   . GLN A 50 ? 0.1317 0.1207 0.1271 -0.0021 -0.0052 -0.0052 71  GLN E CA   
374 C  C    . GLN A 50 ? 0.1291 0.1285 0.1259 -0.0048 -0.0060 0.0010  71  GLN E C    
375 O  O    . GLN A 50 ? 0.1499 0.1349 0.1670 0.0051  -0.0127 0.0082  71  GLN E O    
376 C  CB   . GLN A 50 ? 0.1274 0.1236 0.1171 -0.0031 -0.0065 -0.0041 71  GLN E CB   
377 C  CG   . GLN A 50 ? 0.1259 0.1317 0.1262 -0.0105 -0.0040 -0.0099 71  GLN E CG   
378 C  CD   . GLN A 50 ? 0.1211 0.1447 0.1434 -0.0043 -0.0004 -0.0006 71  GLN E CD   
379 O  OE1  . GLN A 50 ? 0.1313 0.1826 0.1396 -0.0006 -0.0048 0.0251  71  GLN E OE1  
380 N  NE2  . GLN A 50 ? 0.1627 0.1542 0.1596 -0.0120 -0.0135 -0.0102 71  GLN E NE2  
381 N  N    . HIS A 51 ? 0.1296 0.1299 0.1260 0.0007  -0.0111 -0.0048 72  HIS E N    
382 C  CA   . HIS A 51 ? 0.1142 0.1228 0.1235 -0.0011 -0.0055 -0.0060 72  HIS E CA   
383 C  C    . HIS A 51 ? 0.1264 0.1281 0.1249 -0.0012 -0.0056 -0.0007 72  HIS E C    
384 O  O    . HIS A 51 ? 0.1308 0.1385 0.1411 0.0030  0.0029  0.0006  72  HIS E O    
385 C  CB   . HIS A 51 ? 0.1191 0.1095 0.1191 -0.0013 -0.0099 -0.0060 72  HIS E CB   
386 C  CG   . HIS A 51 ? 0.1191 0.1315 0.1385 -0.0001 -0.0027 -0.0158 72  HIS E CG   
387 N  ND1  . HIS A 51 ? 0.1535 0.1699 0.1620 0.0008  -0.0005 0.0042  72  HIS E ND1  
388 C  CD2  . HIS A 51 ? 0.1392 0.1404 0.1316 0.0053  0.0103  -0.0005 72  HIS E CD2  
389 C  CE1  . HIS A 51 ? 0.0909 0.1077 0.0791 -0.0092 -0.0041 0.0009  72  HIS E CE1  
390 N  NE2  . HIS A 51 ? 0.1426 0.1803 0.1392 -0.0102 0.0007  -0.0090 72  HIS E NE2  
391 N  N    . MET A 52 ? 0.1277 0.1255 0.1217 0.0019  -0.0016 0.0026  73  MET E N    
392 C  CA   . MET A 52 ? 0.1349 0.1249 0.1241 -0.0012 -0.0040 0.0023  73  MET E CA   
393 C  C    . MET A 52 ? 0.1272 0.1302 0.1281 -0.0067 -0.0043 0.0022  73  MET E C    
394 O  O    . MET A 52 ? 0.1341 0.1363 0.1367 -0.0060 -0.0097 0.0045  73  MET E O    
395 C  CB   . MET A 52 ? 0.1331 0.1256 0.1177 0.0013  -0.0067 0.0014  73  MET E CB   
396 C  CG   . MET A 52 ? 0.1496 0.1270 0.1309 -0.0119 -0.0188 -0.0084 73  MET E CG   
397 S  SD   . MET A 52 ? 0.1422 0.1624 0.1399 -0.0189 -0.0244 0.0069  73  MET E SD   
398 C  CE   . MET A 52 ? 0.1806 0.1936 0.1903 -0.0207 0.0016  -0.0061 73  MET E CE   
399 N  N    . VAL A 53 ? 0.1178 0.1316 0.1192 -0.0139 -0.0066 -0.0008 74  VAL E N    
400 C  CA   . VAL A 53 ? 0.1236 0.1269 0.1228 -0.0072 -0.0047 -0.0041 74  VAL E CA   
401 C  C    . VAL A 53 ? 0.1321 0.1374 0.1239 -0.0042 -0.0043 -0.0007 74  VAL E C    
402 O  O    . VAL A 53 ? 0.1577 0.1422 0.1190 -0.0152 -0.0071 -0.0038 74  VAL E O    
403 C  CB   . VAL A 53 ? 0.1154 0.1261 0.1208 -0.0154 -0.0033 -0.0016 74  VAL E CB   
404 C  CG1  . VAL A 53 ? 0.1415 0.1296 0.1318 -0.0098 -0.0029 -0.0085 74  VAL E CG1  
405 C  CG2  . VAL A 53 ? 0.1205 0.1212 0.1322 -0.0108 -0.0067 -0.0079 74  VAL E CG2  
406 N  N    . TYR A 54 ? 0.1487 0.1510 0.1446 -0.0029 -0.0069 -0.0048 75  TYR E N    
407 C  CA   . TYR A 54 ? 0.1645 0.1724 0.1556 -0.0012 -0.0024 -0.0025 75  TYR E CA   
408 C  C    . TYR A 54 ? 0.1690 0.1741 0.1584 -0.0068 -0.0064 -0.0032 75  TYR E C    
409 O  O    . TYR A 54 ? 0.1825 0.1980 0.1552 -0.0044 -0.0130 0.0021  75  TYR E O    
410 C  CB   . TYR A 54 ? 0.1763 0.1770 0.1811 0.0002  0.0007  -0.0096 75  TYR E CB   
411 C  CG   . TYR A 54 ? 0.2616 0.2584 0.2445 0.0077  -0.0046 0.0025  75  TYR E CG   
412 C  CD1  . TYR A 54 ? 0.2926 0.2924 0.2895 -0.0049 -0.0036 -0.0002 75  TYR E CD1  
413 C  CD2  . TYR A 54 ? 0.3247 0.3119 0.3402 -0.0051 -0.0071 -0.0094 75  TYR E CD2  
414 C  CE1  . TYR A 54 ? 0.3551 0.3525 0.3396 0.0230  0.0090  0.0059  75  TYR E CE1  
415 C  CE2  . TYR A 54 ? 0.3480 0.3313 0.3290 0.0017  -0.0055 -0.0050 75  TYR E CE2  
416 C  CZ   . TYR A 54 ? 0.3420 0.3330 0.3373 -0.0071 -0.0102 -0.0121 75  TYR E CZ   
417 O  OH   . TYR A 54 ? 0.3293 0.2951 0.3139 0.0080  -0.0003 -0.0009 75  TYR E OH   
418 N  N    . CYS A 55 ? 0.1680 0.1865 0.1611 -0.0093 -0.0144 0.0036  76  CYS E N    
419 C  CA   . CYS A 55 ? 0.1741 0.1831 0.1579 -0.0054 -0.0080 -0.0015 76  CYS E CA   
420 C  C    . CYS A 55 ? 0.1647 0.1639 0.1579 -0.0058 -0.0034 -0.0011 76  CYS E C    
421 O  O    . CYS A 55 ? 0.1525 0.1264 0.1396 -0.0094 0.0006  -0.0006 76  CYS E O    
422 C  CB   . CYS A 55 ? 0.1783 0.1926 0.1652 0.0020  -0.0099 0.0014  76  CYS E CB   
423 S  SG   . CYS A 55 ? 0.2318 0.2060 0.1584 0.0122  -0.0166 -0.0215 76  CYS E SG   
424 N  N    . GLY A 56 ? 0.1620 0.1661 0.1566 -0.0071 -0.0024 0.0009  77  GLY E N    
425 C  CA   . GLY A 56 ? 0.1579 0.1705 0.1574 -0.0067 -0.0017 -0.0034 77  GLY E CA   
426 C  C    . GLY A 56 ? 0.1605 0.1766 0.1570 -0.0020 -0.0046 -0.0007 77  GLY E C    
427 O  O    . GLY A 56 ? 0.1843 0.2102 0.1789 -0.0081 0.0003  -0.0003 77  GLY E O    
428 N  N    . GLY A 57 ? 0.1606 0.1685 0.1478 -0.0010 -0.0062 0.0036  78  GLY E N    
429 C  CA   . GLY A 57 ? 0.1595 0.1640 0.1562 0.0007  -0.0008 -0.0020 78  GLY E CA   
430 C  C    . GLY A 57 ? 0.1522 0.1550 0.1526 0.0036  -0.0031 -0.0054 78  GLY E C    
431 O  O    . GLY A 57 ? 0.1459 0.1542 0.1766 0.0134  -0.0008 -0.0154 78  GLY E O    
432 N  N    . ASP A 58 ? 0.1354 0.1372 0.1357 -0.0005 -0.0008 -0.0061 79  ASP E N    
433 C  CA   . ASP A 58 ? 0.1393 0.1414 0.1318 -0.0026 -0.0061 -0.0122 79  ASP E CA   
434 C  C    . ASP A 58 ? 0.1369 0.1439 0.1389 -0.0018 -0.0051 -0.0100 79  ASP E C    
435 O  O    . ASP A 58 ? 0.1284 0.1540 0.1421 0.0002  -0.0184 -0.0033 79  ASP E O    
436 C  CB   . ASP A 58 ? 0.1484 0.1411 0.1406 -0.0032 0.0018  -0.0090 79  ASP E CB   
437 C  CG   . ASP A 58 ? 0.1476 0.1429 0.1278 -0.0011 -0.0038 -0.0103 79  ASP E CG   
438 O  OD1  . ASP A 58 ? 0.1443 0.1564 0.1561 -0.0050 -0.0102 0.0033  79  ASP E OD1  
439 O  OD2  . ASP A 58 ? 0.1630 0.1262 0.1227 -0.0087 0.0143  -0.0165 79  ASP E OD2  
440 N  N    . LEU A 59 ? 0.1433 0.1408 0.1382 0.0008  -0.0085 -0.0080 80  LEU E N    
441 C  CA   . LEU A 59 ? 0.1481 0.1485 0.1452 -0.0032 -0.0023 -0.0039 80  LEU E CA   
442 C  C    . LEU A 59 ? 0.1441 0.1451 0.1448 -0.0064 -0.0050 -0.0011 80  LEU E C    
443 O  O    . LEU A 59 ? 0.1580 0.1366 0.1241 -0.0154 -0.0121 -0.0045 80  LEU E O    
444 C  CB   . LEU A 59 ? 0.1505 0.1469 0.1441 -0.0023 -0.0028 -0.0018 80  LEU E CB   
445 C  CG   . LEU A 59 ? 0.1538 0.1632 0.1561 0.0001  -0.0041 0.0024  80  LEU E CG   
446 C  CD1  . LEU A 59 ? 0.1657 0.1843 0.1704 0.0048  0.0012  0.0010  80  LEU E CD1  
447 C  CD2  . LEU A 59 ? 0.1609 0.1728 0.1614 0.0016  -0.0129 0.0003  80  LEU E CD2  
448 N  N    . LEU A 60 ? 0.1404 0.1396 0.1367 -0.0039 -0.0103 -0.0103 81  LEU E N    
449 C  CA   . LEU A 60 ? 0.1478 0.1456 0.1494 -0.0038 -0.0057 -0.0061 81  LEU E CA   
450 C  C    . LEU A 60 ? 0.1565 0.1561 0.1508 0.0011  0.0013  -0.0035 81  LEU E C    
451 O  O    . LEU A 60 ? 0.1644 0.1694 0.1556 -0.0085 -0.0022 -0.0063 81  LEU E O    
452 C  CB   . LEU A 60 ? 0.1424 0.1491 0.1527 -0.0080 -0.0066 -0.0073 81  LEU E CB   
453 C  CG   . LEU A 60 ? 0.1488 0.1424 0.1484 0.0010  -0.0003 -0.0108 81  LEU E CG   
454 C  CD1  . LEU A 60 ? 0.1793 0.1617 0.1644 0.0053  0.0090  -0.0105 81  LEU E CD1  
455 C  CD2  . LEU A 60 ? 0.1737 0.1704 0.1638 0.0036  0.0069  -0.0044 81  LEU E CD2  
456 N  N    . GLY A 61 ? 0.1641 0.1562 0.1517 0.0037  0.0014  -0.0030 82  GLY E N    
457 C  CA   . GLY A 61 ? 0.1596 0.1542 0.1515 0.0025  -0.0006 -0.0030 82  GLY E CA   
458 C  C    . GLY A 61 ? 0.1610 0.1677 0.1610 0.0049  0.0037  -0.0072 82  GLY E C    
459 O  O    . GLY A 61 ? 0.1676 0.1766 0.1552 -0.0056 0.0122  -0.0125 82  GLY E O    
460 N  N    . GLU A 62 ? 0.1715 0.1743 0.1776 0.0008  0.0024  -0.0108 83  GLU E N    
461 C  CA   . GLU A 62 ? 0.1860 0.1852 0.1825 -0.0013 0.0000  -0.0036 83  GLU E CA   
462 C  C    . GLU A 62 ? 0.1828 0.1848 0.1771 -0.0022 -0.0007 0.0005  83  GLU E C    
463 O  O    . GLU A 62 ? 0.1985 0.1833 0.1927 -0.0089 -0.0022 -0.0071 83  GLU E O    
464 C  CB   . GLU A 62 ? 0.2000 0.1981 0.1868 -0.0006 -0.0008 -0.0056 83  GLU E CB   
465 C  CG   . GLU A 62 ? 0.2453 0.2292 0.2311 0.0006  0.0040  0.0006  83  GLU E CG   
466 C  CD   . GLU A 62 ? 0.2950 0.2860 0.2729 -0.0042 -0.0118 -0.0085 83  GLU E CD   
467 O  OE1  . GLU A 62 ? 0.3507 0.3309 0.2933 0.0090  -0.0119 0.0031  83  GLU E OE1  
468 O  OE2  . GLU A 62 ? 0.3217 0.2908 0.2937 -0.0068 -0.0108 -0.0156 83  GLU E OE2  
469 N  N    . LEU A 63 ? 0.1798 0.1799 0.1698 -0.0057 0.0046  -0.0014 84  LEU E N    
470 C  CA   . LEU A 63 ? 0.1942 0.1911 0.1896 -0.0003 0.0013  0.0006  84  LEU E CA   
471 C  C    . LEU A 63 ? 0.1887 0.1878 0.1938 -0.0022 0.0025  -0.0018 84  LEU E C    
472 O  O    . LEU A 63 ? 0.2043 0.1946 0.2059 0.0015  0.0069  0.0012  84  LEU E O    
473 C  CB   . LEU A 63 ? 0.1997 0.1903 0.1969 -0.0028 0.0034  -0.0013 84  LEU E CB   
474 C  CG   . LEU A 63 ? 0.2229 0.2199 0.2015 -0.0012 -0.0058 0.0043  84  LEU E CG   
475 C  CD1  . LEU A 63 ? 0.2340 0.2329 0.2153 0.0000  -0.0082 0.0040  84  LEU E CD1  
476 C  CD2  . LEU A 63 ? 0.2507 0.2502 0.2292 -0.0061 0.0023  0.0049  84  LEU E CD2  
477 N  N    . LEU A 64 ? 0.1808 0.1814 0.1852 -0.0004 -0.0003 -0.0023 85  LEU E N    
478 C  CA   . LEU A 64 ? 0.1825 0.1792 0.1893 -0.0019 -0.0006 -0.0061 85  LEU E CA   
479 C  C    . LEU A 64 ? 0.1812 0.1827 0.1912 -0.0052 -0.0030 -0.0064 85  LEU E C    
480 O  O    . LEU A 64 ? 0.1754 0.1797 0.2033 -0.0124 0.0002  -0.0091 85  LEU E O    
481 C  CB   . LEU A 64 ? 0.1798 0.1725 0.1822 -0.0016 -0.0026 -0.0072 85  LEU E CB   
482 C  CG   . LEU A 64 ? 0.1885 0.1892 0.1976 -0.0055 -0.0007 -0.0061 85  LEU E CG   
483 C  CD1  . LEU A 64 ? 0.2034 0.2121 0.2143 -0.0074 0.0052  -0.0061 85  LEU E CD1  
484 C  CD2  . LEU A 64 ? 0.2148 0.2022 0.1967 -0.0002 0.0062  -0.0079 85  LEU E CD2  
485 N  N    . GLY A 65 ? 0.1891 0.1892 0.2023 -0.0043 -0.0043 -0.0039 86  GLY E N    
486 C  CA   . GLY A 65 ? 0.1950 0.1933 0.2016 -0.0075 0.0006  -0.0028 86  GLY E CA   
487 C  C    . GLY A 65 ? 0.2033 0.2037 0.2134 -0.0055 -0.0031 -0.0052 86  GLY E C    
488 O  O    . GLY A 65 ? 0.2036 0.2052 0.2200 -0.0022 -0.0018 -0.0068 86  GLY E O    
489 N  N    . ARG A 66 ? 0.2070 0.2092 0.2074 -0.0006 -0.0005 -0.0033 87  ARG E N    
490 C  CA   . ARG A 66 ? 0.2214 0.2208 0.2214 -0.0006 -0.0013 -0.0046 87  ARG E CA   
491 C  C    . ARG A 66 ? 0.2028 0.2106 0.1969 -0.0015 -0.0025 -0.0041 87  ARG E C    
492 O  O    . ARG A 66 ? 0.1989 0.2083 0.1980 0.0047  -0.0011 -0.0030 87  ARG E O    
493 C  CB   . ARG A 66 ? 0.2432 0.2525 0.2377 0.0095  0.0045  -0.0046 87  ARG E CB   
494 C  CG   . ARG A 66 ? 0.3293 0.3182 0.3237 0.0008  -0.0065 -0.0114 87  ARG E CG   
495 C  CD   . ARG A 66 ? 0.4028 0.4247 0.4101 -0.0090 0.0120  -0.0007 87  ARG E CD   
496 N  NE   . ARG A 66 ? 0.4855 0.4747 0.4913 0.0042  0.0017  0.0033  87  ARG E NE   
497 N  N    . GLN A 67 ? 0.1903 0.1866 0.1932 -0.0045 0.0010  -0.0036 88  GLN E N    
498 C  CA   . GLN A 67 ? 0.1848 0.1862 0.1886 -0.0028 -0.0005 -0.0013 88  GLN E CA   
499 C  C    . GLN A 67 ? 0.1765 0.1813 0.1801 -0.0013 -0.0003 -0.0078 88  GLN E C    
500 O  O    . GLN A 67 ? 0.1596 0.1814 0.1620 0.0041  -0.0036 -0.0145 88  GLN E O    
501 C  CB   . GLN A 67 ? 0.2005 0.2004 0.2005 -0.0017 -0.0009 -0.0017 88  GLN E CB   
502 C  CG   . GLN A 67 ? 0.2414 0.2421 0.2379 0.0011  -0.0080 0.0003  88  GLN E CG   
503 C  CD   . GLN A 67 ? 0.2810 0.2820 0.2746 0.0140  0.0012  0.0027  88  GLN E CD   
504 O  OE1  . GLN A 67 ? 0.3251 0.3062 0.3221 0.0077  -0.0105 0.0010  88  GLN E OE1  
505 N  NE2  . GLN A 67 ? 0.3054 0.3190 0.3100 0.0004  -0.0073 0.0005  88  GLN E NE2  
506 N  N    . SER A 68 ? 0.1746 0.1889 0.1814 -0.0077 -0.0001 -0.0092 89  SER E N    
507 C  CA   . SER A 68 ? 0.1846 0.1939 0.1888 -0.0077 0.0012  -0.0041 89  SER E CA   
508 C  C    . SER A 68 ? 0.1762 0.1797 0.1759 -0.0098 0.0011  -0.0037 89  SER E C    
509 O  O    . SER A 68 ? 0.1862 0.1984 0.1772 -0.0117 0.0080  -0.0071 89  SER E O    
510 C  CB   . SER A 68 ? 0.1835 0.1944 0.1923 -0.0059 -0.0006 -0.0045 89  SER E CB   
511 O  OG   . SER A 68 ? 0.2175 0.2347 0.2389 -0.0014 -0.0094 0.0057  89  SER E OG   
512 N  N    . PHE A 69 ? 0.1728 0.1734 0.1587 -0.0117 -0.0007 -0.0065 90  PHE E N    
513 C  CA   . PHE A 69 ? 0.1708 0.1666 0.1589 -0.0053 0.0057  -0.0031 90  PHE E CA   
514 C  C    . PHE A 69 ? 0.1566 0.1473 0.1401 -0.0083 0.0033  -0.0026 90  PHE E C    
515 O  O    . PHE A 69 ? 0.1550 0.1459 0.1436 -0.0117 0.0034  -0.0137 90  PHE E O    
516 C  CB   . PHE A 69 ? 0.1726 0.1722 0.1623 -0.0033 0.0034  -0.0071 90  PHE E CB   
517 C  CG   . PHE A 69 ? 0.1714 0.1827 0.1611 -0.0057 0.0011  0.0039  90  PHE E CG   
518 C  CD1  . PHE A 69 ? 0.2027 0.2027 0.1979 -0.0005 0.0041  0.0001  90  PHE E CD1  
519 C  CD2  . PHE A 69 ? 0.1790 0.1704 0.1517 0.0019  0.0051  0.0046  90  PHE E CD2  
520 C  CE1  . PHE A 69 ? 0.2080 0.2259 0.2035 -0.0019 -0.0049 -0.0043 90  PHE E CE1  
521 C  CE2  . PHE A 69 ? 0.1886 0.1787 0.1709 -0.0053 -0.0164 -0.0035 90  PHE E CE2  
522 C  CZ   . PHE A 69 ? 0.1927 0.2091 0.1906 -0.0048 -0.0001 0.0045  90  PHE E CZ   
523 N  N    . SER A 70 ? 0.1526 0.1333 0.1425 -0.0051 0.0080  0.0019  91  SER E N    
524 C  CA   . SER A 70 ? 0.1477 0.1311 0.1389 -0.0059 0.0008  0.0009  91  SER E CA   
525 C  C    . SER A 70 ? 0.1455 0.1360 0.1387 -0.0035 0.0025  -0.0010 91  SER E C    
526 O  O    . SER A 70 ? 0.1456 0.1317 0.1265 -0.0077 0.0070  -0.0016 91  SER E O    
527 C  CB   . SER A 70 ? 0.1398 0.1191 0.1426 -0.0065 0.0017  0.0034  91  SER E CB   
528 O  OG   . SER A 70 ? 0.1466 0.1055 0.1312 -0.0117 0.0002  -0.0009 91  SER E OG   
529 N  N    . VAL A 71 ? 0.1350 0.1316 0.1392 -0.0022 0.0030  -0.0025 92  VAL E N    
530 C  CA   . VAL A 71 ? 0.1509 0.1421 0.1517 0.0040  -0.0018 -0.0028 92  VAL E CA   
531 C  C    . VAL A 71 ? 0.1543 0.1465 0.1543 0.0018  0.0018  0.0006  92  VAL E C    
532 O  O    . VAL A 71 ? 0.1585 0.1518 0.1673 -0.0015 0.0062  0.0038  92  VAL E O    
533 C  CB   . VAL A 71 ? 0.1572 0.1482 0.1622 0.0038  -0.0056 -0.0020 92  VAL E CB   
534 C  CG1  . VAL A 71 ? 0.1692 0.1797 0.1870 0.0052  0.0019  -0.0074 92  VAL E CG1  
535 C  CG2  . VAL A 71 ? 0.1468 0.1556 0.1588 0.0091  -0.0131 -0.0007 92  VAL E CG2  
536 N  N    . LYS A 72 ? 0.1534 0.1535 0.1584 -0.0027 0.0031  -0.0041 93  LYS E N    
537 C  CA   . LYS A 72 ? 0.1664 0.1631 0.1663 -0.0021 0.0006  -0.0039 93  LYS E CA   
538 C  C    . LYS A 72 ? 0.1786 0.1663 0.1755 -0.0017 -0.0017 -0.0039 93  LYS E C    
539 O  O    . LYS A 72 ? 0.1982 0.1752 0.1848 -0.0046 -0.0005 -0.0121 93  LYS E O    
540 C  CB   . LYS A 72 ? 0.1711 0.1707 0.1771 -0.0024 -0.0077 -0.0084 93  LYS E CB   
541 C  CG   . LYS A 72 ? 0.2093 0.2019 0.2089 -0.0038 0.0010  -0.0037 93  LYS E CG   
542 C  CD   . LYS A 72 ? 0.2592 0.2473 0.2453 0.0054  -0.0054 -0.0065 93  LYS E CD   
543 C  CE   . LYS A 72 ? 0.2920 0.2773 0.2829 -0.0037 -0.0060 0.0024  93  LYS E CE   
544 N  NZ   . LYS A 72 ? 0.3182 0.2961 0.2929 -0.0038 0.0086  -0.0034 93  LYS E NZ   
545 N  N    . ASP A 73 ? 0.1756 0.1643 0.1701 -0.0047 0.0007  -0.0038 94  ASP E N    
546 C  CA   . ASP A 73 ? 0.1895 0.1781 0.1827 -0.0039 0.0042  -0.0004 94  ASP E CA   
547 C  C    . ASP A 73 ? 0.1838 0.1687 0.1776 -0.0062 0.0071  -0.0019 94  ASP E C    
548 O  O    . ASP A 73 ? 0.1842 0.1642 0.1888 0.0001  0.0135  0.0000  94  ASP E O    
549 C  CB   . ASP A 73 ? 0.1946 0.1839 0.1937 -0.0082 0.0060  0.0026  94  ASP E CB   
550 C  CG   . ASP A 73 ? 0.2263 0.2170 0.2407 -0.0164 0.0133  -0.0027 94  ASP E CG   
551 O  OD1  . ASP A 73 ? 0.2468 0.2509 0.2510 -0.0227 0.0215  -0.0049 94  ASP E OD1  
552 O  OD2  . ASP A 73 ? 0.2915 0.3170 0.3531 -0.0170 -0.0084 -0.0054 94  ASP E OD2  
553 N  N    . PRO A 74 ? 0.1845 0.1639 0.1749 -0.0030 0.0062  -0.0006 95  PRO E N    
554 C  CA   . PRO A 74 ? 0.1827 0.1735 0.1726 -0.0029 0.0032  0.0000  95  PRO E CA   
555 C  C    . PRO A 74 ? 0.1908 0.1813 0.1808 -0.0019 0.0058  0.0008  95  PRO E C    
556 O  O    . PRO A 74 ? 0.1880 0.1551 0.1696 -0.0069 0.0094  0.0035  95  PRO E O    
557 C  CB   . PRO A 74 ? 0.1872 0.1771 0.1749 -0.0009 0.0020  0.0012  95  PRO E CB   
558 C  CG   . PRO A 74 ? 0.1748 0.1559 0.1690 0.0013  0.0086  0.0070  95  PRO E CG   
559 C  CD   . PRO A 74 ? 0.1767 0.1631 0.1716 -0.0029 0.0084  -0.0013 95  PRO E CD   
560 N  N    . SER A 75 ? 0.2041 0.1999 0.1907 -0.0025 0.0017  0.0002  96  SER E N    
561 C  CA   . SER A 75 ? 0.2100 0.2066 0.2006 -0.0030 0.0058  0.0018  96  SER E CA   
562 C  C    . SER A 75 ? 0.2066 0.2077 0.2049 -0.0004 0.0053  -0.0004 96  SER E C    
563 O  O    . SER A 75 ? 0.2061 0.2040 0.1915 -0.0033 0.0178  0.0025  96  SER E O    
564 C  CB   . SER A 75 ? 0.2131 0.2102 0.2014 -0.0068 0.0042  -0.0008 96  SER E CB   
565 O  OG   . SER A 75 ? 0.2540 0.2428 0.2419 -0.0149 0.0065  -0.0037 96  SER E OG   
566 N  N    . PRO A 76 ? 0.2081 0.2085 0.2025 -0.0033 0.0057  -0.0010 97  PRO E N    
567 C  CA   . PRO A 76 ? 0.2145 0.2098 0.2104 0.0006  0.0050  0.0004  97  PRO E CA   
568 C  C    . PRO A 76 ? 0.2151 0.2071 0.2075 -0.0012 0.0035  -0.0036 97  PRO E C    
569 O  O    . PRO A 76 ? 0.2088 0.2136 0.1984 0.0025  0.0112  -0.0016 97  PRO E O    
570 C  CB   . PRO A 76 ? 0.2182 0.2164 0.2129 0.0016  0.0028  -0.0066 97  PRO E CB   
571 C  CG   . PRO A 76 ? 0.2257 0.2189 0.2148 0.0030  0.0056  0.0030  97  PRO E CG   
572 C  CD   . PRO A 76 ? 0.2077 0.2091 0.2130 -0.0022 0.0040  -0.0035 97  PRO E CD   
573 N  N    . LEU A 77 ? 0.2152 0.2034 0.2020 -0.0032 0.0066  -0.0009 98  LEU E N    
574 C  CA   . LEU A 77 ? 0.2262 0.2181 0.2136 -0.0017 0.0017  -0.0056 98  LEU E CA   
575 C  C    . LEU A 77 ? 0.2069 0.2073 0.1923 -0.0050 0.0043  -0.0020 98  LEU E C    
576 O  O    . LEU A 77 ? 0.2108 0.2080 0.1774 -0.0089 0.0037  -0.0020 98  LEU E O    
577 C  CB   . LEU A 77 ? 0.2439 0.2308 0.2225 -0.0057 0.0031  -0.0044 98  LEU E CB   
578 C  CG   . LEU A 77 ? 0.2929 0.2841 0.2854 -0.0100 0.0067  -0.0004 98  LEU E CG   
579 C  CD1  . LEU A 77 ? 0.3266 0.3179 0.3137 0.0047  0.0065  -0.0012 98  LEU E CD1  
580 C  CD2  . LEU A 77 ? 0.2988 0.2985 0.2924 -0.0110 0.0052  -0.0096 98  LEU E CD2  
581 N  N    . TYR A 78 ? 0.1903 0.1948 0.1746 -0.0061 0.0019  -0.0056 99  TYR E N    
582 C  CA   . TYR A 78 ? 0.1893 0.1892 0.1825 -0.0070 -0.0013 -0.0067 99  TYR E CA   
583 C  C    . TYR A 78 ? 0.1979 0.1863 0.1905 -0.0063 -0.0010 -0.0007 99  TYR E C    
584 O  O    . TYR A 78 ? 0.2076 0.1833 0.1891 -0.0049 0.0038  -0.0043 99  TYR E O    
585 C  CB   . TYR A 78 ? 0.1856 0.1817 0.1816 -0.0086 -0.0040 -0.0085 99  TYR E CB   
586 C  CG   . TYR A 78 ? 0.1890 0.1675 0.1870 -0.0045 0.0059  -0.0118 99  TYR E CG   
587 C  CD1  . TYR A 78 ? 0.1950 0.1975 0.1839 -0.0050 0.0023  -0.0028 99  TYR E CD1  
588 C  CD2  . TYR A 78 ? 0.1849 0.1797 0.1846 -0.0006 0.0030  -0.0128 99  TYR E CD2  
589 C  CE1  . TYR A 78 ? 0.2091 0.1990 0.1872 0.0036  -0.0070 0.0003  99  TYR E CE1  
590 C  CE2  . TYR A 78 ? 0.1732 0.1660 0.1850 -0.0120 0.0013  0.0063  99  TYR E CE2  
591 C  CZ   . TYR A 78 ? 0.1969 0.1752 0.1820 -0.0003 -0.0065 -0.0062 99  TYR E CZ   
592 O  OH   . TYR A 78 ? 0.2211 0.1640 0.1886 -0.0186 0.0143  -0.0133 99  TYR E OH   
593 N  N    . ASP A 79 ? 0.2166 0.1995 0.2015 -0.0024 -0.0010 0.0008  100 ASP E N    
594 C  CA   . ASP A 79 ? 0.2327 0.2245 0.2233 -0.0025 -0.0019 0.0001  100 ASP E CA   
595 C  C    . ASP A 79 ? 0.2259 0.2212 0.2147 -0.0011 -0.0041 0.0013  100 ASP E C    
596 O  O    . ASP A 79 ? 0.2264 0.2347 0.2089 -0.0035 0.0013  0.0031  100 ASP E O    
597 C  CB   . ASP A 79 ? 0.2482 0.2474 0.2382 -0.0019 -0.0005 -0.0002 100 ASP E CB   
598 C  CG   . ASP A 79 ? 0.3186 0.3186 0.3186 0.0000  0.0000  0.0000  100 ASP E CG   
599 O  OD1  . ASP A 79 ? 0.3831 0.3868 0.3626 -0.0210 -0.0110 -0.0108 100 ASP E OD1  
600 O  OD2  . ASP A 79 ? 0.3951 0.3951 0.3426 -0.0107 0.0016  0.0136  100 ASP E OD2  
601 N  N    . MET A 80 ? 0.2059 0.2097 0.1987 0.0008  -0.0050 0.0005  101 MET E N    
602 C  CA   . MET A 80 ? 0.2075 0.2031 0.1980 -0.0014 -0.0023 -0.0043 101 MET E CA   
603 C  C    . MET A 80 ? 0.2129 0.2057 0.1981 -0.0015 -0.0048 -0.0017 101 MET E C    
604 O  O    . MET A 80 ? 0.2159 0.1994 0.1867 0.0002  -0.0103 -0.0045 101 MET E O    
605 C  CB   . MET A 80 ? 0.2062 0.1970 0.1988 0.0011  -0.0053 -0.0047 101 MET E CB   
606 C  CG   . MET A 80 ? 0.2273 0.2121 0.2076 -0.0026 -0.0062 -0.0116 101 MET E CG   
607 S  SD   . MET A 80 ? 0.2593 0.2377 0.2444 -0.0106 -0.0081 -0.0214 101 MET E SD   
608 C  CE   . MET A 80 ? 0.2830 0.2916 0.2771 -0.0101 -0.0021 0.0033  101 MET E CE   
609 N  N    . LEU A 81 ? 0.2158 0.1995 0.1992 -0.0024 -0.0013 -0.0076 102 LEU E N    
610 C  CA   . LEU A 81 ? 0.2230 0.2158 0.2142 -0.0031 -0.0024 -0.0046 102 LEU E CA   
611 C  C    . LEU A 81 ? 0.2329 0.2260 0.2264 0.0033  -0.0009 -0.0034 102 LEU E C    
612 O  O    . LEU A 81 ? 0.2456 0.2219 0.2226 0.0007  -0.0065 -0.0042 102 LEU E O    
613 C  CB   . LEU A 81 ? 0.2255 0.2209 0.2213 0.0000  0.0024  -0.0058 102 LEU E CB   
614 C  CG   . LEU A 81 ? 0.2520 0.2537 0.2511 -0.0004 0.0002  0.0037  102 LEU E CG   
615 C  CD1  . LEU A 81 ? 0.2728 0.2766 0.2681 -0.0028 0.0005  -0.0031 102 LEU E CD1  
616 C  CD2  . LEU A 81 ? 0.2687 0.2625 0.2642 -0.0080 0.0046  -0.0008 102 LEU E CD2  
617 N  N    . ARG A 82 ? 0.2423 0.2412 0.2385 -0.0005 -0.0014 -0.0033 103 ARG E N    
618 C  CA   . ARG A 82 ? 0.2638 0.2579 0.2541 0.0046  -0.0012 -0.0006 103 ARG E CA   
619 C  C    . ARG A 82 ? 0.2617 0.2568 0.2485 0.0042  -0.0021 0.0031  103 ARG E C    
620 O  O    . ARG A 82 ? 0.2720 0.2656 0.2488 0.0076  -0.0049 -0.0013 103 ARG E O    
621 C  CB   . ARG A 82 ? 0.2755 0.2732 0.2679 0.0004  -0.0011 -0.0038 103 ARG E CB   
622 C  CG   . ARG A 82 ? 0.3501 0.3292 0.3262 0.0021  0.0031  0.0057  103 ARG E CG   
623 C  CD   . ARG A 82 ? 0.4188 0.4330 0.4306 -0.0248 -0.0026 0.0054  103 ARG E CD   
624 N  NE   . ARG A 82 ? 0.4855 0.4782 0.5077 0.0033  0.0031  0.0025  103 ARG E NE   
625 C  CZ   . ARG A 82 ? 0.5715 0.5753 0.5726 -0.0031 0.0082  -0.0029 103 ARG E CZ   
626 N  NH1  . ARG A 82 ? 0.6089 0.6039 0.5974 -0.0026 -0.0021 0.0045  103 ARG E NH1  
627 N  NH2  . ARG A 82 ? 0.5904 0.5889 0.6004 0.0064  0.0038  0.0022  103 ARG E NH2  
628 N  N    . LYS A 83 ? 0.2546 0.2484 0.2336 0.0018  0.0011  0.0013  104 LYS E N    
629 C  CA   . LYS A 83 ? 0.2535 0.2482 0.2413 -0.0012 -0.0002 -0.0001 104 LYS E CA   
630 C  C    . LYS A 83 ? 0.2482 0.2448 0.2329 0.0007  -0.0020 -0.0010 104 LYS E C    
631 O  O    . LYS A 83 ? 0.2460 0.2559 0.2234 -0.0025 -0.0002 -0.0024 104 LYS E O    
632 C  CB   . LYS A 83 ? 0.2572 0.2571 0.2423 0.0005  -0.0010 0.0015  104 LYS E CB   
633 C  CG   . LYS A 83 ? 0.2954 0.3000 0.2836 -0.0070 0.0001  -0.0007 104 LYS E CG   
634 C  CD   . LYS A 83 ? 0.3408 0.3388 0.3342 0.0043  -0.0028 -0.0008 104 LYS E CD   
635 C  CE   . LYS A 83 ? 0.3732 0.3742 0.3678 -0.0042 0.0049  0.0003  104 LYS E CE   
636 N  N    . ASN A 84 ? 0.2328 0.2312 0.2248 0.0024  0.0020  -0.0035 105 ASN E N    
637 C  CA   . ASN A 84 ? 0.2395 0.2334 0.2273 0.0002  0.0003  -0.0034 105 ASN E CA   
638 C  C    . ASN A 84 ? 0.2520 0.2480 0.2425 0.0010  0.0018  0.0000  105 ASN E C    
639 O  O    . ASN A 84 ? 0.2471 0.2419 0.2376 0.0032  0.0008  -0.0043 105 ASN E O    
640 C  CB   . ASN A 84 ? 0.2348 0.2290 0.2183 -0.0010 -0.0024 -0.0066 105 ASN E CB   
641 C  CG   . ASN A 84 ? 0.2312 0.2200 0.2098 0.0024  -0.0063 -0.0092 105 ASN E CG   
642 O  OD1  . ASN A 84 ? 0.2516 0.2418 0.1840 0.0045  -0.0223 -0.0194 105 ASN E OD1  
643 N  ND2  . ASN A 84 ? 0.2203 0.2032 0.1715 0.0006  0.0000  0.0022  105 ASN E ND2  
644 N  N    . LEU A 85 ? 0.2771 0.2678 0.2687 0.0001  0.0014  -0.0009 106 LEU E N    
645 C  CA   . LEU A 85 ? 0.2983 0.2940 0.2972 0.0013  -0.0003 0.0017  106 LEU E CA   
646 C  C    . LEU A 85 ? 0.3241 0.3155 0.3178 -0.0002 -0.0023 0.0048  106 LEU E C    
647 O  O    . LEU A 85 ? 0.3271 0.3260 0.3241 -0.0013 -0.0031 0.0068  106 LEU E O    
648 C  CB   . LEU A 85 ? 0.2985 0.2909 0.2923 0.0020  -0.0033 0.0000  106 LEU E CB   
649 C  CG   . LEU A 85 ? 0.2974 0.2912 0.2989 0.0039  0.0043  0.0012  106 LEU E CG   
650 C  CD1  . LEU A 85 ? 0.3095 0.3037 0.3006 0.0052  -0.0051 0.0008  106 LEU E CD1  
651 C  CD2  . LEU A 85 ? 0.2943 0.2881 0.2892 0.0071  0.0002  -0.0077 106 LEU E CD2  
652 N  N    . VAL A 86 ? 0.3471 0.3449 0.3437 -0.0009 -0.0048 0.0034  107 VAL E N    
653 C  CA   . VAL A 86 ? 0.3641 0.3620 0.3619 0.0012  -0.0021 0.0021  107 VAL E CA   
654 C  C    . VAL A 86 ? 0.3704 0.3688 0.3604 0.0020  -0.0035 0.0007  107 VAL E C    
655 O  O    . VAL A 86 ? 0.3707 0.3615 0.3598 0.0050  -0.0036 0.0020  107 VAL E O    
656 C  CB   . VAL A 86 ? 0.3665 0.3666 0.3639 0.0006  -0.0014 0.0009  107 VAL E CB   
657 C  CG1  . VAL A 86 ? 0.3726 0.3690 0.3702 0.0012  -0.0021 0.0028  107 VAL E CG1  
658 C  CG2  . VAL A 86 ? 0.3765 0.3740 0.3756 0.0020  -0.0003 0.0009  107 VAL E CG2  
659 C  C1   . WW8 B .  ? 0.1329 0.1181 0.1287 0.0037  -0.0128 -0.0072 1   WW8 E C1   
660 C  C2   . WW8 B .  ? 0.1220 0.1238 0.1503 -0.0145 0.0003  -0.0135 1   WW8 E C2   
661 CL CL3  . WW8 B .  ? 0.1724 0.1949 0.1818 -0.0072 -0.0014 0.0115  1   WW8 E CL3  
662 C  C4   . WW8 B .  ? 0.1521 0.1544 0.1490 -0.0173 -0.0071 -0.0023 1   WW8 E C4   
663 C  C5   . WW8 B .  ? 0.1326 0.1470 0.1502 -0.0039 -0.0047 -0.0129 1   WW8 E C5   
664 C  C6   . WW8 B .  ? 0.1202 0.1219 0.1322 -0.0156 -0.0100 -0.0097 1   WW8 E C6   
665 C  C7   . WW8 B .  ? 0.1190 0.1244 0.1334 -0.0231 -0.0132 -0.0166 1   WW8 E C7   
666 N  N8   . WW8 B .  ? 0.1284 0.1197 0.1386 0.0011  -0.0145 -0.0136 1   WW8 E N8   
667 C  C9   . WW8 B .  ? 0.1369 0.1216 0.1486 -0.0080 -0.0166 -0.0103 1   WW8 E C9   
668 C  C10  . WW8 B .  ? 0.1616 0.1451 0.1513 -0.0013 -0.0097 -0.0189 1   WW8 E C10  
669 O  O11  . WW8 B .  ? 0.1793 0.1764 0.2025 0.0069  -0.0107 -0.0172 1   WW8 E O11  
670 N  N12  . WW8 B .  ? 0.1724 0.1743 0.1843 0.0068  -0.0138 -0.0043 1   WW8 E N12  
671 C  C13  . WW8 B .  ? 0.1888 0.1591 0.1881 0.0099  0.0029  0.0027  1   WW8 E C13  
672 C  C14  . WW8 B .  ? 0.1849 0.1783 0.1929 0.0118  0.0004  -0.0126 1   WW8 E C14  
673 N  N15  . WW8 B .  ? 0.1894 0.1912 0.1983 0.0032  0.0058  -0.0025 1   WW8 E N15  
674 C  C16  . WW8 B .  ? 0.1963 0.2073 0.2006 0.0105  -0.0029 -0.0079 1   WW8 E C16  
675 C  C17  . WW8 B .  ? 0.1949 0.2021 0.1935 0.0140  -0.0014 -0.0037 1   WW8 E C17  
676 C  C18  . WW8 B .  ? 0.1862 0.1807 0.1796 0.0094  0.0010  -0.0215 1   WW8 E C18  
677 N  N19  . WW8 B .  ? 0.1999 0.1932 0.1922 -0.0018 -0.0021 -0.0089 1   WW8 E N19  
678 C  C20  . WW8 B .  ? 0.2096 0.2044 0.1629 0.0093  -0.0107 -0.0003 1   WW8 E C20  
679 C  C21  . WW8 B .  ? 0.2357 0.1558 0.1996 -0.0045 -0.0028 0.0044  1   WW8 E C21  
680 C  C22  . WW8 B .  ? 0.1919 0.1820 0.2030 0.0049  0.0086  0.0035  1   WW8 E C22  
681 C  C23  . WW8 B .  ? 0.1902 0.1813 0.1939 0.0121  0.0028  -0.0108 1   WW8 E C23  
682 C  C24  . WW8 B .  ? 0.1770 0.1988 0.1810 0.0020  0.0019  -0.0136 1   WW8 E C24  
683 C  C25  . WW8 B .  ? 0.1287 0.1231 0.1353 -0.0067 -0.0023 -0.0026 1   WW8 E C25  
684 C  C26  . WW8 B .  ? 0.1511 0.1573 0.1402 -0.0030 -0.0157 -0.0212 1   WW8 E C26  
685 C  C27  . WW8 B .  ? 0.1500 0.1393 0.1192 -0.0058 -0.0015 -0.0088 1   WW8 E C27  
686 C  C28  . WW8 B .  ? 0.1076 0.1212 0.1424 -0.0095 -0.0010 -0.0009 1   WW8 E C28  
687 C  C29  . WW8 B .  ? 0.1223 0.1144 0.1300 -0.0141 0.0117  0.0071  1   WW8 E C29  
688 C  C30  . WW8 B .  ? 0.1368 0.1364 0.1264 -0.0089 -0.0133 -0.0184 1   WW8 E C30  
689 C  C31  . WW8 B .  ? 0.1259 0.1591 0.1169 0.0095  -0.0162 0.0051  1   WW8 E C31  
690 C  C32  . WW8 B .  ? 0.1492 0.1450 0.1649 0.0149  0.0015  0.0003  1   WW8 E C32  
691 C  C33  . WW8 B .  ? 0.1440 0.1460 0.1300 0.0034  0.0031  -0.0159 1   WW8 E C33  
692 N  N34  . WW8 B .  ? 0.1632 0.1446 0.1324 -0.0152 -0.0028 -0.0054 1   WW8 E N34  
693 C  C35  . WW8 B .  ? 0.1796 0.1559 0.1529 0.0091  -0.0032 0.0014  1   WW8 E C35  
694 N  N36  . WW8 B .  ? 0.1599 0.1497 0.1473 -0.0002 -0.0083 -0.0123 1   WW8 E N36  
695 C  C37  . WW8 B .  ? 0.1644 0.1567 0.1396 0.0067  0.0037  -0.0090 1   WW8 E C37  
696 C  C38  . WW8 B .  ? 0.1649 0.1702 0.1563 -0.0021 0.0026  0.0019  1   WW8 E C38  
697 C  C39  . WW8 B .  ? 0.1952 0.1827 0.1835 0.0064  0.0017  0.0108  1   WW8 E C39  
698 C  C40  . WW8 B .  ? 0.1973 0.2272 0.2097 0.0093  0.0138  0.0025  1   WW8 E C40  
699 C  C41  . WW8 B .  ? 0.2063 0.2198 0.2110 0.0109  0.0061  0.0020  1   WW8 E C41  
700 CL CL42 . WW8 B .  ? 0.2303 0.2922 0.2016 0.0209  0.0105  0.0202  1   WW8 E CL42 
701 C  C43  . WW8 B .  ? 0.1893 0.2149 0.1967 -0.0034 0.0046  0.0109  1   WW8 E C43  
702 C  C44  . WW8 B .  ? 0.1735 0.1887 0.1721 -0.0074 0.0064  0.0034  1   WW8 E C44  
703 C  C1   . WW8 C .  ? 0.2951 0.2645 0.2587 0.0017  -0.0047 -0.0008 112 WW8 E C1   
704 C  C2   . WW8 C .  ? 0.3354 0.3012 0.3109 -0.0024 0.0035  -0.0138 112 WW8 E C2   
705 CL CL3  . WW8 C .  ? 0.3913 0.3593 0.3746 -0.0041 -0.0097 -0.0311 112 WW8 E CL3  
706 C  C4   . WW8 C .  ? 0.2990 0.2932 0.3007 0.0014  0.0090  -0.0199 112 WW8 E C4   
707 C  C5   . WW8 C .  ? 0.3256 0.3161 0.3063 -0.0051 0.0003  0.0010  112 WW8 E C5   
708 C  C6   . WW8 C .  ? 0.3171 0.3053 0.2996 -0.0006 -0.0036 0.0132  112 WW8 E C6   
709 C  C7   . WW8 C .  ? 0.2968 0.2908 0.2829 -0.0033 0.0004  0.0017  112 WW8 E C7   
710 N  N8   . WW8 C .  ? 0.3186 0.3205 0.3001 -0.0106 0.0002  0.0138  112 WW8 E N8   
711 C  C9   . WW8 C .  ? 0.3126 0.3112 0.3072 -0.0021 0.0047  0.0151  112 WW8 E C9   
712 C  C10  . WW8 C .  ? 0.3431 0.3170 0.3079 0.0174  0.0097  -0.0005 112 WW8 E C10  
713 O  O11  . WW8 C .  ? 0.3812 0.3472 0.3373 0.0087  0.0101  -0.0166 112 WW8 E O11  
714 N  N12  . WW8 C .  ? 0.3610 0.3323 0.3172 0.0197  0.0107  -0.0144 112 WW8 E N12  
715 C  C13  . WW8 C .  ? 0.3550 0.3452 0.3297 0.0024  0.0029  0.0040  112 WW8 E C13  
716 C  C14  . WW8 C .  ? 0.3268 0.3066 0.3017 0.0191  0.0053  -0.0039 112 WW8 E C14  
717 N  N15  . WW8 C .  ? 0.3404 0.3138 0.3106 0.0185  0.0102  -0.0062 112 WW8 E N15  
718 C  C16  . WW8 C .  ? 0.3356 0.3205 0.3158 0.0147  0.0097  -0.0115 112 WW8 E C16  
719 C  C17  . WW8 C .  ? 0.3085 0.3057 0.2952 0.0208  0.0062  -0.0139 112 WW8 E C17  
720 C  C18  . WW8 C .  ? 0.3259 0.3132 0.3024 0.0020  0.0038  -0.0094 112 WW8 E C18  
721 N  N19  . WW8 C .  ? 0.3067 0.3149 0.3044 0.0007  -0.0024 -0.0060 112 WW8 E N19  
722 C  C20  . WW8 C .  ? 0.3082 0.3348 0.4009 0.0065  0.0177  0.0404  112 WW8 E C20  
723 C  C21  . WW8 C .  ? 0.3076 0.3032 0.3073 -0.0054 -0.0101 -0.0090 112 WW8 E C21  
724 C  C22  . WW8 C .  ? 0.3366 0.3762 0.3441 -0.0003 -0.0073 0.0284  112 WW8 E C22  
725 C  C23  . WW8 C .  ? 0.3185 0.3177 0.3050 0.0042  0.0070  -0.0060 112 WW8 E C23  
726 C  C24  . WW8 C .  ? 0.3081 0.2650 0.2752 0.0537  -0.0186 0.0160  112 WW8 E C24  
727 C  C25  . WW8 C .  ? 0.2970 0.2985 0.2886 -0.0026 -0.0038 0.0082  112 WW8 E C25  
728 C  C26  . WW8 C .  ? 0.3255 0.3376 0.3171 -0.0074 -0.0079 0.0164  112 WW8 E C26  
729 C  C27  . WW8 C .  ? 0.3266 0.3467 0.3269 -0.0137 -0.0109 0.0117  112 WW8 E C27  
730 C  C28  . WW8 C .  ? 0.3251 0.3313 0.3145 -0.0232 -0.0158 0.0158  112 WW8 E C28  
731 C  C29  . WW8 C .  ? 0.3276 0.3239 0.3085 -0.0095 -0.0225 0.0136  112 WW8 E C29  
732 C  C30  . WW8 C .  ? 0.3354 0.3362 0.3240 0.0009  -0.0134 0.0106  112 WW8 E C30  
733 C  C31  . WW8 C .  ? 0.3098 0.3201 0.3233 -0.0378 -0.0144 0.0081  112 WW8 E C31  
734 C  C32  . WW8 C .  ? 0.3505 0.3586 0.3563 -0.0137 -0.0069 0.0044  112 WW8 E C32  
735 C  C33  . WW8 C .  ? 0.3469 0.3473 0.3153 -0.0095 -0.0263 0.0236  112 WW8 E C33  
736 N  N34  . WW8 C .  ? 0.3343 0.3609 0.3407 -0.0080 -0.0139 0.0103  112 WW8 E N34  
737 C  C35  . WW8 C .  ? 0.3327 0.3596 0.3447 -0.0048 -0.0109 0.0053  112 WW8 E C35  
738 N  N36  . WW8 C .  ? 0.3227 0.3468 0.3328 -0.0116 -0.0059 0.0146  112 WW8 E N36  
739 C  C37  . WW8 C .  ? 0.3129 0.3256 0.3186 0.0008  -0.0120 0.0037  112 WW8 E C37  
740 C  C38  . WW8 C .  ? 0.3028 0.3122 0.2928 -0.0045 0.0006  0.0159  112 WW8 E C38  
741 C  C39  . WW8 C .  ? 0.3110 0.3181 0.3058 0.0009  -0.0076 0.0046  112 WW8 E C39  
742 C  C40  . WW8 C .  ? 0.3115 0.3169 0.3009 -0.0100 0.0078  0.0086  112 WW8 E C40  
743 C  C41  . WW8 C .  ? 0.3018 0.3411 0.3478 -0.0106 0.0070  -0.0182 112 WW8 E C41  
744 CL CL42 . WW8 C .  ? 0.3777 0.3954 0.3841 -0.0098 0.0092  0.0078  112 WW8 E CL42 
745 C  C43  . WW8 C .  ? 0.3089 0.2931 0.3192 0.0114  -0.0106 0.0145  112 WW8 E C43  
746 C  C44  . WW8 C .  ? 0.3091 0.3192 0.3046 -0.0051 0.0017  0.0159  112 WW8 E C44  
747 S  S    . SO4 D .  ? 0.7192 0.7192 0.7192 0.0000  0.0000  0.0000  113 SO4 E S    
748 O  O1   . SO4 D .  ? 0.7153 0.7153 0.7153 0.0000  0.0000  0.0000  113 SO4 E O1   
749 O  O2   . SO4 D .  ? 0.6602 0.6602 0.6602 0.0000  0.0000  0.0000  113 SO4 E O2   
750 O  O3   . SO4 D .  ? 0.7290 0.7290 0.7290 0.0000  0.0000  0.0000  113 SO4 E O3   
751 O  O4   . SO4 D .  ? 0.6877 0.6877 0.6877 0.0000  0.0000  0.0000  113 SO4 E O4   
752 O  O    . HOH E .  ? 0.1491 0.1476 0.1418 -0.0271 -0.0207 -0.0042 7   HOH E O    
753 O  O    . HOH E .  ? 0.1557 0.1652 0.1483 -0.0088 -0.0058 -0.0089 8   HOH E O    
754 O  O    . HOH E .  ? 0.2147 0.1894 0.1919 0.0118  -0.0387 0.0024  9   HOH E O    
755 O  O    . HOH E .  ? 0.2341 0.2083 0.1915 -0.0028 0.0103  -0.0416 11  HOH E O    
756 O  O    . HOH E .  ? 0.1726 0.1749 0.2107 0.0112  -0.0213 0.0182  12  HOH E O    
757 O  O    . HOH E .  ? 0.1399 0.1590 0.1915 -0.0032 -0.0270 0.0113  13  HOH E O    
758 O  O    . HOH E .  ? 0.2479 0.2128 0.2217 -0.0223 0.0271  -0.0266 14  HOH E O    
759 O  O    . HOH E .  ? 0.1716 0.1699 0.1676 -0.0032 0.0009  -0.0007 15  HOH E O    
760 O  O    . HOH E .  ? 0.2319 0.2742 0.2502 -0.0009 0.0036  0.0026  16  HOH E O    
761 O  O    . HOH E .  ? 0.2161 0.1849 0.1730 -0.0338 0.0217  -0.0042 17  HOH E O    
762 O  O    . HOH E .  ? 0.2688 0.2447 0.2396 0.0022  0.0160  -0.0257 18  HOH E O    
763 O  O    . HOH E .  ? 0.2229 0.2453 0.2007 -0.0295 -0.0170 -0.0162 19  HOH E O    
764 O  O    . HOH E .  ? 0.2563 0.2724 0.3145 0.0056  -0.0091 -0.0028 20  HOH E O    
765 O  O    . HOH E .  ? 0.2656 0.2110 0.2785 0.0017  -0.0240 0.0031  21  HOH E O    
766 O  O    . HOH E .  ? 0.1463 0.1656 0.1411 0.0019  -0.0281 -0.0045 114 HOH E O    
767 O  O    . HOH E .  ? 0.3339 0.3251 0.3343 -0.0098 0.0156  -0.0193 115 HOH E O    
768 O  O    . HOH E .  ? 0.4422 0.4712 0.4638 0.0009  0.0066  -0.0126 116 HOH E O    
769 O  O    . HOH E .  ? 0.5703 0.5555 0.5563 0.0037  -0.0066 -0.0049 117 HOH E O    
770 O  O    . HOH E .  ? 0.1762 0.1624 0.2062 0.0051  -0.0136 0.0025  118 HOH E O    
771 O  O    . HOH E .  ? 0.4839 0.5015 0.4832 -0.0132 -0.0048 0.0204  119 HOH E O    
772 O  O    . HOH E .  ? 0.5448 0.5533 0.5505 -0.0035 0.0000  -0.0054 120 HOH E O    
773 O  O    . HOH E .  ? 0.3342 0.2694 0.3263 0.0049  -0.0028 -0.0031 121 HOH E O    
774 O  O    . HOH E .  ? 0.5539 0.5779 0.5743 -0.0037 0.0030  -0.0053 122 HOH E O    
775 O  O    . HOH E .  ? 0.6516 0.6441 0.6547 0.0099  0.0014  0.0039  123 HOH E O    
776 O  O    . HOH E .  ? 0.2344 0.2307 0.2025 0.0021  -0.0074 0.0115  124 HOH E O    
777 O  O    . HOH E .  ? 0.7500 0.7481 0.7465 0.0008  0.0036  0.0045  125 HOH E O    
778 O  O    . HOH E .  ? 0.4465 0.4297 0.4538 0.0052  0.0002  -0.0012 126 HOH E O    
779 O  O    . HOH E .  ? 0.3283 0.2063 0.2695 0.0325  -0.0016 -0.0184 127 HOH E O    
780 O  O    . HOH E .  ? 0.3262 0.3446 0.2999 -0.0104 -0.0080 -0.0250 128 HOH E O    
781 O  O    . HOH E .  ? 0.6452 0.6361 0.6357 0.0098  -0.0037 0.0055  129 HOH E O    
782 O  O    . HOH E .  ? 0.6178 0.6250 0.6233 0.0014  -0.0080 0.0063  130 HOH E O    
783 O  O    . HOH E .  ? 0.2306 0.2618 0.2171 -0.0005 0.0031  0.0072  131 HOH E O    
784 O  O    . HOH E .  ? 0.6471 0.6580 0.6568 -0.0043 0.0012  -0.0043 132 HOH E O    
785 O  O    . HOH E .  ? 0.6189 0.6136 0.6091 0.0008  0.0092  -0.0037 133 HOH E O    
786 O  O    . HOH E .  ? 0.2086 0.2115 0.1932 -0.0244 0.0113  0.0139  134 HOH E O    
787 O  O    . HOH E .  ? 0.3079 0.2334 0.2803 0.0273  0.0030  0.0201  135 HOH E O    
788 O  O    . HOH E .  ? 0.3085 0.2825 0.2759 0.0261  0.0011  -0.0098 136 HOH E O    
789 O  O    . HOH E .  ? 0.4675 0.4888 0.4313 -0.0152 -0.0038 -0.0013 137 HOH E O    
790 O  O    . HOH E .  ? 0.4488 0.4189 0.4153 0.0059  -0.0069 0.0240  138 HOH E O    
791 O  O    . HOH E .  ? 0.6729 0.6695 0.6576 0.0058  -0.0015 -0.0017 139 HOH E O    
792 O  O    . HOH E .  ? 0.1960 0.1867 0.2442 -0.0255 0.0012  0.0082  140 HOH E O    
793 O  O    . HOH E .  ? 0.2554 0.2504 0.3063 -0.0050 0.0373  -0.0088 141 HOH E O    
794 O  O    . HOH E .  ? 0.2761 0.1886 0.2583 0.0229  -0.0039 -0.0012 142 HOH E O    
795 O  O    . HOH E .  ? 0.3911 0.3840 0.4088 -0.0120 -0.0313 0.0161  143 HOH E O    
796 O  O    . HOH E .  ? 0.5629 0.5634 0.5830 0.0004  0.0024  -0.0021 144 HOH E O    
797 O  O    . HOH E .  ? 0.2628 0.2270 0.2782 0.0010  -0.0089 -0.0154 145 HOH E O    
798 O  O    . HOH E .  ? 0.3278 0.3595 0.3522 0.0297  -0.0116 -0.0013 146 HOH E O    
799 O  O    . HOH E .  ? 0.2372 0.2378 0.2618 0.0260  -0.0474 -0.0451 147 HOH E O    
800 O  O    . HOH E .  ? 0.3418 0.3473 0.3750 -0.0401 -0.0016 0.0219  148 HOH E O    
801 O  O    . HOH E .  ? 0.2415 0.2253 0.2361 0.0181  0.0108  0.0030  149 HOH E O    
802 O  O    . HOH E .  ? 0.2872 0.2919 0.2889 -0.0031 -0.0037 0.0105  150 HOH E O    
803 O  O    . HOH E .  ? 0.2305 0.1970 0.2248 0.0052  -0.0095 0.0002  151 HOH E O    
804 O  O    . HOH E .  ? 0.2883 0.3026 0.2921 0.0172  0.0270  -0.0025 152 HOH E O    
805 O  O    . HOH E .  ? 0.2924 0.3071 0.3184 -0.0002 0.0036  -0.0259 153 HOH E O    
806 O  O    . HOH E .  ? 0.2864 0.2254 0.2372 0.0062  0.0239  0.0068  154 HOH E O    
807 O  O    . HOH E .  ? 0.2976 0.3029 0.2992 -0.0073 -0.0110 -0.0048 155 HOH E O    
808 O  O    . HOH E .  ? 0.3128 0.3100 0.2191 -0.0104 0.0039  -0.0109 156 HOH E O    
809 O  O    . HOH E .  ? 0.3306 0.3421 0.3507 0.0113  -0.0163 -0.0195 157 HOH E O    
810 O  O    . HOH E .  ? 0.4340 0.4266 0.3982 0.0077  0.0094  -0.0112 158 HOH E O    
811 O  O    . HOH E .  ? 0.3378 0.3101 0.2928 -0.0094 0.0105  -0.0414 159 HOH E O    
812 O  O    . HOH E .  ? 0.4159 0.4140 0.4084 0.0038  0.0114  -0.0032 160 HOH E O    
813 O  O    . HOH E .  ? 0.3311 0.2896 0.2949 0.0145  -0.0359 -0.0086 161 HOH E O    
814 O  O    . HOH E .  ? 0.3314 0.3620 0.3245 -0.0010 -0.0168 -0.0074 162 HOH E O    
815 O  O    . HOH E .  ? 0.2946 0.3129 0.2757 0.0232  0.0109  0.0050  163 HOH E O    
816 O  O    . HOH E .  ? 0.3622 0.3510 0.3556 -0.0015 -0.0045 -0.0140 164 HOH E O    
817 O  O    . HOH E .  ? 0.7385 0.7297 0.7337 -0.0001 0.0006  -0.0017 165 HOH E O    
818 O  O    . HOH E .  ? 0.3749 0.4058 0.3996 -0.0015 -0.0057 -0.0271 167 HOH E O    
819 O  O    . HOH E .  ? 0.3202 0.3020 0.2947 -0.0592 0.0021  0.0344  168 HOH E O    
820 O  O    . HOH E .  ? 0.3446 0.3669 0.3863 -0.0187 0.0318  -0.0064 169 HOH E O    
821 O  O    . HOH E .  ? 0.3060 0.2528 0.2728 0.0105  0.0118  -0.0293 170 HOH E O    
822 O  O    . HOH E .  ? 0.4484 0.4556 0.4625 -0.0153 -0.0010 -0.0114 171 HOH E O    
823 O  O    . HOH E .  ? 0.4888 0.4766 0.4630 0.0138  0.0039  -0.0118 172 HOH E O    
824 O  O    . HOH E .  ? 0.3596 0.3603 0.3456 -0.0054 -0.0020 -0.0010 173 HOH E O    
825 O  O    . HOH E .  ? 0.4386 0.4392 0.4204 -0.0149 -0.0045 0.0037  174 HOH E O    
826 O  O    . HOH E .  ? 0.3358 0.3697 0.3559 0.0027  0.0096  -0.0084 175 HOH E O    
827 O  O    . HOH E .  ? 0.5193 0.5463 0.5434 0.0027  -0.0037 -0.0181 176 HOH E O    
828 O  O    . HOH E .  ? 0.4452 0.4362 0.4151 -0.0170 -0.0015 0.0076  177 HOH E O    
829 O  O    . HOH E .  ? 0.4346 0.4407 0.4217 -0.0119 -0.0104 -0.0035 178 HOH E O    
830 O  O    . HOH E .  ? 0.3487 0.3221 0.3271 -0.0194 0.0260  -0.0005 179 HOH E O    
831 O  O    . HOH E .  ? 0.6084 0.6033 0.6180 -0.0025 -0.0046 -0.0052 180 HOH E O    
832 O  O    . HOH E .  ? 0.5777 0.5239 0.5410 0.0163  -0.0044 0.0050  181 HOH E O    
833 O  O    . HOH E .  ? 0.3901 0.4218 0.3948 -0.0128 -0.0076 0.0057  182 HOH E O    
834 O  O    . HOH E .  ? 0.3484 0.3763 0.4130 -0.0080 -0.0204 0.0584  183 HOH E O    
835 O  O    . HOH E .  ? 0.4269 0.4077 0.4062 -0.0066 -0.0015 -0.0128 184 HOH E O    
836 O  O    . HOH E .  ? 0.5283 0.5174 0.5082 -0.0036 0.0082  0.0053  185 HOH E O    
837 O  O    . HOH E .  ? 0.4912 0.4807 0.5005 -0.0022 -0.0076 -0.0008 186 HOH E O    
838 O  O    . HOH E .  ? 0.5274 0.5482 0.5265 -0.0022 0.0000  -0.0110 187 HOH E O    
839 O  O    . HOH E .  ? 0.5508 0.5473 0.5542 -0.0129 0.0043  -0.0020 188 HOH E O    
840 O  O    . HOH E .  ? 0.3912 0.3963 0.3841 -0.0028 -0.0139 0.0090  189 HOH E O    
841 O  O    . HOH E .  ? 0.2733 0.3064 0.2631 -0.0075 -0.0058 -0.0010 190 HOH E O    
842 O  O    . HOH E .  ? 0.4764 0.4817 0.5005 -0.0026 0.0158  -0.0103 191 HOH E O    
843 O  O    . HOH E .  ? 0.5133 0.4934 0.5074 0.0018  0.0032  0.0051  192 HOH E O    
844 O  O    . HOH E .  ? 0.4974 0.5288 0.5100 -0.0120 -0.0049 0.0021  193 HOH E O    
845 O  O    . HOH E .  ? 0.3971 0.3896 0.4270 0.0050  -0.0052 0.0004  194 HOH E O    
846 O  O    . HOH E .  ? 0.6124 0.6141 0.6060 0.0119  0.0037  -0.0053 195 HOH E O    
847 O  O    . HOH E .  ? 0.5058 0.4927 0.4858 0.0103  0.0173  -0.0183 196 HOH E O    
848 O  O    . HOH E .  ? 0.4523 0.4706 0.4713 0.0050  0.0037  -0.0116 197 HOH E O    
849 O  O    . HOH E .  ? 0.5188 0.5256 0.5325 -0.0058 -0.0072 -0.0096 198 HOH E O    
850 O  O    . HOH E .  ? 0.9008 0.9040 0.8989 0.0030  0.0017  0.0018  199 HOH E O    
851 O  O    . HOH E .  ? 0.6484 0.6180 0.6304 0.0045  0.0079  -0.0050 200 HOH E O    
852 O  O    . HOH E .  ? 0.4533 0.4565 0.4558 0.0002  -0.0016 -0.0035 201 HOH E O    
853 O  O    . HOH E .  ? 0.5910 0.6114 0.6095 0.0019  -0.0036 0.0044  202 HOH E O    
854 O  O    . HOH E .  ? 0.5881 0.5882 0.5858 -0.0019 0.0035  -0.0103 203 HOH E O    
855 O  O    . HOH E .  ? 0.4341 0.4247 0.4211 0.0010  -0.0015 -0.0079 204 HOH E O    
856 O  O    . HOH E .  ? 0.6019 0.5983 0.5864 0.0092  -0.0022 -0.0018 205 HOH E O    
857 O  O    . HOH E .  ? 0.5715 0.5921 0.5752 0.0000  -0.0050 -0.0078 206 HOH E O    
858 O  O    . HOH E .  ? 0.5835 0.5897 0.6030 -0.0070 -0.0044 0.0081  207 HOH E O    
859 O  O    . HOH E .  ? 0.4685 0.4722 0.4902 -0.0076 -0.0081 -0.0106 208 HOH E O    
860 O  O    . HOH E .  ? 0.1839 0.1421 0.1835 -0.0020 -0.0190 -0.0208 209 HOH E O    
861 O  O    . HOH E .  ? 0.1921 0.2164 0.1483 0.0296  -0.0277 0.0068  210 HOH E O    
862 O  O    . HOH E .  ? 0.2430 0.1870 0.2292 0.0126  -0.0032 -0.0369 211 HOH E O    
863 O  O    . HOH E .  ? 0.1537 0.1148 0.1455 0.0020  0.0207  -0.0145 212 HOH E O    
864 O  O    . HOH E .  ? 0.2061 0.2351 0.1958 -0.0259 -0.0129 0.0066  213 HOH E O    
# 
loop_
_pdbx_poly_seq_scheme.asym_id 
_pdbx_poly_seq_scheme.entity_id 
_pdbx_poly_seq_scheme.seq_id 
_pdbx_poly_seq_scheme.mon_id 
_pdbx_poly_seq_scheme.ndb_seq_num 
_pdbx_poly_seq_scheme.pdb_seq_num 
_pdbx_poly_seq_scheme.auth_seq_num 
_pdbx_poly_seq_scheme.pdb_mon_id 
_pdbx_poly_seq_scheme.auth_mon_id 
_pdbx_poly_seq_scheme.pdb_strand_id 
_pdbx_poly_seq_scheme.pdb_ins_code 
_pdbx_poly_seq_scheme.hetero 
A 1 1  MET 1  22  ?   ?   ?   E . n 
A 1 2  GLN 2  23  ?   ?   ?   E . n 
A 1 3  ILE 3  24  ?   ?   ?   E . n 
A 1 4  ASN 4  25  25  ASN ASN E . n 
A 1 5  GLN 5  26  26  GLN GLN E . n 
A 1 6  VAL 6  27  27  VAL VAL E . n 
A 1 7  ARG 7  28  28  ARG ARG E . n 
A 1 8  PRO 8  29  29  PRO PRO E . n 
A 1 9  LYS 9  30  30  LYS LYS E . n 
A 1 10 LEU 10 31  31  LEU LEU E . n 
A 1 11 PRO 11 32  32  PRO PRO E . n 
A 1 12 LEU 12 33  33  LEU LEU E . n 
A 1 13 LEU 13 34  34  LEU LEU E . n 
A 1 14 LYS 14 35  35  LYS LYS E . n 
A 1 15 ILE 15 36  36  ILE ILE E . n 
A 1 16 LEU 16 37  37  LEU LEU E . n 
A 1 17 HIS 17 38  38  HIS HIS E . n 
A 1 18 ALA 18 39  39  ALA ALA E . n 
A 1 19 ALA 19 40  40  ALA ALA E . n 
A 1 20 GLY 20 41  41  GLY GLY E . n 
A 1 21 ALA 21 42  42  ALA ALA E . n 
A 1 22 GLN 22 43  43  GLN GLN E . n 
A 1 23 GLY 23 44  44  GLY GLY E . n 
A 1 24 GLU 24 45  45  GLU GLU E . n 
A 1 25 MET 25 46  46  MET MET E . n 
A 1 26 PHE 26 47  47  PHE PHE E . n 
A 1 27 THR 27 48  48  THR THR E . n 
A 1 28 VAL 28 49  49  VAL VAL E . n 
A 1 29 LYS 29 50  50  LYS LYS E . n 
A 1 30 GLU 30 51  51  GLU GLU E . n 
A 1 31 VAL 31 52  52  VAL VAL E . n 
A 1 32 MET 32 53  53  MET MET E . n 
A 1 33 HIS 33 54  54  HIS HIS E . n 
A 1 34 TYR 34 55  55  TYR TYR E . n 
A 1 35 LEU 35 56  56  LEU LEU E . n 
A 1 36 GLY 36 57  57  GLY GLY E . n 
A 1 37 GLN 37 58  58  GLN GLN E . n 
A 1 38 TYR 38 59  59  TYR TYR E . n 
A 1 39 ILE 39 60  60  ILE ILE E . n 
A 1 40 MET 40 61  61  MET MET E . n 
A 1 41 VAL 41 62  62  VAL VAL E . n 
A 1 42 LYS 42 63  63  LYS LYS E . n 
A 1 43 GLN 43 64  64  GLN GLN E . n 
A 1 44 LEU 44 65  65  LEU LEU E . n 
A 1 45 TYR 45 66  66  TYR TYR E . n 
A 1 46 ASP 46 67  67  ASP ASP E . n 
A 1 47 GLN 47 68  68  GLN GLN E . n 
A 1 48 GLN 48 69  69  GLN GLN E . n 
A 1 49 GLU 49 70  70  GLU GLU E . n 
A 1 50 GLN 50 71  71  GLN GLN E . n 
A 1 51 HIS 51 72  72  HIS HIS E . n 
A 1 52 MET 52 73  73  MET MET E . n 
A 1 53 VAL 53 74  74  VAL VAL E . n 
A 1 54 TYR 54 75  75  TYR TYR E . n 
A 1 55 CYS 55 76  76  CYS CYS E . n 
A 1 56 GLY 56 77  77  GLY GLY E . n 
A 1 57 GLY 57 78  78  GLY GLY E . n 
A 1 58 ASP 58 79  79  ASP ASP E . n 
A 1 59 LEU 59 80  80  LEU LEU E . n 
A 1 60 LEU 60 81  81  LEU LEU E . n 
A 1 61 GLY 61 82  82  GLY GLY E . n 
A 1 62 GLU 62 83  83  GLU GLU E . n 
A 1 63 LEU 63 84  84  LEU LEU E . n 
A 1 64 LEU 64 85  85  LEU LEU E . n 
A 1 65 GLY 65 86  86  GLY GLY E . n 
A 1 66 ARG 66 87  87  ARG ARG E . n 
A 1 67 GLN 67 88  88  GLN GLN E . n 
A 1 68 SER 68 89  89  SER SER E . n 
A 1 69 PHE 69 90  90  PHE PHE E . n 
A 1 70 SER 70 91  91  SER SER E . n 
A 1 71 VAL 71 92  92  VAL VAL E . n 
A 1 72 LYS 72 93  93  LYS LYS E . n 
A 1 73 ASP 73 94  94  ASP ASP E . n 
A 1 74 PRO 74 95  95  PRO PRO E . n 
A 1 75 SER 75 96  96  SER SER E . n 
A 1 76 PRO 76 97  97  PRO PRO E . n 
A 1 77 LEU 77 98  98  LEU LEU E . n 
A 1 78 TYR 78 99  99  TYR TYR E . n 
A 1 79 ASP 79 100 100 ASP ASP E . n 
A 1 80 MET 80 101 101 MET MET E . n 
A 1 81 LEU 81 102 102 LEU LEU E . n 
A 1 82 ARG 82 103 103 ARG ARG E . n 
A 1 83 LYS 83 104 104 LYS LYS E . n 
A 1 84 ASN 84 105 105 ASN ASN E . n 
A 1 85 LEU 85 106 106 LEU LEU E . n 
A 1 86 VAL 86 107 107 VAL VAL E . n 
A 1 87 THR 87 108 ?   ?   ?   E . n 
A 1 88 LEU 88 109 ?   ?   ?   E . n 
A 1 89 ALA 89 110 ?   ?   ?   E . n 
A 1 90 THR 90 111 ?   ?   ?   E . n 
# 
loop_
_pdbx_nonpoly_scheme.asym_id 
_pdbx_nonpoly_scheme.entity_id 
_pdbx_nonpoly_scheme.mon_id 
_pdbx_nonpoly_scheme.ndb_seq_num 
_pdbx_nonpoly_scheme.pdb_seq_num 
_pdbx_nonpoly_scheme.auth_seq_num 
_pdbx_nonpoly_scheme.pdb_mon_id 
_pdbx_nonpoly_scheme.auth_mon_id 
_pdbx_nonpoly_scheme.pdb_strand_id 
_pdbx_nonpoly_scheme.pdb_ins_code 
B 2 WW8 1   1   1   WW8 WW8 E . 
C 2 WW8 1   112 112 WW8 WW8 E . 
D 3 SO4 1   113 113 SO4 SO4 E . 
E 4 HOH 1   7   7   HOH HOH E . 
E 4 HOH 2   8   8   HOH HOH E . 
E 4 HOH 3   9   9   HOH HOH E . 
E 4 HOH 4   11  11  HOH HOH E . 
E 4 HOH 5   12  12  HOH HOH E . 
E 4 HOH 6   13  13  HOH HOH E . 
E 4 HOH 7   14  14  HOH HOH E . 
E 4 HOH 8   15  15  HOH HOH E . 
E 4 HOH 9   16  16  HOH HOH E . 
E 4 HOH 10  17  17  HOH HOH E . 
E 4 HOH 11  18  18  HOH HOH E . 
E 4 HOH 12  19  19  HOH HOH E . 
E 4 HOH 13  20  20  HOH HOH E . 
E 4 HOH 14  21  21  HOH HOH E . 
E 4 HOH 15  114 114 HOH HOH E . 
E 4 HOH 16  115 115 HOH HOH E . 
E 4 HOH 17  116 116 HOH HOH E . 
E 4 HOH 18  117 117 HOH HOH E . 
E 4 HOH 19  118 118 HOH HOH E . 
E 4 HOH 20  119 119 HOH HOH E . 
E 4 HOH 21  120 120 HOH HOH E . 
E 4 HOH 22  121 121 HOH HOH E . 
E 4 HOH 23  122 122 HOH HOH E . 
E 4 HOH 24  123 123 HOH HOH E . 
E 4 HOH 25  124 124 HOH HOH E . 
E 4 HOH 26  125 125 HOH HOH E . 
E 4 HOH 27  126 126 HOH HOH E . 
E 4 HOH 28  127 127 HOH HOH E . 
E 4 HOH 29  128 128 HOH HOH E . 
E 4 HOH 30  129 129 HOH HOH E . 
E 4 HOH 31  130 130 HOH HOH E . 
E 4 HOH 32  131 131 HOH HOH E . 
E 4 HOH 33  132 132 HOH HOH E . 
E 4 HOH 34  133 133 HOH HOH E . 
E 4 HOH 35  134 134 HOH HOH E . 
E 4 HOH 36  135 135 HOH HOH E . 
E 4 HOH 37  136 136 HOH HOH E . 
E 4 HOH 38  137 137 HOH HOH E . 
E 4 HOH 39  138 138 HOH HOH E . 
E 4 HOH 40  139 139 HOH HOH E . 
E 4 HOH 41  140 140 HOH HOH E . 
E 4 HOH 42  141 141 HOH HOH E . 
E 4 HOH 43  142 142 HOH HOH E . 
E 4 HOH 44  143 143 HOH HOH E . 
E 4 HOH 45  144 144 HOH HOH E . 
E 4 HOH 46  145 145 HOH HOH E . 
E 4 HOH 47  146 146 HOH HOH E . 
E 4 HOH 48  147 147 HOH HOH E . 
E 4 HOH 49  148 148 HOH HOH E . 
E 4 HOH 50  149 149 HOH HOH E . 
E 4 HOH 51  150 150 HOH HOH E . 
E 4 HOH 52  151 151 HOH HOH E . 
E 4 HOH 53  152 152 HOH HOH E . 
E 4 HOH 54  153 153 HOH HOH E . 
E 4 HOH 55  154 154 HOH HOH E . 
E 4 HOH 56  155 155 HOH HOH E . 
E 4 HOH 57  156 156 HOH HOH E . 
E 4 HOH 58  157 157 HOH HOH E . 
E 4 HOH 59  158 158 HOH HOH E . 
E 4 HOH 60  159 159 HOH HOH E . 
E 4 HOH 61  160 160 HOH HOH E . 
E 4 HOH 62  161 161 HOH HOH E . 
E 4 HOH 63  162 162 HOH HOH E . 
E 4 HOH 64  163 163 HOH HOH E . 
E 4 HOH 65  164 164 HOH HOH E . 
E 4 HOH 66  165 113 HOH HOH E . 
E 4 HOH 67  167 167 HOH HOH E . 
E 4 HOH 68  168 168 HOH HOH E . 
E 4 HOH 69  169 169 HOH HOH E . 
E 4 HOH 70  170 170 HOH HOH E . 
E 4 HOH 71  171 171 HOH HOH E . 
E 4 HOH 72  172 172 HOH HOH E . 
E 4 HOH 73  173 173 HOH HOH E . 
E 4 HOH 74  174 174 HOH HOH E . 
E 4 HOH 75  175 175 HOH HOH E . 
E 4 HOH 76  176 176 HOH HOH E . 
E 4 HOH 77  177 177 HOH HOH E . 
E 4 HOH 78  178 178 HOH HOH E . 
E 4 HOH 79  179 179 HOH HOH E . 
E 4 HOH 80  180 180 HOH HOH E . 
E 4 HOH 81  181 181 HOH HOH E . 
E 4 HOH 82  182 182 HOH HOH E . 
E 4 HOH 83  183 183 HOH HOH E . 
E 4 HOH 84  184 184 HOH HOH E . 
E 4 HOH 85  185 185 HOH HOH E . 
E 4 HOH 86  186 186 HOH HOH E . 
E 4 HOH 87  187 187 HOH HOH E . 
E 4 HOH 88  188 188 HOH HOH E . 
E 4 HOH 89  189 189 HOH HOH E . 
E 4 HOH 90  190 190 HOH HOH E . 
E 4 HOH 91  191 191 HOH HOH E . 
E 4 HOH 92  192 192 HOH HOH E . 
E 4 HOH 93  193 193 HOH HOH E . 
E 4 HOH 94  194 194 HOH HOH E . 
E 4 HOH 95  195 195 HOH HOH E . 
E 4 HOH 96  196 196 HOH HOH E . 
E 4 HOH 97  197 197 HOH HOH E . 
E 4 HOH 98  198 198 HOH HOH E . 
E 4 HOH 99  199 199 HOH HOH E . 
E 4 HOH 100 200 200 HOH HOH E . 
E 4 HOH 101 201 201 HOH HOH E . 
E 4 HOH 102 202 202 HOH HOH E . 
E 4 HOH 103 203 203 HOH HOH E . 
E 4 HOH 104 204 204 HOH HOH E . 
E 4 HOH 105 205 205 HOH HOH E . 
E 4 HOH 106 206 206 HOH HOH E . 
E 4 HOH 107 207 207 HOH HOH E . 
E 4 HOH 108 208 208 HOH HOH E . 
E 4 HOH 109 209 209 HOH HOH E . 
E 4 HOH 110 210 210 HOH HOH E . 
E 4 HOH 111 211 211 HOH HOH E . 
E 4 HOH 112 212 212 HOH HOH E . 
E 4 HOH 113 213 213 HOH HOH E . 
# 
_pdbx_struct_assembly.id                   1 
_pdbx_struct_assembly.details              author_and_software_defined_assembly 
_pdbx_struct_assembly.method_details       PISA 
_pdbx_struct_assembly.oligomeric_details   monomeric 
_pdbx_struct_assembly.oligomeric_count     1 
# 
_pdbx_struct_assembly_gen.assembly_id       1 
_pdbx_struct_assembly_gen.oper_expression   1 
_pdbx_struct_assembly_gen.asym_id_list      A,B,C,D,E 
# 
_pdbx_struct_oper_list.id                   1 
_pdbx_struct_oper_list.type                 'identity operation' 
_pdbx_struct_oper_list.name                 1_555 
_pdbx_struct_oper_list.symmetry_operation   x,y,z 
_pdbx_struct_oper_list.matrix[1][1]         1.0000000000 
_pdbx_struct_oper_list.matrix[1][2]         0.0000000000 
_pdbx_struct_oper_list.matrix[1][3]         0.0000000000 
_pdbx_struct_oper_list.vector[1]            0.0000000000 
_pdbx_struct_oper_list.matrix[2][1]         0.0000000000 
_pdbx_struct_oper_list.matrix[2][2]         1.0000000000 
_pdbx_struct_oper_list.matrix[2][3]         0.0000000000 
_pdbx_struct_oper_list.vector[2]            0.0000000000 
_pdbx_struct_oper_list.matrix[3][1]         0.0000000000 
_pdbx_struct_oper_list.matrix[3][2]         0.0000000000 
_pdbx_struct_oper_list.matrix[3][3]         1.0000000000 
_pdbx_struct_oper_list.vector[3]            0.0000000000 
# 
loop_
_pdbx_struct_special_symmetry.id 
_pdbx_struct_special_symmetry.PDB_model_num 
_pdbx_struct_special_symmetry.auth_asym_id 
_pdbx_struct_special_symmetry.auth_comp_id 
_pdbx_struct_special_symmetry.auth_seq_id 
_pdbx_struct_special_symmetry.PDB_ins_code 
_pdbx_struct_special_symmetry.label_asym_id 
_pdbx_struct_special_symmetry.label_comp_id 
_pdbx_struct_special_symmetry.label_seq_id 
1 1 E WW8 112 ? C WW8 . 
2 1 E SO4 113 ? D SO4 . 
3 1 E SO4 113 ? D SO4 . 
4 1 E HOH 15  ? E HOH . 
5 1 E HOH 150 ? E HOH . 
# 
loop_
_pdbx_audit_revision_history.ordinal 
_pdbx_audit_revision_history.data_content_type 
_pdbx_audit_revision_history.major_revision 
_pdbx_audit_revision_history.minor_revision 
_pdbx_audit_revision_history.revision_date 
1 'Structure model' 1 0 2010-03-16 
2 'Structure model' 1 1 2011-07-13 
3 'Structure model' 1 2 2017-11-01 
4 'Structure model' 1 3 2018-10-17 
5 'Structure model' 1 4 2023-11-01 
# 
_pdbx_audit_revision_details.ordinal             1 
_pdbx_audit_revision_details.revision_ordinal    1 
_pdbx_audit_revision_details.data_content_type   'Structure model' 
_pdbx_audit_revision_details.provider            repository 
_pdbx_audit_revision_details.type                'Initial release' 
_pdbx_audit_revision_details.description         ? 
_pdbx_audit_revision_details.details             ? 
# 
loop_
_pdbx_audit_revision_group.ordinal 
_pdbx_audit_revision_group.revision_ordinal 
_pdbx_audit_revision_group.data_content_type 
_pdbx_audit_revision_group.group 
1 2 'Structure model' 'Version format compliance' 
2 3 'Structure model' 'Refinement description'    
3 4 'Structure model' 'Data collection'           
4 4 'Structure model' 'Database references'       
5 5 'Structure model' 'Data collection'           
6 5 'Structure model' 'Database references'       
7 5 'Structure model' 'Derived calculations'      
8 5 'Structure model' 'Refinement description'    
# 
loop_
_pdbx_audit_revision_category.ordinal 
_pdbx_audit_revision_category.revision_ordinal 
_pdbx_audit_revision_category.data_content_type 
_pdbx_audit_revision_category.category 
1 3 'Structure model' software                      
2 4 'Structure model' citation                      
3 5 'Structure model' chem_comp_atom                
4 5 'Structure model' chem_comp_bond                
5 5 'Structure model' database_2                    
6 5 'Structure model' pdbx_initial_refinement_model 
7 5 'Structure model' struct_ref_seq_dif            
8 5 'Structure model' struct_site                   
# 
loop_
_pdbx_audit_revision_item.ordinal 
_pdbx_audit_revision_item.revision_ordinal 
_pdbx_audit_revision_item.data_content_type 
_pdbx_audit_revision_item.item 
1  3 'Structure model' '_software.name'                      
2  4 'Structure model' '_citation.page_first'                
3  4 'Structure model' '_citation.page_last'                 
4  4 'Structure model' '_citation.pdbx_database_id_DOI'      
5  4 'Structure model' '_citation.pdbx_database_id_PubMed'   
6  5 'Structure model' '_database_2.pdbx_DOI'                
7  5 'Structure model' '_database_2.pdbx_database_accession' 
8  5 'Structure model' '_struct_ref_seq_dif.details'         
9  5 'Structure model' '_struct_site.pdbx_auth_asym_id'      
10 5 'Structure model' '_struct_site.pdbx_auth_comp_id'      
11 5 'Structure model' '_struct_site.pdbx_auth_seq_id'       
# 
loop_
_software.name 
_software.classification 
_software.version 
_software.citation_id 
_software.pdbx_ordinal 
MAR345 'data collection' .        ? 1 
MOLREP phasing           .        ? 2 
REFMAC refinement        5.5.0072 ? 3 
XDS    'data reduction'  .        ? 4 
XSCALE 'data scaling'    .        ? 5 
# 
loop_
_pdbx_validate_close_contact.id 
_pdbx_validate_close_contact.PDB_model_num 
_pdbx_validate_close_contact.auth_atom_id_1 
_pdbx_validate_close_contact.auth_asym_id_1 
_pdbx_validate_close_contact.auth_comp_id_1 
_pdbx_validate_close_contact.auth_seq_id_1 
_pdbx_validate_close_contact.PDB_ins_code_1 
_pdbx_validate_close_contact.label_alt_id_1 
_pdbx_validate_close_contact.auth_atom_id_2 
_pdbx_validate_close_contact.auth_asym_id_2 
_pdbx_validate_close_contact.auth_comp_id_2 
_pdbx_validate_close_contact.auth_seq_id_2 
_pdbx_validate_close_contact.PDB_ins_code_2 
_pdbx_validate_close_contact.label_alt_id_2 
_pdbx_validate_close_contact.dist 
1 1 NH1 E ARG 28  ? ? O E HOH 138 ? ? 1.89 
2 1 O   E HOH 141 ? ? O E HOH 144 ? ? 1.97 
3 1 CE  E MET 61  ? ? O E HOH 136 ? ? 2.05 
# 
loop_
_pdbx_validate_symm_contact.id 
_pdbx_validate_symm_contact.PDB_model_num 
_pdbx_validate_symm_contact.auth_atom_id_1 
_pdbx_validate_symm_contact.auth_asym_id_1 
_pdbx_validate_symm_contact.auth_comp_id_1 
_pdbx_validate_symm_contact.auth_seq_id_1 
_pdbx_validate_symm_contact.PDB_ins_code_1 
_pdbx_validate_symm_contact.label_alt_id_1 
_pdbx_validate_symm_contact.site_symmetry_1 
_pdbx_validate_symm_contact.auth_atom_id_2 
_pdbx_validate_symm_contact.auth_asym_id_2 
_pdbx_validate_symm_contact.auth_comp_id_2 
_pdbx_validate_symm_contact.auth_seq_id_2 
_pdbx_validate_symm_contact.PDB_ins_code_2 
_pdbx_validate_symm_contact.label_alt_id_2 
_pdbx_validate_symm_contact.site_symmetry_2 
_pdbx_validate_symm_contact.dist 
1  1 C6  E WW8 112 ? ? 1_555 C26  E WW8 112 ? ? 15_555 0.37 
2  1 N12 E WW8 112 ? ? 1_555 C13  E WW8 112 ? ? 15_555 0.47 
3  1 C5  E WW8 112 ? ? 1_555 N36  E WW8 112 ? ? 15_555 0.48 
4  1 C14 E WW8 112 ? ? 1_555 C23  E WW8 112 ? ? 15_555 0.77 
5  1 C7  E WW8 112 ? ? 1_555 C27  E WW8 112 ? ? 15_555 0.92 
6  1 N8  E WW8 112 ? ? 1_555 C33  E WW8 112 ? ? 15_555 1.05 
7  1 C4  E WW8 112 ? ? 1_555 C35  E WW8 112 ? ? 15_555 1.09 
8  1 C41 E WW8 112 ? ? 1_555 C41  E WW8 112 ? ? 15_555 1.09 
9  1 C5  E WW8 112 ? ? 1_555 C37  E WW8 112 ? ? 15_555 1.17 
10 1 C14 E WW8 112 ? ? 1_555 C24  E WW8 112 ? ? 15_555 1.19 
11 1 C6  E WW8 112 ? ? 1_555 C25  E WW8 112 ? ? 15_555 1.24 
12 1 C7  E WW8 112 ? ? 1_555 C26  E WW8 112 ? ? 15_555 1.24 
13 1 C13 E WW8 112 ? ? 1_555 C13  E WW8 112 ? ? 15_555 1.28 
14 1 C13 E WW8 112 ? ? 1_555 C24  E WW8 112 ? ? 15_555 1.33 
15 1 C6  E WW8 112 ? ? 1_555 N36  E WW8 112 ? ? 15_555 1.34 
16 1 C4  E WW8 112 ? ? 1_555 N36  E WW8 112 ? ? 15_555 1.35 
17 1 C40 E WW8 112 ? ? 1_555 C43  E WW8 112 ? ? 15_555 1.36 
18 1 N8  E WW8 112 ? ? 1_555 C28  E WW8 112 ? ? 15_555 1.36 
19 1 N15 E WW8 112 ? ? 1_555 C24  E WW8 112 ? ? 15_555 1.36 
20 1 C1  E WW8 112 ? ? 1_555 N34  E WW8 112 ? ? 15_555 1.40 
21 1 C2  E WW8 112 ? ? 1_555 C35  E WW8 112 ? ? 15_555 1.43 
22 1 C9  E WW8 112 ? ? 1_555 C9   E WW8 112 ? ? 15_555 1.45 
23 1 C9  E WW8 112 ? ? 1_555 C25  E WW8 112 ? ? 15_555 1.49 
24 1 C25 E WW8 112 ? ? 1_555 C26  E WW8 112 ? ? 15_555 1.50 
25 1 C1  E WW8 112 ? ? 1_555 C27  E WW8 112 ? ? 15_555 1.51 
26 1 C5  E WW8 112 ? ? 1_555 C26  E WW8 112 ? ? 15_555 1.53 
27 1 C2  E WW8 112 ? ? 1_555 N34  E WW8 112 ? ? 15_555 1.61 
28 1 N12 E WW8 112 ? ? 1_555 N12  E WW8 112 ? ? 15_555 1.64 
29 1 O   E HOH 186 ? ? 1_555 O    E HOH 186 ? ? 16_555 1.68 
30 1 N15 E WW8 112 ? ? 1_555 C23  E WW8 112 ? ? 15_555 1.69 
31 1 C41 E WW8 112 ? ? 1_555 C43  E WW8 112 ? ? 15_555 1.69 
32 1 C5  E WW8 112 ? ? 1_555 C35  E WW8 112 ? ? 15_555 1.71 
33 1 C7  E WW8 112 ? ? 1_555 C28  E WW8 112 ? ? 15_555 1.72 
34 1 N8  E WW8 112 ? ? 1_555 C27  E WW8 112 ? ? 15_555 1.72 
35 1 C6  E WW8 112 ? ? 1_555 C27  E WW8 112 ? ? 15_555 1.73 
36 1 C10 E WW8 112 ? ? 1_555 C13  E WW8 112 ? ? 15_555 1.75 
37 1 O   E HOH 160 ? ? 1_555 O    E HOH 160 ? ? 16_555 1.76 
38 1 C41 E WW8 112 ? ? 1_555 CL42 E WW8 112 ? ? 15_555 1.82 
39 1 C14 E WW8 112 ? ? 1_555 C14  E WW8 112 ? ? 15_555 1.89 
40 1 C9  E WW8 112 ? ? 1_555 C33  E WW8 112 ? ? 15_555 1.91 
41 1 C7  E WW8 112 ? ? 1_555 N34  E WW8 112 ? ? 15_555 1.93 
42 1 C16 E WW8 112 ? ? 1_555 C24  E WW8 112 ? ? 15_555 1.93 
43 1 C39 E WW8 112 ? ? 1_555 C44  E WW8 112 ? ? 15_555 1.95 
44 1 N12 E WW8 112 ? ? 1_555 C14  E WW8 112 ? ? 15_555 1.95 
45 1 C40 E WW8 112 ? ? 1_555 C41  E WW8 112 ? ? 15_555 1.98 
46 1 O   E HOH 120 ? ? 1_555 O    E HOH 208 ? ? 20_555 1.98 
47 1 C13 E WW8 112 ? ? 1_555 C23  E WW8 112 ? ? 15_555 2.04 
48 1 C4  E WW8 112 ? ? 1_555 C37  E WW8 112 ? ? 15_555 2.06 
49 1 N8  E WW8 112 ? ? 1_555 C26  E WW8 112 ? ? 15_555 2.06 
50 1 C40 E WW8 112 ? ? 1_555 C44  E WW8 112 ? ? 15_555 2.08 
51 1 C13 E WW8 112 ? ? 1_555 C14  E WW8 112 ? ? 15_555 2.09 
52 1 C1  E WW8 112 ? ? 1_555 C35  E WW8 112 ? ? 15_555 2.13 
53 1 C7  E WW8 112 ? ? 1_555 C25  E WW8 112 ? ? 15_555 2.14 
54 1 C39 E WW8 112 ? ? 1_555 C43  E WW8 112 ? ? 15_555 2.18 
55 1 C9  E WW8 112 ? ? 1_555 C26  E WW8 112 ? ? 15_555 2.19 
# 
_pdbx_validate_rmsd_angle.id                         1 
_pdbx_validate_rmsd_angle.PDB_model_num              1 
_pdbx_validate_rmsd_angle.auth_atom_id_1             CG 
_pdbx_validate_rmsd_angle.auth_asym_id_1             E 
_pdbx_validate_rmsd_angle.auth_comp_id_1             ARG 
_pdbx_validate_rmsd_angle.auth_seq_id_1              87 
_pdbx_validate_rmsd_angle.PDB_ins_code_1             ? 
_pdbx_validate_rmsd_angle.label_alt_id_1             ? 
_pdbx_validate_rmsd_angle.auth_atom_id_2             CD 
_pdbx_validate_rmsd_angle.auth_asym_id_2             E 
_pdbx_validate_rmsd_angle.auth_comp_id_2             ARG 
_pdbx_validate_rmsd_angle.auth_seq_id_2              87 
_pdbx_validate_rmsd_angle.PDB_ins_code_2             ? 
_pdbx_validate_rmsd_angle.label_alt_id_2             ? 
_pdbx_validate_rmsd_angle.auth_atom_id_3             NE 
_pdbx_validate_rmsd_angle.auth_asym_id_3             E 
_pdbx_validate_rmsd_angle.auth_comp_id_3             ARG 
_pdbx_validate_rmsd_angle.auth_seq_id_3              87 
_pdbx_validate_rmsd_angle.PDB_ins_code_3             ? 
_pdbx_validate_rmsd_angle.label_alt_id_3             ? 
_pdbx_validate_rmsd_angle.angle_value                96.59 
_pdbx_validate_rmsd_angle.angle_target_value         111.80 
_pdbx_validate_rmsd_angle.angle_deviation            -15.21 
_pdbx_validate_rmsd_angle.angle_standard_deviation   2.10 
_pdbx_validate_rmsd_angle.linker_flag                N 
# 
loop_
_pdbx_validate_torsion.id 
_pdbx_validate_torsion.PDB_model_num 
_pdbx_validate_torsion.auth_comp_id 
_pdbx_validate_torsion.auth_asym_id 
_pdbx_validate_torsion.auth_seq_id 
_pdbx_validate_torsion.PDB_ins_code 
_pdbx_validate_torsion.label_alt_id 
_pdbx_validate_torsion.phi 
_pdbx_validate_torsion.psi 
1 1 ASP E 94 ? ? -150.49 74.75 
2 1 PRO E 95 ? ? -88.61  34.61 
# 
_pdbx_validate_peptide_omega.id               1 
_pdbx_validate_peptide_omega.PDB_model_num    1 
_pdbx_validate_peptide_omega.auth_comp_id_1   GLN 
_pdbx_validate_peptide_omega.auth_asym_id_1   E 
_pdbx_validate_peptide_omega.auth_seq_id_1    26 
_pdbx_validate_peptide_omega.PDB_ins_code_1   ? 
_pdbx_validate_peptide_omega.label_alt_id_1   ? 
_pdbx_validate_peptide_omega.auth_comp_id_2   VAL 
_pdbx_validate_peptide_omega.auth_asym_id_2   E 
_pdbx_validate_peptide_omega.auth_seq_id_2    27 
_pdbx_validate_peptide_omega.PDB_ins_code_2   ? 
_pdbx_validate_peptide_omega.label_alt_id_2   ? 
_pdbx_validate_peptide_omega.omega            142.98 
# 
loop_
_pdbx_unobs_or_zero_occ_atoms.id 
_pdbx_unobs_or_zero_occ_atoms.PDB_model_num 
_pdbx_unobs_or_zero_occ_atoms.polymer_flag 
_pdbx_unobs_or_zero_occ_atoms.occupancy_flag 
_pdbx_unobs_or_zero_occ_atoms.auth_asym_id 
_pdbx_unobs_or_zero_occ_atoms.auth_comp_id 
_pdbx_unobs_or_zero_occ_atoms.auth_seq_id 
_pdbx_unobs_or_zero_occ_atoms.PDB_ins_code 
_pdbx_unobs_or_zero_occ_atoms.auth_atom_id 
_pdbx_unobs_or_zero_occ_atoms.label_alt_id 
_pdbx_unobs_or_zero_occ_atoms.label_asym_id 
_pdbx_unobs_or_zero_occ_atoms.label_comp_id 
_pdbx_unobs_or_zero_occ_atoms.label_seq_id 
_pdbx_unobs_or_zero_occ_atoms.label_atom_id 
1 1 Y 1 E GLN 43  ? CG  ? A GLN 22 CG  
2 1 Y 1 E GLN 43  ? CD  ? A GLN 22 CD  
3 1 Y 1 E GLN 43  ? OE1 ? A GLN 22 OE1 
4 1 Y 1 E GLN 43  ? NE2 ? A GLN 22 NE2 
5 1 Y 1 E ARG 87  ? CZ  ? A ARG 66 CZ  
6 1 Y 1 E ARG 87  ? NH1 ? A ARG 66 NH1 
7 1 Y 1 E ARG 87  ? NH2 ? A ARG 66 NH2 
8 1 Y 1 E LYS 104 ? NZ  ? A LYS 83 NZ  
# 
loop_
_pdbx_unobs_or_zero_occ_residues.id 
_pdbx_unobs_or_zero_occ_residues.PDB_model_num 
_pdbx_unobs_or_zero_occ_residues.polymer_flag 
_pdbx_unobs_or_zero_occ_residues.occupancy_flag 
_pdbx_unobs_or_zero_occ_residues.auth_asym_id 
_pdbx_unobs_or_zero_occ_residues.auth_comp_id 
_pdbx_unobs_or_zero_occ_residues.auth_seq_id 
_pdbx_unobs_or_zero_occ_residues.PDB_ins_code 
_pdbx_unobs_or_zero_occ_residues.label_asym_id 
_pdbx_unobs_or_zero_occ_residues.label_comp_id 
_pdbx_unobs_or_zero_occ_residues.label_seq_id 
1 1 Y 1 E MET 22  ? A MET 1  
2 1 Y 1 E GLN 23  ? A GLN 2  
3 1 Y 1 E ILE 24  ? A ILE 3  
4 1 Y 1 E THR 108 ? A THR 87 
5 1 Y 1 E LEU 109 ? A LEU 88 
6 1 Y 1 E ALA 110 ? A ALA 89 
7 1 Y 1 E THR 111 ? A THR 90 
# 
loop_
_chem_comp_atom.comp_id 
_chem_comp_atom.atom_id 
_chem_comp_atom.type_symbol 
_chem_comp_atom.pdbx_aromatic_flag 
_chem_comp_atom.pdbx_stereo_config 
_chem_comp_atom.pdbx_ordinal 
ALA N    N  N N 1   
ALA CA   C  N S 2   
ALA C    C  N N 3   
ALA O    O  N N 4   
ALA CB   C  N N 5   
ALA OXT  O  N N 6   
ALA H    H  N N 7   
ALA H2   H  N N 8   
ALA HA   H  N N 9   
ALA HB1  H  N N 10  
ALA HB2  H  N N 11  
ALA HB3  H  N N 12  
ALA HXT  H  N N 13  
ARG N    N  N N 14  
ARG CA   C  N S 15  
ARG C    C  N N 16  
ARG O    O  N N 17  
ARG CB   C  N N 18  
ARG CG   C  N N 19  
ARG CD   C  N N 20  
ARG NE   N  N N 21  
ARG CZ   C  N N 22  
ARG NH1  N  N N 23  
ARG NH2  N  N N 24  
ARG OXT  O  N N 25  
ARG H    H  N N 26  
ARG H2   H  N N 27  
ARG HA   H  N N 28  
ARG HB2  H  N N 29  
ARG HB3  H  N N 30  
ARG HG2  H  N N 31  
ARG HG3  H  N N 32  
ARG HD2  H  N N 33  
ARG HD3  H  N N 34  
ARG HE   H  N N 35  
ARG HH11 H  N N 36  
ARG HH12 H  N N 37  
ARG HH21 H  N N 38  
ARG HH22 H  N N 39  
ARG HXT  H  N N 40  
ASN N    N  N N 41  
ASN CA   C  N S 42  
ASN C    C  N N 43  
ASN O    O  N N 44  
ASN CB   C  N N 45  
ASN CG   C  N N 46  
ASN OD1  O  N N 47  
ASN ND2  N  N N 48  
ASN OXT  O  N N 49  
ASN H    H  N N 50  
ASN H2   H  N N 51  
ASN HA   H  N N 52  
ASN HB2  H  N N 53  
ASN HB3  H  N N 54  
ASN HD21 H  N N 55  
ASN HD22 H  N N 56  
ASN HXT  H  N N 57  
ASP N    N  N N 58  
ASP CA   C  N S 59  
ASP C    C  N N 60  
ASP O    O  N N 61  
ASP CB   C  N N 62  
ASP CG   C  N N 63  
ASP OD1  O  N N 64  
ASP OD2  O  N N 65  
ASP OXT  O  N N 66  
ASP H    H  N N 67  
ASP H2   H  N N 68  
ASP HA   H  N N 69  
ASP HB2  H  N N 70  
ASP HB3  H  N N 71  
ASP HD2  H  N N 72  
ASP HXT  H  N N 73  
CYS N    N  N N 74  
CYS CA   C  N R 75  
CYS C    C  N N 76  
CYS O    O  N N 77  
CYS CB   C  N N 78  
CYS SG   S  N N 79  
CYS OXT  O  N N 80  
CYS H    H  N N 81  
CYS H2   H  N N 82  
CYS HA   H  N N 83  
CYS HB2  H  N N 84  
CYS HB3  H  N N 85  
CYS HG   H  N N 86  
CYS HXT  H  N N 87  
GLN N    N  N N 88  
GLN CA   C  N S 89  
GLN C    C  N N 90  
GLN O    O  N N 91  
GLN CB   C  N N 92  
GLN CG   C  N N 93  
GLN CD   C  N N 94  
GLN OE1  O  N N 95  
GLN NE2  N  N N 96  
GLN OXT  O  N N 97  
GLN H    H  N N 98  
GLN H2   H  N N 99  
GLN HA   H  N N 100 
GLN HB2  H  N N 101 
GLN HB3  H  N N 102 
GLN HG2  H  N N 103 
GLN HG3  H  N N 104 
GLN HE21 H  N N 105 
GLN HE22 H  N N 106 
GLN HXT  H  N N 107 
GLU N    N  N N 108 
GLU CA   C  N S 109 
GLU C    C  N N 110 
GLU O    O  N N 111 
GLU CB   C  N N 112 
GLU CG   C  N N 113 
GLU CD   C  N N 114 
GLU OE1  O  N N 115 
GLU OE2  O  N N 116 
GLU OXT  O  N N 117 
GLU H    H  N N 118 
GLU H2   H  N N 119 
GLU HA   H  N N 120 
GLU HB2  H  N N 121 
GLU HB3  H  N N 122 
GLU HG2  H  N N 123 
GLU HG3  H  N N 124 
GLU HE2  H  N N 125 
GLU HXT  H  N N 126 
GLY N    N  N N 127 
GLY CA   C  N N 128 
GLY C    C  N N 129 
GLY O    O  N N 130 
GLY OXT  O  N N 131 
GLY H    H  N N 132 
GLY H2   H  N N 133 
GLY HA2  H  N N 134 
GLY HA3  H  N N 135 
GLY HXT  H  N N 136 
HIS N    N  N N 137 
HIS CA   C  N S 138 
HIS C    C  N N 139 
HIS O    O  N N 140 
HIS CB   C  N N 141 
HIS CG   C  Y N 142 
HIS ND1  N  Y N 143 
HIS CD2  C  Y N 144 
HIS CE1  C  Y N 145 
HIS NE2  N  Y N 146 
HIS OXT  O  N N 147 
HIS H    H  N N 148 
HIS H2   H  N N 149 
HIS HA   H  N N 150 
HIS HB2  H  N N 151 
HIS HB3  H  N N 152 
HIS HD1  H  N N 153 
HIS HD2  H  N N 154 
HIS HE1  H  N N 155 
HIS HE2  H  N N 156 
HIS HXT  H  N N 157 
HOH O    O  N N 158 
HOH H1   H  N N 159 
HOH H2   H  N N 160 
ILE N    N  N N 161 
ILE CA   C  N S 162 
ILE C    C  N N 163 
ILE O    O  N N 164 
ILE CB   C  N S 165 
ILE CG1  C  N N 166 
ILE CG2  C  N N 167 
ILE CD1  C  N N 168 
ILE OXT  O  N N 169 
ILE H    H  N N 170 
ILE H2   H  N N 171 
ILE HA   H  N N 172 
ILE HB   H  N N 173 
ILE HG12 H  N N 174 
ILE HG13 H  N N 175 
ILE HG21 H  N N 176 
ILE HG22 H  N N 177 
ILE HG23 H  N N 178 
ILE HD11 H  N N 179 
ILE HD12 H  N N 180 
ILE HD13 H  N N 181 
ILE HXT  H  N N 182 
LEU N    N  N N 183 
LEU CA   C  N S 184 
LEU C    C  N N 185 
LEU O    O  N N 186 
LEU CB   C  N N 187 
LEU CG   C  N N 188 
LEU CD1  C  N N 189 
LEU CD2  C  N N 190 
LEU OXT  O  N N 191 
LEU H    H  N N 192 
LEU H2   H  N N 193 
LEU HA   H  N N 194 
LEU HB2  H  N N 195 
LEU HB3  H  N N 196 
LEU HG   H  N N 197 
LEU HD11 H  N N 198 
LEU HD12 H  N N 199 
LEU HD13 H  N N 200 
LEU HD21 H  N N 201 
LEU HD22 H  N N 202 
LEU HD23 H  N N 203 
LEU HXT  H  N N 204 
LYS N    N  N N 205 
LYS CA   C  N S 206 
LYS C    C  N N 207 
LYS O    O  N N 208 
LYS CB   C  N N 209 
LYS CG   C  N N 210 
LYS CD   C  N N 211 
LYS CE   C  N N 212 
LYS NZ   N  N N 213 
LYS OXT  O  N N 214 
LYS H    H  N N 215 
LYS H2   H  N N 216 
LYS HA   H  N N 217 
LYS HB2  H  N N 218 
LYS HB3  H  N N 219 
LYS HG2  H  N N 220 
LYS HG3  H  N N 221 
LYS HD2  H  N N 222 
LYS HD3  H  N N 223 
LYS HE2  H  N N 224 
LYS HE3  H  N N 225 
LYS HZ1  H  N N 226 
LYS HZ2  H  N N 227 
LYS HZ3  H  N N 228 
LYS HXT  H  N N 229 
MET N    N  N N 230 
MET CA   C  N S 231 
MET C    C  N N 232 
MET O    O  N N 233 
MET CB   C  N N 234 
MET CG   C  N N 235 
MET SD   S  N N 236 
MET CE   C  N N 237 
MET OXT  O  N N 238 
MET H    H  N N 239 
MET H2   H  N N 240 
MET HA   H  N N 241 
MET HB2  H  N N 242 
MET HB3  H  N N 243 
MET HG2  H  N N 244 
MET HG3  H  N N 245 
MET HE1  H  N N 246 
MET HE2  H  N N 247 
MET HE3  H  N N 248 
MET HXT  H  N N 249 
PHE N    N  N N 250 
PHE CA   C  N S 251 
PHE C    C  N N 252 
PHE O    O  N N 253 
PHE CB   C  N N 254 
PHE CG   C  Y N 255 
PHE CD1  C  Y N 256 
PHE CD2  C  Y N 257 
PHE CE1  C  Y N 258 
PHE CE2  C  Y N 259 
PHE CZ   C  Y N 260 
PHE OXT  O  N N 261 
PHE H    H  N N 262 
PHE H2   H  N N 263 
PHE HA   H  N N 264 
PHE HB2  H  N N 265 
PHE HB3  H  N N 266 
PHE HD1  H  N N 267 
PHE HD2  H  N N 268 
PHE HE1  H  N N 269 
PHE HE2  H  N N 270 
PHE HZ   H  N N 271 
PHE HXT  H  N N 272 
PRO N    N  N N 273 
PRO CA   C  N S 274 
PRO C    C  N N 275 
PRO O    O  N N 276 
PRO CB   C  N N 277 
PRO CG   C  N N 278 
PRO CD   C  N N 279 
PRO OXT  O  N N 280 
PRO H    H  N N 281 
PRO HA   H  N N 282 
PRO HB2  H  N N 283 
PRO HB3  H  N N 284 
PRO HG2  H  N N 285 
PRO HG3  H  N N 286 
PRO HD2  H  N N 287 
PRO HD3  H  N N 288 
PRO HXT  H  N N 289 
SER N    N  N N 290 
SER CA   C  N S 291 
SER C    C  N N 292 
SER O    O  N N 293 
SER CB   C  N N 294 
SER OG   O  N N 295 
SER OXT  O  N N 296 
SER H    H  N N 297 
SER H2   H  N N 298 
SER HA   H  N N 299 
SER HB2  H  N N 300 
SER HB3  H  N N 301 
SER HG   H  N N 302 
SER HXT  H  N N 303 
SO4 S    S  N N 304 
SO4 O1   O  N N 305 
SO4 O2   O  N N 306 
SO4 O3   O  N N 307 
SO4 O4   O  N N 308 
THR N    N  N N 309 
THR CA   C  N S 310 
THR C    C  N N 311 
THR O    O  N N 312 
THR CB   C  N R 313 
THR OG1  O  N N 314 
THR CG2  C  N N 315 
THR OXT  O  N N 316 
THR H    H  N N 317 
THR H2   H  N N 318 
THR HA   H  N N 319 
THR HB   H  N N 320 
THR HG1  H  N N 321 
THR HG21 H  N N 322 
THR HG22 H  N N 323 
THR HG23 H  N N 324 
THR HXT  H  N N 325 
TYR N    N  N N 326 
TYR CA   C  N S 327 
TYR C    C  N N 328 
TYR O    O  N N 329 
TYR CB   C  N N 330 
TYR CG   C  Y N 331 
TYR CD1  C  Y N 332 
TYR CD2  C  Y N 333 
TYR CE1  C  Y N 334 
TYR CE2  C  Y N 335 
TYR CZ   C  Y N 336 
TYR OH   O  N N 337 
TYR OXT  O  N N 338 
TYR H    H  N N 339 
TYR H2   H  N N 340 
TYR HA   H  N N 341 
TYR HB2  H  N N 342 
TYR HB3  H  N N 343 
TYR HD1  H  N N 344 
TYR HD2  H  N N 345 
TYR HE1  H  N N 346 
TYR HE2  H  N N 347 
TYR HH   H  N N 348 
TYR HXT  H  N N 349 
VAL N    N  N N 350 
VAL CA   C  N S 351 
VAL C    C  N N 352 
VAL O    O  N N 353 
VAL CB   C  N N 354 
VAL CG1  C  N N 355 
VAL CG2  C  N N 356 
VAL OXT  O  N N 357 
VAL H    H  N N 358 
VAL H2   H  N N 359 
VAL HA   H  N N 360 
VAL HB   H  N N 361 
VAL HG11 H  N N 362 
VAL HG12 H  N N 363 
VAL HG13 H  N N 364 
VAL HG21 H  N N 365 
VAL HG22 H  N N 366 
VAL HG23 H  N N 367 
VAL HXT  H  N N 368 
WW8 C1   C  Y N 369 
WW8 C2   C  Y N 370 
WW8 CL3  CL N N 371 
WW8 C4   C  Y N 372 
WW8 C5   C  Y N 373 
WW8 C6   C  Y N 374 
WW8 C7   C  Y N 375 
WW8 N8   N  Y N 376 
WW8 C9   C  Y N 377 
WW8 C10  C  N N 378 
WW8 O11  O  N N 379 
WW8 N12  N  N N 380 
WW8 C13  C  N N 381 
WW8 C14  C  N S 382 
WW8 N15  N  N N 383 
WW8 C16  C  N N 384 
WW8 C17  C  N N 385 
WW8 C18  C  N N 386 
WW8 N19  N  N N 387 
WW8 C20  C  N N 388 
WW8 C21  C  N N 389 
WW8 C22  C  N N 390 
WW8 C23  C  N N 391 
WW8 C24  C  N N 392 
WW8 C25  C  Y N 393 
WW8 C26  C  Y N 394 
WW8 C27  C  Y N 395 
WW8 C28  C  Y N 396 
WW8 C29  C  Y N 397 
WW8 C30  C  Y N 398 
WW8 C31  C  Y N 399 
WW8 C32  C  Y N 400 
WW8 C33  C  Y N 401 
WW8 N34  N  Y N 402 
WW8 C35  C  Y N 403 
WW8 N36  N  Y N 404 
WW8 C37  C  N N 405 
WW8 C38  C  Y N 406 
WW8 C39  C  Y N 407 
WW8 C40  C  Y N 408 
WW8 C41  C  Y N 409 
WW8 CL42 CL N N 410 
WW8 C43  C  Y N 411 
WW8 C44  C  Y N 412 
WW8 H1   H  N N 413 
WW8 H4   H  N N 414 
WW8 H5   H  N N 415 
WW8 HN8  H  N N 416 
WW8 H13  H  N N 417 
WW8 H13A H  N N 418 
WW8 H14  H  N N 419 
WW8 H16  H  N N 420 
WW8 H16A H  N N 421 
WW8 H17  H  N N 422 
WW8 H17A H  N N 423 
WW8 H18  H  N N 424 
WW8 H18A H  N N 425 
WW8 H20  H  N N 426 
WW8 H20A H  N N 427 
WW8 H20B H  N N 428 
WW8 H21  H  N N 429 
WW8 H21A H  N N 430 
WW8 H21B H  N N 431 
WW8 H22  H  N N 432 
WW8 H22A H  N N 433 
WW8 H22B H  N N 434 
WW8 H23  H  N N 435 
WW8 H23A H  N N 436 
WW8 H24  H  N N 437 
WW8 H24A H  N N 438 
WW8 H29  H  N N 439 
WW8 H30  H  N N 440 
WW8 H31  H  N N 441 
WW8 H32  H  N N 442 
WW8 H33  H  N N 443 
WW8 H35  H  N N 444 
WW8 H37  H  N N 445 
WW8 H37A H  N N 446 
WW8 H39  H  N N 447 
WW8 H40  H  N N 448 
WW8 H43  H  N N 449 
WW8 H44  H  N N 450 
# 
loop_
_chem_comp_bond.comp_id 
_chem_comp_bond.atom_id_1 
_chem_comp_bond.atom_id_2 
_chem_comp_bond.value_order 
_chem_comp_bond.pdbx_aromatic_flag 
_chem_comp_bond.pdbx_stereo_config 
_chem_comp_bond.pdbx_ordinal 
ALA N   CA   sing N N 1   
ALA N   H    sing N N 2   
ALA N   H2   sing N N 3   
ALA CA  C    sing N N 4   
ALA CA  CB   sing N N 5   
ALA CA  HA   sing N N 6   
ALA C   O    doub N N 7   
ALA C   OXT  sing N N 8   
ALA CB  HB1  sing N N 9   
ALA CB  HB2  sing N N 10  
ALA CB  HB3  sing N N 11  
ALA OXT HXT  sing N N 12  
ARG N   CA   sing N N 13  
ARG N   H    sing N N 14  
ARG N   H2   sing N N 15  
ARG CA  C    sing N N 16  
ARG CA  CB   sing N N 17  
ARG CA  HA   sing N N 18  
ARG C   O    doub N N 19  
ARG C   OXT  sing N N 20  
ARG CB  CG   sing N N 21  
ARG CB  HB2  sing N N 22  
ARG CB  HB3  sing N N 23  
ARG CG  CD   sing N N 24  
ARG CG  HG2  sing N N 25  
ARG CG  HG3  sing N N 26  
ARG CD  NE   sing N N 27  
ARG CD  HD2  sing N N 28  
ARG CD  HD3  sing N N 29  
ARG NE  CZ   sing N N 30  
ARG NE  HE   sing N N 31  
ARG CZ  NH1  sing N N 32  
ARG CZ  NH2  doub N N 33  
ARG NH1 HH11 sing N N 34  
ARG NH1 HH12 sing N N 35  
ARG NH2 HH21 sing N N 36  
ARG NH2 HH22 sing N N 37  
ARG OXT HXT  sing N N 38  
ASN N   CA   sing N N 39  
ASN N   H    sing N N 40  
ASN N   H2   sing N N 41  
ASN CA  C    sing N N 42  
ASN CA  CB   sing N N 43  
ASN CA  HA   sing N N 44  
ASN C   O    doub N N 45  
ASN C   OXT  sing N N 46  
ASN CB  CG   sing N N 47  
ASN CB  HB2  sing N N 48  
ASN CB  HB3  sing N N 49  
ASN CG  OD1  doub N N 50  
ASN CG  ND2  sing N N 51  
ASN ND2 HD21 sing N N 52  
ASN ND2 HD22 sing N N 53  
ASN OXT HXT  sing N N 54  
ASP N   CA   sing N N 55  
ASP N   H    sing N N 56  
ASP N   H2   sing N N 57  
ASP CA  C    sing N N 58  
ASP CA  CB   sing N N 59  
ASP CA  HA   sing N N 60  
ASP C   O    doub N N 61  
ASP C   OXT  sing N N 62  
ASP CB  CG   sing N N 63  
ASP CB  HB2  sing N N 64  
ASP CB  HB3  sing N N 65  
ASP CG  OD1  doub N N 66  
ASP CG  OD2  sing N N 67  
ASP OD2 HD2  sing N N 68  
ASP OXT HXT  sing N N 69  
CYS N   CA   sing N N 70  
CYS N   H    sing N N 71  
CYS N   H2   sing N N 72  
CYS CA  C    sing N N 73  
CYS CA  CB   sing N N 74  
CYS CA  HA   sing N N 75  
CYS C   O    doub N N 76  
CYS C   OXT  sing N N 77  
CYS CB  SG   sing N N 78  
CYS CB  HB2  sing N N 79  
CYS CB  HB3  sing N N 80  
CYS SG  HG   sing N N 81  
CYS OXT HXT  sing N N 82  
GLN N   CA   sing N N 83  
GLN N   H    sing N N 84  
GLN N   H2   sing N N 85  
GLN CA  C    sing N N 86  
GLN CA  CB   sing N N 87  
GLN CA  HA   sing N N 88  
GLN C   O    doub N N 89  
GLN C   OXT  sing N N 90  
GLN CB  CG   sing N N 91  
GLN CB  HB2  sing N N 92  
GLN CB  HB3  sing N N 93  
GLN CG  CD   sing N N 94  
GLN CG  HG2  sing N N 95  
GLN CG  HG3  sing N N 96  
GLN CD  OE1  doub N N 97  
GLN CD  NE2  sing N N 98  
GLN NE2 HE21 sing N N 99  
GLN NE2 HE22 sing N N 100 
GLN OXT HXT  sing N N 101 
GLU N   CA   sing N N 102 
GLU N   H    sing N N 103 
GLU N   H2   sing N N 104 
GLU CA  C    sing N N 105 
GLU CA  CB   sing N N 106 
GLU CA  HA   sing N N 107 
GLU C   O    doub N N 108 
GLU C   OXT  sing N N 109 
GLU CB  CG   sing N N 110 
GLU CB  HB2  sing N N 111 
GLU CB  HB3  sing N N 112 
GLU CG  CD   sing N N 113 
GLU CG  HG2  sing N N 114 
GLU CG  HG3  sing N N 115 
GLU CD  OE1  doub N N 116 
GLU CD  OE2  sing N N 117 
GLU OE2 HE2  sing N N 118 
GLU OXT HXT  sing N N 119 
GLY N   CA   sing N N 120 
GLY N   H    sing N N 121 
GLY N   H2   sing N N 122 
GLY CA  C    sing N N 123 
GLY CA  HA2  sing N N 124 
GLY CA  HA3  sing N N 125 
GLY C   O    doub N N 126 
GLY C   OXT  sing N N 127 
GLY OXT HXT  sing N N 128 
HIS N   CA   sing N N 129 
HIS N   H    sing N N 130 
HIS N   H2   sing N N 131 
HIS CA  C    sing N N 132 
HIS CA  CB   sing N N 133 
HIS CA  HA   sing N N 134 
HIS C   O    doub N N 135 
HIS C   OXT  sing N N 136 
HIS CB  CG   sing N N 137 
HIS CB  HB2  sing N N 138 
HIS CB  HB3  sing N N 139 
HIS CG  ND1  sing Y N 140 
HIS CG  CD2  doub Y N 141 
HIS ND1 CE1  doub Y N 142 
HIS ND1 HD1  sing N N 143 
HIS CD2 NE2  sing Y N 144 
HIS CD2 HD2  sing N N 145 
HIS CE1 NE2  sing Y N 146 
HIS CE1 HE1  sing N N 147 
HIS NE2 HE2  sing N N 148 
HIS OXT HXT  sing N N 149 
HOH O   H1   sing N N 150 
HOH O   H2   sing N N 151 
ILE N   CA   sing N N 152 
ILE N   H    sing N N 153 
ILE N   H2   sing N N 154 
ILE CA  C    sing N N 155 
ILE CA  CB   sing N N 156 
ILE CA  HA   sing N N 157 
ILE C   O    doub N N 158 
ILE C   OXT  sing N N 159 
ILE CB  CG1  sing N N 160 
ILE CB  CG2  sing N N 161 
ILE CB  HB   sing N N 162 
ILE CG1 CD1  sing N N 163 
ILE CG1 HG12 sing N N 164 
ILE CG1 HG13 sing N N 165 
ILE CG2 HG21 sing N N 166 
ILE CG2 HG22 sing N N 167 
ILE CG2 HG23 sing N N 168 
ILE CD1 HD11 sing N N 169 
ILE CD1 HD12 sing N N 170 
ILE CD1 HD13 sing N N 171 
ILE OXT HXT  sing N N 172 
LEU N   CA   sing N N 173 
LEU N   H    sing N N 174 
LEU N   H2   sing N N 175 
LEU CA  C    sing N N 176 
LEU CA  CB   sing N N 177 
LEU CA  HA   sing N N 178 
LEU C   O    doub N N 179 
LEU C   OXT  sing N N 180 
LEU CB  CG   sing N N 181 
LEU CB  HB2  sing N N 182 
LEU CB  HB3  sing N N 183 
LEU CG  CD1  sing N N 184 
LEU CG  CD2  sing N N 185 
LEU CG  HG   sing N N 186 
LEU CD1 HD11 sing N N 187 
LEU CD1 HD12 sing N N 188 
LEU CD1 HD13 sing N N 189 
LEU CD2 HD21 sing N N 190 
LEU CD2 HD22 sing N N 191 
LEU CD2 HD23 sing N N 192 
LEU OXT HXT  sing N N 193 
LYS N   CA   sing N N 194 
LYS N   H    sing N N 195 
LYS N   H2   sing N N 196 
LYS CA  C    sing N N 197 
LYS CA  CB   sing N N 198 
LYS CA  HA   sing N N 199 
LYS C   O    doub N N 200 
LYS C   OXT  sing N N 201 
LYS CB  CG   sing N N 202 
LYS CB  HB2  sing N N 203 
LYS CB  HB3  sing N N 204 
LYS CG  CD   sing N N 205 
LYS CG  HG2  sing N N 206 
LYS CG  HG3  sing N N 207 
LYS CD  CE   sing N N 208 
LYS CD  HD2  sing N N 209 
LYS CD  HD3  sing N N 210 
LYS CE  NZ   sing N N 211 
LYS CE  HE2  sing N N 212 
LYS CE  HE3  sing N N 213 
LYS NZ  HZ1  sing N N 214 
LYS NZ  HZ2  sing N N 215 
LYS NZ  HZ3  sing N N 216 
LYS OXT HXT  sing N N 217 
MET N   CA   sing N N 218 
MET N   H    sing N N 219 
MET N   H2   sing N N 220 
MET CA  C    sing N N 221 
MET CA  CB   sing N N 222 
MET CA  HA   sing N N 223 
MET C   O    doub N N 224 
MET C   OXT  sing N N 225 
MET CB  CG   sing N N 226 
MET CB  HB2  sing N N 227 
MET CB  HB3  sing N N 228 
MET CG  SD   sing N N 229 
MET CG  HG2  sing N N 230 
MET CG  HG3  sing N N 231 
MET SD  CE   sing N N 232 
MET CE  HE1  sing N N 233 
MET CE  HE2  sing N N 234 
MET CE  HE3  sing N N 235 
MET OXT HXT  sing N N 236 
PHE N   CA   sing N N 237 
PHE N   H    sing N N 238 
PHE N   H2   sing N N 239 
PHE CA  C    sing N N 240 
PHE CA  CB   sing N N 241 
PHE CA  HA   sing N N 242 
PHE C   O    doub N N 243 
PHE C   OXT  sing N N 244 
PHE CB  CG   sing N N 245 
PHE CB  HB2  sing N N 246 
PHE CB  HB3  sing N N 247 
PHE CG  CD1  doub Y N 248 
PHE CG  CD2  sing Y N 249 
PHE CD1 CE1  sing Y N 250 
PHE CD1 HD1  sing N N 251 
PHE CD2 CE2  doub Y N 252 
PHE CD2 HD2  sing N N 253 
PHE CE1 CZ   doub Y N 254 
PHE CE1 HE1  sing N N 255 
PHE CE2 CZ   sing Y N 256 
PHE CE2 HE2  sing N N 257 
PHE CZ  HZ   sing N N 258 
PHE OXT HXT  sing N N 259 
PRO N   CA   sing N N 260 
PRO N   CD   sing N N 261 
PRO N   H    sing N N 262 
PRO CA  C    sing N N 263 
PRO CA  CB   sing N N 264 
PRO CA  HA   sing N N 265 
PRO C   O    doub N N 266 
PRO C   OXT  sing N N 267 
PRO CB  CG   sing N N 268 
PRO CB  HB2  sing N N 269 
PRO CB  HB3  sing N N 270 
PRO CG  CD   sing N N 271 
PRO CG  HG2  sing N N 272 
PRO CG  HG3  sing N N 273 
PRO CD  HD2  sing N N 274 
PRO CD  HD3  sing N N 275 
PRO OXT HXT  sing N N 276 
SER N   CA   sing N N 277 
SER N   H    sing N N 278 
SER N   H2   sing N N 279 
SER CA  C    sing N N 280 
SER CA  CB   sing N N 281 
SER CA  HA   sing N N 282 
SER C   O    doub N N 283 
SER C   OXT  sing N N 284 
SER CB  OG   sing N N 285 
SER CB  HB2  sing N N 286 
SER CB  HB3  sing N N 287 
SER OG  HG   sing N N 288 
SER OXT HXT  sing N N 289 
SO4 S   O1   doub N N 290 
SO4 S   O2   doub N N 291 
SO4 S   O3   sing N N 292 
SO4 S   O4   sing N N 293 
THR N   CA   sing N N 294 
THR N   H    sing N N 295 
THR N   H2   sing N N 296 
THR CA  C    sing N N 297 
THR CA  CB   sing N N 298 
THR CA  HA   sing N N 299 
THR C   O    doub N N 300 
THR C   OXT  sing N N 301 
THR CB  OG1  sing N N 302 
THR CB  CG2  sing N N 303 
THR CB  HB   sing N N 304 
THR OG1 HG1  sing N N 305 
THR CG2 HG21 sing N N 306 
THR CG2 HG22 sing N N 307 
THR CG2 HG23 sing N N 308 
THR OXT HXT  sing N N 309 
TYR N   CA   sing N N 310 
TYR N   H    sing N N 311 
TYR N   H2   sing N N 312 
TYR CA  C    sing N N 313 
TYR CA  CB   sing N N 314 
TYR CA  HA   sing N N 315 
TYR C   O    doub N N 316 
TYR C   OXT  sing N N 317 
TYR CB  CG   sing N N 318 
TYR CB  HB2  sing N N 319 
TYR CB  HB3  sing N N 320 
TYR CG  CD1  doub Y N 321 
TYR CG  CD2  sing Y N 322 
TYR CD1 CE1  sing Y N 323 
TYR CD1 HD1  sing N N 324 
TYR CD2 CE2  doub Y N 325 
TYR CD2 HD2  sing N N 326 
TYR CE1 CZ   doub Y N 327 
TYR CE1 HE1  sing N N 328 
TYR CE2 CZ   sing Y N 329 
TYR CE2 HE2  sing N N 330 
TYR CZ  OH   sing N N 331 
TYR OH  HH   sing N N 332 
TYR OXT HXT  sing N N 333 
VAL N   CA   sing N N 334 
VAL N   H    sing N N 335 
VAL N   H2   sing N N 336 
VAL CA  C    sing N N 337 
VAL CA  CB   sing N N 338 
VAL CA  HA   sing N N 339 
VAL C   O    doub N N 340 
VAL C   OXT  sing N N 341 
VAL CB  CG1  sing N N 342 
VAL CB  CG2  sing N N 343 
VAL CB  HB   sing N N 344 
VAL CG1 HG11 sing N N 345 
VAL CG1 HG12 sing N N 346 
VAL CG1 HG13 sing N N 347 
VAL CG2 HG21 sing N N 348 
VAL CG2 HG22 sing N N 349 
VAL CG2 HG23 sing N N 350 
VAL OXT HXT  sing N N 351 
WW8 C1  C2   doub Y N 352 
WW8 C1  C7   sing Y N 353 
WW8 C2  CL3  sing N N 354 
WW8 C2  C4   sing Y N 355 
WW8 C4  C5   doub Y N 356 
WW8 C5  C6   sing Y N 357 
WW8 C6  C7   doub Y N 358 
WW8 C6  C25  sing Y N 359 
WW8 C7  N8   sing Y N 360 
WW8 N8  C9   sing Y N 361 
WW8 C9  C10  sing N N 362 
WW8 C9  C25  doub Y N 363 
WW8 C10 O11  doub N N 364 
WW8 C10 N12  sing N N 365 
WW8 N12 C13  sing N N 366 
WW8 N12 C24  sing N N 367 
WW8 C13 C14  sing N N 368 
WW8 C14 N15  sing N N 369 
WW8 C14 C23  sing N N 370 
WW8 N15 C16  sing N N 371 
WW8 N15 C22  sing N N 372 
WW8 C16 C17  sing N N 373 
WW8 C17 C18  sing N N 374 
WW8 C18 N19  sing N N 375 
WW8 N19 C20  sing N N 376 
WW8 N19 C21  sing N N 377 
WW8 C23 C24  sing N N 378 
WW8 C25 C26  sing Y N 379 
WW8 C26 C27  doub Y N 380 
WW8 C26 N36  sing Y N 381 
WW8 C27 C28  sing Y N 382 
WW8 C27 N34  sing Y N 383 
WW8 C28 C29  doub Y N 384 
WW8 C28 C33  sing Y N 385 
WW8 C29 C30  sing Y N 386 
WW8 C30 C31  doub Y N 387 
WW8 C31 C32  sing Y N 388 
WW8 C32 C33  doub Y N 389 
WW8 N34 C35  doub Y N 390 
WW8 C35 N36  sing Y N 391 
WW8 N36 C37  sing N N 392 
WW8 C37 C38  sing N N 393 
WW8 C38 C39  doub Y N 394 
WW8 C38 C44  sing Y N 395 
WW8 C39 C40  sing Y N 396 
WW8 C40 C41  doub Y N 397 
WW8 C41 CL42 sing N N 398 
WW8 C41 C43  sing Y N 399 
WW8 C43 C44  doub Y N 400 
WW8 C1  H1   sing N N 401 
WW8 C4  H4   sing N N 402 
WW8 C5  H5   sing N N 403 
WW8 N8  HN8  sing N N 404 
WW8 C13 H13  sing N N 405 
WW8 C13 H13A sing N N 406 
WW8 C14 H14  sing N N 407 
WW8 C16 H16  sing N N 408 
WW8 C16 H16A sing N N 409 
WW8 C17 H17  sing N N 410 
WW8 C17 H17A sing N N 411 
WW8 C18 H18  sing N N 412 
WW8 C18 H18A sing N N 413 
WW8 C20 H20  sing N N 414 
WW8 C20 H20A sing N N 415 
WW8 C20 H20B sing N N 416 
WW8 C21 H21  sing N N 417 
WW8 C21 H21A sing N N 418 
WW8 C21 H21B sing N N 419 
WW8 C22 H22  sing N N 420 
WW8 C22 H22A sing N N 421 
WW8 C22 H22B sing N N 422 
WW8 C23 H23  sing N N 423 
WW8 C23 H23A sing N N 424 
WW8 C24 H24  sing N N 425 
WW8 C24 H24A sing N N 426 
WW8 C29 H29  sing N N 427 
WW8 C30 H30  sing N N 428 
WW8 C31 H31  sing N N 429 
WW8 C32 H32  sing N N 430 
WW8 C33 H33  sing N N 431 
WW8 C35 H35  sing N N 432 
WW8 C37 H37  sing N N 433 
WW8 C37 H37A sing N N 434 
WW8 C39 H39  sing N N 435 
WW8 C40 H40  sing N N 436 
WW8 C43 H43  sing N N 437 
WW8 C44 H44  sing N N 438 
# 
loop_
_pdbx_entity_nonpoly.entity_id 
_pdbx_entity_nonpoly.name 
_pdbx_entity_nonpoly.comp_id 
2 
;N-[(3S)-1-({6-chloro-3-[1-(4-chlorobenzyl)-4-phenyl-1H-imidazol-5-yl]-1H-indol-2-yl}carbonyl)pyrrolidin-3-yl]-N,N',N'-trimethylpropane-1,3-diamine
;
WW8 
3 'SULFATE ION' SO4 
4 water HOH 
# 
_pdbx_initial_refinement_model.id               1 
_pdbx_initial_refinement_model.entity_id_list   ? 
_pdbx_initial_refinement_model.type             'experimental model' 
_pdbx_initial_refinement_model.source_name      PDB 
_pdbx_initial_refinement_model.accession_code   3DAB 
_pdbx_initial_refinement_model.details          ? 
# 
